data_2WGH
#
_entry.id   2WGH
#
_cell.length_a   66.950
_cell.length_b   129.310
_cell.length_c   76.670
_cell.angle_alpha   90.00
_cell.angle_beta   95.50
_cell.angle_gamma   90.00
#
_symmetry.space_group_name_H-M   'P 1 21 1'
#
loop_
_entity.id
_entity.type
_entity.pdbx_description
1 polymer 'RIBONUCLEOSIDE-DIPHOSPHATE REDUCTASE LARGE SUBUNIT'
2 non-polymer GLYCEROL
3 non-polymer 'MAGNESIUM ION'
4 non-polymer "2'-DEOXYADENOSINE 5'-TRIPHOSPHATE"
5 water water
#
_entity_poly.entity_id   1
_entity_poly.type   'polypeptide(L)'
_entity_poly.pdbx_seq_one_letter_code
;MAILAARIAVSNLHKETKKVFSDVMEDLYNYINPHNGKHSPMVAKSTLDIVLANKDRLNSAIIYDRDFSYNYFGFKTLER
SYLLKINGKVAERPQHMLMRVSVGIHKEDIDAAIETYNLLSERWFTHASPTLFNAGTNRPQLSSCFLLSMKDDSIEGIYD
TLKQCALISKSAGGIGVAVSCIRATGSYIAGTNGNSNGLVPMLRVYNNTARYVDQGGNKRPGAFAIYLEPWHLDIFEFLD
LKKNTGKEEQRARDLFFALWIPDLFMKRVETNQDWSLMCPNECPGLDEVWGEEFEKLYASYEKQGRVRKVVKAQQLWYAI
IESQTETGTPYMLYKDSCNRKSNQQNLGTIKCSNLCTEIVEYTSKDEVAVCNLASLALNMYVTSEHTYDFKKLAEVTKVV
VRNLNKIIDINYYPVPEACLSNKRHRPIGIGVQGLADAFILMRYPFESAEAQLLNKQIFETIYYGALEASCDLAKEQGPY
ETYEGSPVSKGILQYDMWNVTPTDLWDWKVLKEKIAKYGIRNSLLIAPMPTASTAQILGNNESIEPYTSNIYTRRVLSGE
FQIVNPHLLKDLTERGLWHEEMKNQIIACNGSIQSIPEIPDDLKQLYKTVWEISQKTVLKMAAERGAFIDQSQSLNIHIA
EPNYGKLTSMHFYGWKQGLKTGMYYLRTRAHHHHHH
;
_entity_poly.pdbx_strand_id   A,B
#
loop_
_chem_comp.id
_chem_comp.type
_chem_comp.name
_chem_comp.formula
DTP non-polymer '2'-DEOXYADENOSINE 5'-TRIPHOSPHATE' 'C10 H16 N5 O12 P3'
GOL non-polymer GLYCEROL 'C3 H8 O3'
MG non-polymer 'MAGNESIUM ION' 'Mg 2'
#
# COMPACT_ATOMS: atom_id res chain seq x y z
N LEU A 4 24.09 8.65 42.15
CA LEU A 4 23.05 7.85 42.85
C LEU A 4 23.26 6.34 42.55
N ALA A 5 22.20 5.58 42.34
CA ALA A 5 22.29 4.29 41.64
C ALA A 5 22.81 4.44 40.17
N ALA A 6 22.72 5.65 39.61
CA ALA A 6 23.31 5.96 38.29
C ALA A 6 24.81 5.66 38.24
N ARG A 7 25.48 5.94 39.35
CA ARG A 7 26.92 5.67 39.49
C ARG A 7 27.13 4.17 39.40
N ILE A 8 26.31 3.43 40.14
CA ILE A 8 26.48 1.99 40.20
C ILE A 8 26.34 1.35 38.82
N ALA A 9 25.31 1.72 38.07
CA ALA A 9 25.09 1.18 36.73
C ALA A 9 26.20 1.54 35.77
N VAL A 10 26.78 2.72 35.90
CA VAL A 10 27.86 3.16 35.01
C VAL A 10 29.10 2.35 35.33
N SER A 11 29.40 2.25 36.62
CA SER A 11 30.47 1.40 37.07
C SER A 11 30.28 0.00 36.51
N ASN A 12 29.08 -0.54 36.62
CA ASN A 12 28.85 -1.86 36.02
C ASN A 12 29.07 -1.93 34.50
N LEU A 13 28.66 -0.91 33.77
CA LEU A 13 28.94 -0.90 32.33
C LEU A 13 30.45 -0.95 32.03
N HIS A 14 31.20 -0.19 32.79
CA HIS A 14 32.64 -0.12 32.67
C HIS A 14 33.27 -1.47 32.99
N LYS A 15 32.71 -2.21 33.95
CA LYS A 15 33.17 -3.56 34.23
C LYS A 15 33.02 -4.48 33.04
N GLU A 16 31.92 -4.29 32.28
CA GLU A 16 31.46 -5.27 31.31
C GLU A 16 31.84 -4.89 29.88
N THR A 17 32.69 -3.89 29.77
CA THR A 17 33.15 -3.44 28.46
C THR A 17 34.63 -3.19 28.51
N LYS A 18 35.28 -3.36 27.37
CA LYS A 18 36.69 -2.99 27.23
C LYS A 18 36.76 -1.49 27.36
N LYS A 19 37.85 -0.97 27.90
CA LYS A 19 38.01 0.49 27.95
C LYS A 19 38.67 1.08 26.69
N VAL A 20 39.48 0.33 25.95
CA VAL A 20 40.23 0.96 24.85
C VAL A 20 39.34 1.15 23.61
N PHE A 21 39.21 2.39 23.17
CA PHE A 21 38.27 2.72 22.12
C PHE A 21 38.54 2.04 20.80
N SER A 22 39.80 1.93 20.37
CA SER A 22 40.07 1.29 19.07
C SER A 22 39.86 -0.26 19.14
N ASP A 23 39.98 -0.81 20.34
CA ASP A 23 39.76 -2.25 20.52
C ASP A 23 38.27 -2.57 20.39
N VAL A 24 37.42 -1.70 20.93
CA VAL A 24 35.95 -1.90 20.88
C VAL A 24 35.51 -1.71 19.48
N MET A 25 36.20 -0.85 18.76
CA MET A 25 35.94 -0.63 17.35
C MET A 25 36.36 -1.79 16.48
N GLU A 26 37.47 -2.43 16.82
CA GLU A 26 37.89 -3.64 16.10
C GLU A 26 36.85 -4.74 16.23
N ASP A 27 36.40 -4.98 17.47
CA ASP A 27 35.37 -5.99 17.77
C ASP A 27 34.09 -5.78 17.00
N LEU A 28 33.74 -4.51 16.83
CA LEU A 28 32.56 -4.14 16.07
C LEU A 28 32.78 -4.38 14.59
N TYR A 29 33.93 -3.99 14.02
CA TYR A 29 34.13 -4.26 12.59
C TYR A 29 34.23 -5.76 12.36
N ASN A 30 34.95 -6.46 13.25
CA ASN A 30 35.28 -7.88 13.03
C ASN A 30 34.12 -8.82 13.24
N TYR A 31 33.03 -8.31 13.82
CA TYR A 31 31.88 -9.12 14.18
C TYR A 31 31.36 -10.04 13.08
N ILE A 32 31.19 -11.29 13.48
CA ILE A 32 30.67 -12.34 12.64
C ILE A 32 29.32 -12.74 13.21
N ASN A 33 28.29 -12.77 12.36
CA ASN A 33 26.94 -13.17 12.79
C ASN A 33 26.97 -14.69 12.98
N PRO A 34 26.65 -15.16 14.22
CA PRO A 34 26.79 -16.59 14.55
C PRO A 34 25.75 -17.53 13.94
N HIS A 35 24.56 -17.04 13.64
CA HIS A 35 23.58 -17.88 12.97
C HIS A 35 23.91 -18.03 11.49
N ASN A 36 24.38 -16.94 10.90
CA ASN A 36 24.84 -16.91 9.49
C ASN A 36 26.22 -17.48 9.26
N GLY A 37 27.15 -17.15 10.15
CA GLY A 37 28.58 -17.23 9.84
C GLY A 37 29.07 -16.06 8.98
N LYS A 38 28.17 -15.14 8.62
CA LYS A 38 28.53 -14.00 7.77
C LYS A 38 29.25 -12.92 8.58
N HIS A 39 30.30 -12.39 7.97
CA HIS A 39 30.94 -11.21 8.45
C HIS A 39 30.01 -10.01 8.29
N SER A 40 29.48 -9.49 9.38
CA SER A 40 28.60 -8.33 9.30
C SER A 40 29.15 -7.24 10.20
N PRO A 41 30.11 -6.48 9.69
CA PRO A 41 30.70 -5.43 10.45
C PRO A 41 29.65 -4.43 10.97
N MET A 42 29.74 -4.05 12.23
CA MET A 42 28.82 -3.05 12.80
C MET A 42 29.37 -1.63 12.69
N VAL A 43 30.55 -1.53 12.08
CA VAL A 43 31.17 -0.26 11.78
C VAL A 43 31.85 -0.33 10.43
N ALA A 44 31.88 0.79 9.73
CA ALA A 44 32.54 0.89 8.44
C ALA A 44 34.04 0.67 8.61
N LYS A 45 34.56 -0.24 7.82
CA LYS A 45 36.02 -0.31 7.61
C LYS A 45 36.71 1.05 7.47
N SER A 46 36.09 1.98 6.73
CA SER A 46 36.75 3.28 6.46
C SER A 46 37.03 4.00 7.76
N THR A 47 36.05 3.91 8.68
CA THR A 47 36.16 4.53 9.98
C THR A 47 37.16 3.78 10.82
N LEU A 48 37.11 2.46 10.79
CA LEU A 48 38.05 1.70 11.58
C LEU A 48 39.45 2.06 11.13
N ASP A 49 39.71 2.04 9.84
CA ASP A 49 41.05 2.45 9.34
C ASP A 49 41.54 3.77 9.87
N ILE A 50 40.75 4.82 9.74
CA ILE A 50 41.17 6.13 10.25
C ILE A 50 41.44 6.06 11.76
N VAL A 51 40.65 5.26 12.47
CA VAL A 51 40.83 5.16 13.92
C VAL A 51 42.17 4.49 14.27
N LEU A 52 42.47 3.39 13.60
CA LEU A 52 43.66 2.64 13.89
C LEU A 52 44.92 3.44 13.54
N ALA A 53 44.85 4.25 12.48
CA ALA A 53 45.99 5.06 12.10
C ALA A 53 46.22 6.21 13.09
N ASN A 54 45.24 6.47 13.97
CA ASN A 54 45.31 7.60 14.90
C ASN A 54 44.95 7.18 16.31
N LYS A 55 45.18 5.91 16.66
CA LYS A 55 44.62 5.31 17.90
C LYS A 55 45.13 5.89 19.23
N ASP A 56 46.44 6.06 19.35
CA ASP A 56 47.04 6.61 20.56
C ASP A 56 46.40 7.98 20.85
N ARG A 57 46.33 8.83 19.83
CA ARG A 57 45.75 10.13 20.05
C ARG A 57 44.26 10.06 20.33
N LEU A 58 43.55 9.23 19.58
CA LEU A 58 42.12 9.09 19.79
C LEU A 58 41.76 8.34 21.09
N ASN A 59 42.41 7.22 21.35
CA ASN A 59 42.15 6.43 22.58
C ASN A 59 42.37 7.30 23.78
N SER A 60 43.43 8.10 23.73
CA SER A 60 43.88 8.82 24.89
C SER A 60 43.15 10.14 25.07
N ALA A 61 42.39 10.59 24.06
CA ALA A 61 41.55 11.80 24.22
C ALA A 61 40.29 11.56 25.02
N ILE A 62 40.02 10.33 25.45
CA ILE A 62 38.69 9.98 25.89
C ILE A 62 38.60 10.09 27.39
N ILE A 63 37.61 10.79 27.89
CA ILE A 63 37.56 10.97 29.30
C ILE A 63 36.44 10.12 29.83
N TYR A 64 36.79 8.91 30.24
CA TYR A 64 35.80 7.95 30.71
C TYR A 64 35.04 8.33 31.93
N ASP A 65 35.54 9.28 32.70
CA ASP A 65 34.82 9.72 33.87
C ASP A 65 33.58 10.52 33.47
N ARG A 66 33.57 11.00 32.22
CA ARG A 66 32.39 11.69 31.69
C ARG A 66 31.18 10.77 31.60
N ASP A 67 31.39 9.45 31.51
CA ASP A 67 30.30 8.46 31.50
C ASP A 67 29.40 8.58 32.75
N PHE A 68 30.00 8.98 33.86
CA PHE A 68 29.28 9.21 35.10
C PHE A 68 28.50 10.49 35.09
N SER A 69 28.66 11.31 34.05
CA SER A 69 27.94 12.59 33.97
C SER A 69 26.44 12.43 33.72
N TYR A 70 26.02 11.29 33.19
CA TYR A 70 24.60 11.01 32.89
C TYR A 70 23.86 10.68 34.17
N ASN A 71 22.58 11.05 34.22
CA ASN A 71 21.72 10.62 35.30
C ASN A 71 21.14 9.25 35.02
N TYR A 72 20.27 8.78 35.92
CA TYR A 72 19.78 7.44 35.83
C TYR A 72 19.00 7.12 34.55
N PHE A 73 17.97 7.91 34.26
CA PHE A 73 17.15 7.64 33.11
C PHE A 73 17.95 7.91 31.81
N GLY A 74 18.89 8.86 31.86
CA GLY A 74 19.73 9.21 30.71
C GLY A 74 20.64 8.05 30.32
N PHE A 75 21.22 7.41 31.34
CA PHE A 75 22.11 6.30 31.12
C PHE A 75 21.40 5.07 30.61
N LYS A 76 20.22 4.80 31.16
CA LYS A 76 19.36 3.68 30.73
C LYS A 76 18.89 3.79 29.29
N THR A 77 18.63 5.02 28.86
CA THR A 77 18.13 5.29 27.54
C THR A 77 19.22 4.94 26.55
N LEU A 78 20.43 5.48 26.77
CA LEU A 78 21.62 5.17 25.97
C LEU A 78 21.84 3.65 25.87
N GLU A 79 21.67 3.00 27.03
CA GLU A 79 21.93 1.56 27.18
C GLU A 79 20.99 0.73 26.35
N ARG A 80 19.76 1.21 26.23
CA ARG A 80 18.77 0.51 25.50
C ARG A 80 19.03 0.63 24.02
N SER A 81 19.36 1.83 23.57
CA SER A 81 19.22 2.13 22.15
C SER A 81 20.44 2.72 21.45
N TYR A 82 21.35 3.37 22.17
CA TYR A 82 22.39 4.21 21.54
C TYR A 82 23.76 3.55 21.49
N LEU A 83 23.92 2.50 22.27
CA LEU A 83 25.20 1.85 22.39
C LEU A 83 25.20 0.47 21.70
N LEU A 84 26.12 0.27 20.77
CA LEU A 84 26.09 -0.94 19.95
C LEU A 84 26.31 -2.20 20.77
N LYS A 85 25.64 -3.26 20.33
CA LYS A 85 25.61 -4.55 21.01
C LYS A 85 26.28 -5.60 20.14
N ILE A 86 27.20 -6.35 20.75
CA ILE A 86 27.72 -7.56 20.12
C ILE A 86 27.01 -8.72 20.79
N ASN A 87 26.10 -9.36 20.06
CA ASN A 87 25.36 -10.53 20.54
C ASN A 87 24.52 -10.27 21.81
N GLY A 88 23.69 -9.23 21.76
CA GLY A 88 22.87 -8.83 22.91
C GLY A 88 23.63 -8.19 24.07
N LYS A 89 24.96 -8.12 23.99
CA LYS A 89 25.77 -7.53 25.07
C LYS A 89 26.46 -6.27 24.59
N VAL A 90 26.27 -5.21 25.36
CA VAL A 90 26.78 -3.89 25.06
C VAL A 90 28.31 -3.90 24.90
N ALA A 91 28.82 -3.41 23.78
CA ALA A 91 30.26 -3.31 23.55
C ALA A 91 30.77 -1.91 23.84
N GLU A 92 29.96 -0.92 23.50
CA GLU A 92 30.31 0.50 23.57
C GLU A 92 29.95 1.16 24.87
N ARG A 93 30.88 1.95 25.36
CA ARG A 93 30.60 2.91 26.40
C ARG A 93 29.99 4.15 25.73
N PRO A 94 29.31 4.99 26.51
CA PRO A 94 28.87 6.24 25.92
C PRO A 94 30.02 7.01 25.22
N GLN A 95 31.19 7.05 25.83
CA GLN A 95 32.29 7.81 25.27
C GLN A 95 32.73 7.24 23.93
N HIS A 96 32.67 5.93 23.75
CA HIS A 96 33.05 5.33 22.47
C HIS A 96 32.08 5.73 21.41
N MET A 97 30.83 5.67 21.81
CA MET A 97 29.76 6.01 20.90
C MET A 97 29.92 7.42 20.39
N LEU A 98 30.37 8.33 21.29
CA LEU A 98 30.51 9.74 20.90
C LEU A 98 31.78 9.93 20.04
N MET A 99 32.80 9.13 20.27
CA MET A 99 34.00 9.26 19.46
C MET A 99 33.81 8.54 18.15
N ARG A 100 32.96 7.52 18.11
CA ARG A 100 32.63 6.90 16.82
C ARG A 100 31.91 7.92 16.00
N VAL A 101 30.91 8.54 16.62
CA VAL A 101 30.15 9.57 15.89
C VAL A 101 31.03 10.68 15.37
N SER A 102 32.00 11.09 16.19
CA SER A 102 32.86 12.19 15.89
C SER A 102 33.80 11.90 14.67
N VAL A 103 34.45 10.74 14.66
CA VAL A 103 35.28 10.34 13.52
C VAL A 103 34.40 10.04 12.33
N GLY A 104 33.19 9.56 12.63
CA GLY A 104 32.20 9.27 11.63
C GLY A 104 31.84 10.48 10.80
N ILE A 105 31.79 11.61 11.47
CA ILE A 105 31.49 12.87 10.79
C ILE A 105 32.77 13.45 10.19
N HIS A 106 33.90 13.29 10.86
CA HIS A 106 35.06 14.11 10.51
C HIS A 106 36.10 13.41 9.68
N LYS A 107 36.05 12.08 9.67
CA LYS A 107 36.96 11.22 8.96
C LYS A 107 38.43 11.48 9.35
N GLU A 108 39.22 11.92 8.36
CA GLU A 108 40.68 12.04 8.45
C GLU A 108 41.14 13.19 9.35
N ASP A 109 40.27 14.20 9.52
CA ASP A 109 40.56 15.38 10.36
C ASP A 109 40.36 15.06 11.85
N ILE A 110 41.45 14.64 12.49
CA ILE A 110 41.40 14.27 13.89
C ILE A 110 41.22 15.50 14.75
N ASP A 111 41.90 16.57 14.38
CA ASP A 111 41.75 17.82 15.12
C ASP A 111 40.25 18.15 15.27
N ALA A 112 39.52 18.09 14.15
CA ALA A 112 38.11 18.41 14.11
C ALA A 112 37.32 17.37 14.90
N ALA A 113 37.77 16.13 14.86
CA ALA A 113 37.09 15.06 15.48
C ALA A 113 37.14 15.19 17.01
N ILE A 114 38.28 15.59 17.52
CA ILE A 114 38.45 15.74 18.96
C ILE A 114 37.67 16.93 19.50
N GLU A 115 37.66 18.02 18.75
CA GLU A 115 36.82 19.21 19.09
C GLU A 115 35.38 18.80 19.22
N THR A 116 34.88 17.99 18.28
CA THR A 116 33.51 17.57 18.34
C THR A 116 33.33 16.61 19.50
N TYR A 117 34.29 15.71 19.68
CA TYR A 117 34.17 14.72 20.75
C TYR A 117 33.99 15.41 22.08
N ASN A 118 34.84 16.38 22.37
CA ASN A 118 34.79 17.08 23.65
C ASN A 118 33.51 17.88 23.80
N LEU A 119 33.09 18.55 22.73
CA LEU A 119 31.88 19.32 22.83
C LEU A 119 30.72 18.41 23.18
N LEU A 120 30.63 17.28 22.48
CA LEU A 120 29.61 16.31 22.75
C LEU A 120 29.70 15.71 24.14
N SER A 121 30.89 15.31 24.57
CA SER A 121 31.04 14.51 25.77
C SER A 121 30.81 15.39 27.00
N GLU A 122 31.24 16.65 26.91
CA GLU A 122 30.88 17.60 27.94
C GLU A 122 29.39 18.06 27.90
N ARG A 123 28.69 17.84 26.79
CA ARG A 123 27.25 18.06 26.69
C ARG A 123 26.83 19.49 26.35
N TRP A 124 27.63 20.11 25.50
CA TRP A 124 27.36 21.45 25.04
C TRP A 124 26.23 21.38 24.00
N PHE A 125 26.15 20.25 23.31
CA PHE A 125 25.18 20.04 22.26
C PHE A 125 25.19 18.58 21.96
N THR A 126 24.20 18.15 21.18
CA THR A 126 24.15 16.79 20.75
C THR A 126 23.60 16.71 19.35
N HIS A 127 23.91 15.61 18.68
CA HIS A 127 23.37 15.38 17.36
C HIS A 127 22.16 14.58 17.55
N ALA A 128 21.33 14.51 16.51
CA ALA A 128 20.16 13.65 16.45
C ALA A 128 20.47 12.14 16.53
N SER A 129 19.55 11.44 17.19
CA SER A 129 19.53 10.00 17.24
C SER A 129 19.93 9.33 15.91
N PRO A 130 19.30 9.63 14.80
CA PRO A 130 19.76 8.88 13.62
C PRO A 130 21.28 9.04 13.37
N THR A 131 21.83 10.19 13.68
CA THR A 131 23.29 10.38 13.62
C THR A 131 24.06 9.66 14.75
N LEU A 132 23.49 9.62 15.96
CA LEU A 132 24.08 8.91 17.07
C LEU A 132 24.07 7.41 16.81
N PHE A 133 23.03 6.93 16.15
CA PHE A 133 22.91 5.53 15.83
C PHE A 133 23.86 5.15 14.71
N ASN A 134 23.90 5.95 13.65
CA ASN A 134 24.41 5.47 12.38
C ASN A 134 25.75 6.02 11.91
N ALA A 135 26.27 7.04 12.57
CA ALA A 135 27.50 7.65 12.17
C ALA A 135 28.68 6.70 12.41
N GLY A 136 29.55 6.58 11.40
CA GLY A 136 30.67 5.68 11.42
C GLY A 136 30.32 4.22 11.11
N THR A 137 29.10 3.93 10.68
CA THR A 137 28.67 2.58 10.32
C THR A 137 28.51 2.51 8.81
N ASN A 138 28.15 1.35 8.28
CA ASN A 138 28.11 1.18 6.81
C ASN A 138 26.93 1.80 6.11
N ARG A 139 27.16 2.44 4.96
CA ARG A 139 26.09 3.08 4.21
C ARG A 139 25.10 3.77 5.16
N PRO A 140 25.57 4.76 5.95
CA PRO A 140 24.80 5.34 7.04
C PRO A 140 23.75 6.35 6.59
N GLN A 141 22.54 6.25 7.15
CA GLN A 141 21.51 7.24 6.95
C GLN A 141 21.41 8.04 8.26
N LEU A 142 21.85 9.29 8.19
CA LEU A 142 22.07 10.13 9.37
C LEU A 142 21.03 11.23 9.55
N SER A 143 20.05 11.31 8.65
CA SER A 143 19.08 12.38 8.69
C SER A 143 17.80 11.96 9.43
N SER A 144 17.14 12.94 9.99
CA SER A 144 15.94 12.75 10.83
C SER A 144 14.63 12.99 10.07
N CYS A 145 14.59 14.11 9.36
CA CYS A 145 13.37 14.66 8.75
C CYS A 145 13.36 14.48 7.27
N PHE A 146 12.23 13.97 6.78
CA PHE A 146 11.93 14.02 5.36
C PHE A 146 10.55 14.65 5.10
N LEU A 147 10.45 15.37 3.97
CA LEU A 147 9.20 16.01 3.53
C LEU A 147 8.93 15.64 2.10
N LEU A 148 7.68 15.33 1.80
CA LEU A 148 7.30 15.06 0.42
C LEU A 148 5.94 15.59 0.01
N SER A 149 5.87 15.93 -1.24
CA SER A 149 4.62 16.26 -1.88
C SER A 149 4.13 15.02 -2.59
N MET A 150 2.82 14.79 -2.54
CA MET A 150 2.21 13.79 -3.38
C MET A 150 2.65 14.01 -4.83
N LYS A 151 3.15 12.94 -5.46
CA LYS A 151 3.77 13.09 -6.76
C LYS A 151 2.80 13.65 -7.81
N ASP A 152 1.61 13.07 -7.90
CA ASP A 152 0.63 13.37 -8.95
C ASP A 152 -0.72 12.85 -8.48
N ASP A 153 -1.81 13.47 -8.96
CA ASP A 153 -3.15 12.97 -8.66
C ASP A 153 -3.50 11.75 -9.49
N SER A 154 -2.91 10.60 -9.13
CA SER A 154 -3.02 9.34 -9.92
C SER A 154 -2.72 8.11 -9.08
N ILE A 155 -3.21 6.95 -9.49
CA ILE A 155 -2.90 5.72 -8.74
C ILE A 155 -1.40 5.47 -8.80
N GLU A 156 -0.78 5.80 -9.92
CA GLU A 156 0.67 5.62 -10.13
C GLU A 156 1.44 6.51 -9.18
N GLY A 157 1.09 7.80 -9.12
CA GLY A 157 1.74 8.70 -8.18
C GLY A 157 1.50 8.37 -6.70
N ILE A 158 0.26 7.99 -6.37
CA ILE A 158 -0.08 7.65 -4.97
C ILE A 158 0.82 6.51 -4.48
N TYR A 159 0.96 5.48 -5.31
CA TYR A 159 1.76 4.28 -5.00
C TYR A 159 3.25 4.49 -5.16
N ASP A 160 3.67 5.30 -6.13
CA ASP A 160 5.07 5.74 -6.16
C ASP A 160 5.40 6.50 -4.88
N THR A 161 4.53 7.40 -4.42
CA THR A 161 4.83 8.17 -3.20
C THR A 161 4.80 7.23 -1.97
N LEU A 162 3.99 6.18 -2.07
CA LEU A 162 3.86 5.26 -0.94
C LEU A 162 5.16 4.44 -0.82
N LYS A 163 5.71 4.01 -1.96
CA LYS A 163 7.00 3.31 -1.96
C LYS A 163 8.05 4.18 -1.28
N GLN A 164 8.13 5.45 -1.68
CA GLN A 164 9.02 6.44 -1.00
C GLN A 164 8.85 6.47 0.52
N CYS A 165 7.62 6.59 1.03
CA CYS A 165 7.43 6.60 2.50
C CYS A 165 7.97 5.34 3.11
N ALA A 166 7.60 4.20 2.56
CA ALA A 166 8.13 2.93 2.97
C ALA A 166 9.67 2.98 3.09
N LEU A 167 10.36 3.32 1.99
CA LEU A 167 11.85 3.33 1.98
C LEU A 167 12.46 4.35 2.91
N ILE A 168 11.93 5.55 2.89
CA ILE A 168 12.41 6.51 3.86
C ILE A 168 12.26 5.98 5.30
N SER A 169 11.10 5.43 5.66
CA SER A 169 10.82 5.03 7.04
C SER A 169 11.69 3.81 7.48
N LYS A 170 11.95 2.90 6.55
CA LYS A 170 12.91 1.84 6.79
C LYS A 170 14.26 2.44 7.19
N SER A 171 14.60 3.55 6.56
CA SER A 171 15.93 4.14 6.73
C SER A 171 16.00 4.94 8.03
N ALA A 172 14.94 4.84 8.83
CA ALA A 172 14.86 5.44 10.16
C ALA A 172 14.50 6.92 10.09
N GLY A 173 13.85 7.34 9.02
CA GLY A 173 13.36 8.72 8.91
C GLY A 173 11.90 8.97 9.26
N GLY A 174 11.58 10.22 9.58
CA GLY A 174 10.21 10.68 9.83
C GLY A 174 9.67 11.43 8.62
N ILE A 175 8.36 11.41 8.43
CA ILE A 175 7.77 11.95 7.20
C ILE A 175 6.64 12.95 7.42
N GLY A 176 6.70 14.02 6.64
CA GLY A 176 5.54 14.89 6.44
C GLY A 176 5.14 14.79 4.99
N VAL A 177 3.88 14.53 4.72
CA VAL A 177 3.43 14.37 3.33
C VAL A 177 2.30 15.32 3.04
N ALA A 178 2.42 16.02 1.92
CA ALA A 178 1.36 16.90 1.39
C ALA A 178 0.43 16.12 0.51
N VAL A 179 -0.84 16.07 0.88
CA VAL A 179 -1.81 15.26 0.13
C VAL A 179 -2.95 16.03 -0.53
N SER A 180 -2.87 17.36 -0.52
CA SER A 180 -3.99 18.20 -0.97
C SER A 180 -4.30 18.11 -2.46
N CYS A 181 -3.40 17.58 -3.27
CA CYS A 181 -3.62 17.50 -4.72
C CYS A 181 -4.46 16.27 -5.10
N ILE A 182 -4.68 15.38 -4.16
CA ILE A 182 -5.45 14.18 -4.46
C ILE A 182 -6.95 14.51 -4.58
N ARG A 183 -7.59 14.03 -5.65
CA ARG A 183 -8.96 14.50 -5.96
C ARG A 183 -9.95 13.89 -4.95
N ALA A 184 -11.09 14.54 -4.76
CA ALA A 184 -11.88 14.39 -3.53
C ALA A 184 -12.97 13.37 -3.66
N THR A 185 -13.57 12.97 -2.55
CA THR A 185 -14.72 12.07 -2.63
C THR A 185 -15.75 12.56 -3.64
N GLY A 186 -16.10 11.69 -4.57
CA GLY A 186 -17.19 11.97 -5.47
C GLY A 186 -16.74 12.41 -6.83
N SER A 187 -15.46 12.76 -6.99
CA SER A 187 -15.00 13.37 -8.25
C SER A 187 -14.76 12.36 -9.33
N TYR A 188 -15.01 12.81 -10.55
CA TYR A 188 -15.05 11.97 -11.71
C TYR A 188 -13.65 11.44 -12.00
N ILE A 189 -13.58 10.19 -12.48
CA ILE A 189 -12.32 9.61 -13.01
C ILE A 189 -12.53 9.20 -14.45
N ALA A 190 -12.00 10.00 -15.37
CA ALA A 190 -12.16 9.73 -16.79
C ALA A 190 -11.70 8.30 -17.12
N GLY A 191 -10.59 7.88 -16.52
CA GLY A 191 -9.96 6.60 -16.86
C GLY A 191 -10.76 5.33 -16.63
N THR A 192 -11.68 5.37 -15.65
CA THR A 192 -12.53 4.23 -15.30
C THR A 192 -14.03 4.58 -15.33
N ASN A 193 -14.37 5.78 -15.82
CA ASN A 193 -15.75 6.29 -15.83
C ASN A 193 -16.42 6.15 -14.45
N GLY A 194 -15.61 6.33 -13.42
CA GLY A 194 -16.06 6.08 -12.06
C GLY A 194 -15.94 7.33 -11.25
N ASN A 195 -16.17 7.16 -9.96
CA ASN A 195 -16.11 8.23 -8.99
C ASN A 195 -15.10 7.91 -7.90
N SER A 196 -14.16 8.84 -7.65
CA SER A 196 -13.13 8.72 -6.59
C SER A 196 -13.78 8.51 -5.22
N ASN A 197 -13.10 7.81 -4.32
CA ASN A 197 -13.55 7.74 -2.92
C ASN A 197 -12.80 8.69 -2.00
N GLY A 198 -11.83 9.39 -2.60
CA GLY A 198 -11.14 10.46 -1.93
C GLY A 198 -10.08 9.97 -0.97
N LEU A 199 -9.71 10.85 -0.07
CA LEU A 199 -8.56 10.66 0.79
C LEU A 199 -8.69 9.63 1.90
N VAL A 200 -9.86 9.43 2.45
CA VAL A 200 -9.95 8.56 3.60
C VAL A 200 -9.37 7.17 3.31
N PRO A 201 -9.83 6.50 2.24
CA PRO A 201 -9.30 5.15 2.06
C PRO A 201 -7.89 5.15 1.52
N MET A 202 -7.51 6.21 0.83
CA MET A 202 -6.13 6.30 0.42
C MET A 202 -5.24 6.31 1.67
N LEU A 203 -5.61 7.16 2.62
CA LEU A 203 -4.82 7.37 3.81
C LEU A 203 -4.72 6.08 4.64
N ARG A 204 -5.75 5.24 4.56
CA ARG A 204 -5.78 3.97 5.28
C ARG A 204 -4.65 3.06 4.80
N VAL A 205 -4.31 3.17 3.52
CA VAL A 205 -3.20 2.41 2.99
C VAL A 205 -1.91 2.93 3.62
N TYR A 206 -1.75 4.24 3.61
CA TYR A 206 -0.60 4.88 4.25
C TYR A 206 -0.59 4.48 5.68
N ASN A 207 -1.75 4.58 6.34
CA ASN A 207 -1.80 4.17 7.73
C ASN A 207 -1.19 2.79 7.92
N ASN A 208 -1.62 1.80 7.15
CA ASN A 208 -1.13 0.46 7.39
C ASN A 208 0.30 0.30 6.92
N THR A 209 0.70 1.11 5.93
CA THR A 209 2.12 1.17 5.57
C THR A 209 3.01 1.73 6.69
N ALA A 210 2.54 2.74 7.42
CA ALA A 210 3.26 3.17 8.65
C ALA A 210 3.31 2.13 9.77
N ARG A 211 2.23 1.35 9.95
CA ARG A 211 2.18 0.30 10.97
C ARG A 211 3.12 -0.80 10.57
N TYR A 212 3.26 -0.98 9.26
CA TYR A 212 4.10 -2.06 8.77
C TYR A 212 5.63 -1.80 8.88
N VAL A 213 6.07 -0.66 8.38
CA VAL A 213 7.50 -0.43 8.21
C VAL A 213 7.99 0.34 9.40
N ASP A 214 8.65 -0.36 10.31
CA ASP A 214 9.32 0.21 11.45
C ASP A 214 10.39 1.23 11.00
N GLN A 215 10.56 2.27 11.82
CA GLN A 215 11.70 3.18 11.69
C GLN A 215 13.00 2.50 12.06
N GLY A 216 13.75 2.00 11.10
CA GLY A 216 14.94 1.23 11.46
C GLY A 216 14.57 -0.03 12.21
N GLY A 217 15.45 -0.52 13.08
CA GLY A 217 15.33 -1.86 13.64
C GLY A 217 15.28 -2.06 15.16
N ASN A 218 14.73 -1.08 15.89
CA ASN A 218 14.59 -1.21 17.36
C ASN A 218 13.08 -1.13 17.73
N LYS A 219 12.23 -1.53 16.80
CA LYS A 219 10.75 -1.57 17.01
C LYS A 219 10.06 -0.20 17.26
N ARG A 220 10.67 0.90 16.79
CA ARG A 220 10.07 2.24 16.85
C ARG A 220 9.25 2.47 15.56
N PRO A 221 7.90 2.57 15.68
CA PRO A 221 6.92 2.48 14.56
C PRO A 221 6.95 3.64 13.54
N GLY A 222 6.60 3.35 12.29
CA GLY A 222 6.62 4.34 11.21
C GLY A 222 5.89 5.59 11.65
N ALA A 223 6.41 6.76 11.30
CA ALA A 223 5.78 8.03 11.71
C ALA A 223 5.58 8.91 10.49
N PHE A 224 4.34 8.97 9.99
CA PHE A 224 3.97 9.91 8.91
C PHE A 224 2.99 10.97 9.39
N ALA A 225 3.39 12.24 9.30
CA ALA A 225 2.44 13.35 9.47
C ALA A 225 1.78 13.70 8.11
N ILE A 226 0.44 13.75 8.08
CA ILE A 226 -0.29 14.07 6.82
C ILE A 226 -0.77 15.55 6.83
N TYR A 227 -0.45 16.31 5.79
CA TYR A 227 -0.84 17.71 5.72
C TYR A 227 -1.93 17.93 4.67
N LEU A 228 -2.99 18.61 5.12
CA LEU A 228 -4.14 18.94 4.31
C LEU A 228 -4.47 20.43 4.49
N GLU A 229 -4.68 21.14 3.39
CA GLU A 229 -5.16 22.53 3.44
C GLU A 229 -6.66 22.47 3.59
N PRO A 230 -7.23 23.32 4.45
CA PRO A 230 -8.64 23.12 4.85
C PRO A 230 -9.68 23.54 3.79
N TRP A 231 -9.21 23.85 2.56
CA TRP A 231 -10.10 24.12 1.50
C TRP A 231 -10.53 22.83 0.79
N HIS A 232 -9.86 21.74 1.09
CA HIS A 232 -10.12 20.47 0.46
C HIS A 232 -11.46 19.88 0.96
N LEU A 233 -12.30 19.39 0.02
CA LEU A 233 -13.63 18.87 0.30
C LEU A 233 -13.71 17.74 1.36
N ASP A 234 -12.64 16.96 1.48
CA ASP A 234 -12.58 15.85 2.38
C ASP A 234 -12.14 16.21 3.80
N ILE A 235 -11.99 17.51 4.06
CA ILE A 235 -11.51 18.01 5.33
C ILE A 235 -12.32 17.50 6.56
N PHE A 236 -13.64 17.49 6.50
CA PHE A 236 -14.38 17.12 7.70
C PHE A 236 -14.06 15.68 8.09
N GLU A 237 -13.94 14.80 7.09
CA GLU A 237 -13.66 13.40 7.32
C GLU A 237 -12.20 13.19 7.78
N PHE A 238 -11.31 13.98 7.22
CA PHE A 238 -9.90 14.02 7.63
C PHE A 238 -9.68 14.37 9.08
N LEU A 239 -10.41 15.37 9.55
CA LEU A 239 -10.39 15.75 10.96
C LEU A 239 -11.02 14.70 11.90
N ASP A 240 -11.60 13.64 11.35
CA ASP A 240 -12.11 12.53 12.15
C ASP A 240 -11.18 11.30 12.21
N LEU A 241 -10.16 11.25 11.34
CA LEU A 241 -9.41 10.01 11.11
C LEU A 241 -8.67 9.48 12.34
N LYS A 242 -8.21 10.38 13.19
CA LYS A 242 -7.54 9.93 14.41
C LYS A 242 -8.48 9.71 15.61
N LYS A 243 -9.79 9.82 15.47
CA LYS A 243 -10.63 9.67 16.71
C LYS A 243 -10.74 8.23 17.14
N ASN A 244 -10.77 8.03 18.45
CA ASN A 244 -10.77 6.70 19.03
C ASN A 244 -11.97 5.85 18.70
N THR A 245 -13.11 6.49 18.48
CA THR A 245 -14.32 5.74 18.13
C THR A 245 -14.65 5.85 16.66
N GLY A 246 -15.68 5.10 16.25
CA GLY A 246 -16.12 5.09 14.87
C GLY A 246 -15.74 3.78 14.21
N LYS A 247 -16.05 3.69 12.93
CA LYS A 247 -15.86 2.46 12.22
C LYS A 247 -14.49 2.53 11.56
N GLU A 248 -13.82 1.39 11.54
CA GLU A 248 -12.44 1.25 11.11
C GLU A 248 -12.20 1.83 9.70
N GLU A 249 -13.18 1.63 8.83
CA GLU A 249 -13.21 2.23 7.49
C GLU A 249 -13.12 3.77 7.46
N GLN A 250 -13.48 4.42 8.57
CA GLN A 250 -13.47 5.88 8.63
C GLN A 250 -12.27 6.39 9.39
N ARG A 251 -11.35 5.50 9.76
CA ARG A 251 -10.25 5.83 10.67
C ARG A 251 -8.88 5.45 10.11
N ALA A 252 -7.86 6.11 10.64
CA ALA A 252 -6.47 5.82 10.39
C ALA A 252 -5.65 6.40 11.56
N ARG A 253 -5.68 5.70 12.69
CA ARG A 253 -5.22 6.24 13.98
C ARG A 253 -3.70 6.15 14.25
N ASP A 254 -2.95 5.56 13.35
CA ASP A 254 -1.51 5.43 13.50
C ASP A 254 -0.77 6.51 12.73
N LEU A 255 -1.52 7.34 12.02
CA LEU A 255 -0.92 8.51 11.39
C LEU A 255 -1.03 9.69 12.30
N PHE A 256 -0.28 10.72 11.90
CA PHE A 256 -0.34 12.02 12.51
C PHE A 256 -0.93 13.07 11.54
N PHE A 257 -1.59 14.10 12.08
CA PHE A 257 -2.37 15.03 11.26
C PHE A 257 -2.09 16.52 11.49
N ALA A 258 -1.80 17.20 10.39
CA ALA A 258 -1.49 18.61 10.40
C ALA A 258 -2.39 19.33 9.39
N LEU A 259 -2.74 20.59 9.68
CA LEU A 259 -3.39 21.46 8.70
C LEU A 259 -2.40 22.50 8.19
N TRP A 260 -2.37 22.70 6.89
CA TRP A 260 -1.49 23.67 6.24
C TRP A 260 -2.41 24.85 5.88
N ILE A 261 -2.50 25.84 6.80
CA ILE A 261 -3.61 26.79 6.82
C ILE A 261 -3.36 28.14 6.19
N PRO A 262 -4.19 28.51 5.21
CA PRO A 262 -4.14 29.88 4.65
C PRO A 262 -4.72 30.96 5.56
N ASP A 263 -4.28 32.20 5.31
CA ASP A 263 -4.71 33.34 6.10
C ASP A 263 -6.18 33.55 5.88
N LEU A 264 -6.60 33.40 4.62
CA LEU A 264 -8.00 33.61 4.26
C LEU A 264 -8.94 32.78 5.10
N PHE A 265 -8.51 31.57 5.44
CA PHE A 265 -9.38 30.72 6.19
C PHE A 265 -9.63 31.37 7.56
N MET A 266 -8.56 31.74 8.25
CA MET A 266 -8.67 32.36 9.58
C MET A 266 -9.48 33.67 9.48
N LYS A 267 -9.15 34.46 8.48
CA LYS A 267 -9.93 35.63 8.06
C LYS A 267 -11.43 35.32 8.03
N ARG A 268 -11.80 34.28 7.29
CA ARG A 268 -13.22 33.93 7.13
C ARG A 268 -13.82 33.41 8.42
N VAL A 269 -13.02 32.81 9.27
CA VAL A 269 -13.50 32.25 10.52
C VAL A 269 -13.78 33.39 11.52
N GLU A 270 -12.82 34.29 11.62
CA GLU A 270 -12.97 35.46 12.47
C GLU A 270 -14.23 36.28 12.11
N THR A 271 -14.48 36.48 10.83
CA THR A 271 -15.63 37.28 10.41
C THR A 271 -16.92 36.48 10.24
N ASN A 272 -16.92 35.19 10.54
CA ASN A 272 -18.13 34.34 10.40
C ASN A 272 -18.64 34.31 8.97
N GLN A 273 -17.73 34.45 8.00
CA GLN A 273 -18.03 34.35 6.57
C GLN A 273 -18.13 32.87 6.07
N ASP A 274 -18.70 32.69 4.89
CA ASP A 274 -18.78 31.38 4.29
C ASP A 274 -17.39 30.86 3.84
N TRP A 275 -17.25 29.53 3.80
CA TRP A 275 -16.04 28.87 3.38
C TRP A 275 -16.34 27.88 2.30
N SER A 276 -15.61 27.99 1.20
CA SER A 276 -15.84 27.09 0.06
C SER A 276 -14.98 25.81 0.06
N LEU A 277 -15.58 24.66 -0.17
CA LEU A 277 -14.85 23.40 -0.28
C LEU A 277 -14.66 23.00 -1.73
N MET A 278 -13.41 22.73 -2.12
CA MET A 278 -13.09 22.36 -3.49
C MET A 278 -12.38 21.00 -3.64
N CYS A 279 -12.48 20.46 -4.85
CA CYS A 279 -11.66 19.36 -5.26
C CYS A 279 -10.52 19.94 -6.14
N PRO A 280 -9.27 19.52 -5.87
CA PRO A 280 -8.10 19.99 -6.52
C PRO A 280 -8.02 19.67 -7.99
N ASN A 281 -8.79 18.66 -8.41
CA ASN A 281 -9.00 18.34 -9.81
C ASN A 281 -9.91 19.34 -10.50
N GLU A 282 -11.04 19.65 -9.86
CA GLU A 282 -11.88 20.74 -10.36
C GLU A 282 -11.13 22.11 -10.25
N CYS A 283 -10.26 22.26 -9.23
CA CYS A 283 -9.63 23.53 -8.87
C CYS A 283 -8.12 23.40 -8.72
N PRO A 284 -7.40 23.19 -9.83
CA PRO A 284 -5.96 22.94 -9.72
C PRO A 284 -5.13 24.15 -9.17
N GLY A 285 -4.12 23.82 -8.37
CA GLY A 285 -3.01 24.70 -8.13
C GLY A 285 -3.13 25.63 -6.94
N LEU A 286 -4.10 25.38 -6.08
CA LEU A 286 -4.25 26.15 -4.85
C LEU A 286 -3.09 25.93 -3.85
N ASP A 287 -2.53 24.72 -3.87
CA ASP A 287 -1.37 24.39 -3.02
C ASP A 287 -0.07 24.93 -3.56
N GLU A 288 -0.09 25.44 -4.80
CA GLU A 288 1.11 26.01 -5.50
C GLU A 288 1.19 27.55 -5.55
N VAL A 289 0.36 28.21 -4.76
CA VAL A 289 0.44 29.66 -4.54
C VAL A 289 0.16 29.91 -3.07
N TRP A 290 0.53 31.09 -2.58
CA TRP A 290 0.26 31.48 -1.20
C TRP A 290 -0.07 32.95 -1.15
N GLY A 291 -0.67 33.37 -0.06
CA GLY A 291 -1.00 34.78 0.18
C GLY A 291 -1.92 35.35 -0.89
N GLU A 292 -1.72 36.62 -1.24
CA GLU A 292 -2.54 37.31 -2.22
C GLU A 292 -2.75 36.49 -3.47
N GLU A 293 -1.72 35.77 -3.89
CA GLU A 293 -1.87 34.91 -5.07
C GLU A 293 -2.80 33.72 -4.82
N PHE A 294 -2.76 33.16 -3.61
CA PHE A 294 -3.71 32.12 -3.26
C PHE A 294 -5.11 32.71 -3.22
N GLU A 295 -5.26 33.79 -2.49
CA GLU A 295 -6.52 34.50 -2.32
C GLU A 295 -7.18 34.87 -3.64
N LYS A 296 -6.37 35.21 -4.63
CA LYS A 296 -6.81 35.59 -5.94
C LYS A 296 -7.37 34.36 -6.64
N LEU A 297 -6.58 33.28 -6.66
CA LEU A 297 -6.99 32.08 -7.34
C LEU A 297 -8.20 31.46 -6.61
N TYR A 298 -8.18 31.36 -5.29
CA TYR A 298 -9.31 30.76 -4.54
C TYR A 298 -10.61 31.44 -4.89
N ALA A 299 -10.60 32.78 -4.79
CA ALA A 299 -11.81 33.60 -4.96
C ALA A 299 -12.34 33.52 -6.37
N SER A 300 -11.46 33.51 -7.36
CA SER A 300 -11.89 33.37 -8.73
C SER A 300 -12.58 32.03 -8.86
N TYR A 301 -12.00 30.98 -8.30
CA TYR A 301 -12.67 29.68 -8.35
C TYR A 301 -14.09 29.72 -7.78
N GLU A 302 -14.32 30.39 -6.64
CA GLU A 302 -15.68 30.48 -6.05
C GLU A 302 -16.59 31.26 -6.99
N LYS A 303 -16.07 32.36 -7.52
CA LYS A 303 -16.84 33.18 -8.45
C LYS A 303 -17.20 32.40 -9.70
N GLN A 304 -16.39 31.40 -10.00
CA GLN A 304 -16.61 30.56 -11.16
C GLN A 304 -17.48 29.34 -10.90
N GLY A 305 -18.01 29.17 -9.69
CA GLY A 305 -18.79 27.99 -9.34
C GLY A 305 -17.99 26.68 -9.24
N ARG A 306 -16.67 26.76 -9.19
CA ARG A 306 -15.85 25.57 -9.09
C ARG A 306 -15.76 25.23 -7.60
N VAL A 307 -16.87 24.81 -7.03
CA VAL A 307 -17.00 24.72 -5.57
C VAL A 307 -17.92 23.53 -5.34
N ARG A 308 -17.53 22.61 -4.50
CA ARG A 308 -18.38 21.44 -4.33
C ARG A 308 -19.29 21.57 -3.14
N LYS A 309 -18.90 22.36 -2.14
CA LYS A 309 -19.75 22.56 -0.95
C LYS A 309 -19.37 23.89 -0.33
N VAL A 310 -20.35 24.69 0.05
CA VAL A 310 -20.11 25.88 0.86
C VAL A 310 -20.59 25.55 2.25
N VAL A 311 -19.74 25.80 3.24
CA VAL A 311 -20.09 25.62 4.62
C VAL A 311 -19.73 26.93 5.32
N LYS A 312 -20.27 27.14 6.51
CA LYS A 312 -19.83 28.30 7.31
C LYS A 312 -18.40 28.04 7.81
N ALA A 313 -17.54 29.03 7.74
CA ALA A 313 -16.20 28.84 8.24
C ALA A 313 -16.19 28.37 9.71
N GLN A 314 -17.10 28.90 10.54
CA GLN A 314 -17.14 28.51 11.96
C GLN A 314 -17.52 27.08 12.11
N GLN A 315 -18.17 26.50 11.12
CA GLN A 315 -18.51 25.09 11.16
C GLN A 315 -17.26 24.20 11.02
N LEU A 316 -16.40 24.52 10.05
CA LEU A 316 -15.13 23.85 9.92
C LEU A 316 -14.27 24.12 11.14
N TRP A 317 -14.24 25.36 11.62
CA TRP A 317 -13.46 25.70 12.77
C TRP A 317 -13.85 24.84 13.93
N TYR A 318 -15.14 24.64 14.07
CA TYR A 318 -15.65 23.93 15.22
C TYR A 318 -15.19 22.48 15.15
N ALA A 319 -15.07 21.98 13.92
CA ALA A 319 -14.64 20.61 13.71
C ALA A 319 -13.14 20.48 13.99
N ILE A 320 -12.40 21.55 13.73
CA ILE A 320 -10.98 21.52 14.00
C ILE A 320 -10.81 21.38 15.51
N ILE A 321 -11.58 22.17 16.24
CA ILE A 321 -11.41 22.24 17.69
C ILE A 321 -11.93 20.99 18.39
N GLU A 322 -13.07 20.48 17.94
CA GLU A 322 -13.54 19.18 18.40
C GLU A 322 -12.43 18.11 18.30
N SER A 323 -11.77 18.05 17.14
CA SER A 323 -10.73 17.05 16.87
C SER A 323 -9.52 17.22 17.77
N GLN A 324 -9.19 18.46 18.06
CA GLN A 324 -8.07 18.80 18.95
C GLN A 324 -8.38 18.41 20.39
N THR A 325 -9.61 18.61 20.85
CA THR A 325 -10.01 18.24 22.21
C THR A 325 -10.01 16.73 22.40
N GLU A 326 -10.45 16.00 21.41
CA GLU A 326 -10.49 14.53 21.49
C GLU A 326 -9.08 13.93 21.44
N THR A 327 -8.28 14.42 20.48
CA THR A 327 -7.03 13.77 20.11
C THR A 327 -5.77 14.60 20.29
N GLY A 328 -5.91 15.85 20.75
CA GLY A 328 -4.83 16.85 20.66
C GLY A 328 -4.35 17.21 19.26
N THR A 329 -5.06 16.77 18.22
CA THR A 329 -4.60 16.97 16.83
C THR A 329 -5.80 17.49 16.01
N PRO A 330 -5.56 18.05 14.81
CA PRO A 330 -4.33 18.23 14.11
C PRO A 330 -3.46 19.43 14.57
N TYR A 331 -2.20 19.35 14.14
CA TYR A 331 -1.24 20.40 14.29
C TYR A 331 -1.69 21.54 13.40
N MET A 332 -1.29 22.78 13.75
CA MET A 332 -1.67 24.02 13.04
C MET A 332 -0.49 24.76 12.45
N LEU A 333 -0.39 24.82 11.13
CA LEU A 333 0.63 25.62 10.49
C LEU A 333 -0.01 26.72 9.65
N TYR A 334 0.55 27.93 9.70
CA TYR A 334 0.06 29.00 8.89
C TYR A 334 0.86 29.08 7.60
N LYS A 335 0.22 28.60 6.55
CA LYS A 335 0.85 28.42 5.24
C LYS A 335 1.47 29.68 4.75
N ASP A 336 0.72 30.77 4.88
CA ASP A 336 1.15 32.04 4.41
C ASP A 336 2.34 32.61 5.22
N SER A 337 2.30 32.51 6.55
CA SER A 337 3.47 32.90 7.35
C SER A 337 4.67 32.01 7.04
N CYS A 338 4.40 30.73 6.69
CA CYS A 338 5.49 29.82 6.40
C CYS A 338 6.24 30.22 5.16
N ASN A 339 5.47 30.62 4.16
CA ASN A 339 5.97 30.93 2.82
C ASN A 339 6.51 32.33 2.69
N ARG A 340 5.81 33.28 3.32
CA ARG A 340 6.26 34.69 3.31
C ARG A 340 7.66 34.88 3.89
N LYS A 341 7.99 34.10 4.92
CA LYS A 341 9.20 34.31 5.74
C LYS A 341 10.17 33.15 5.62
N SER A 342 10.24 32.57 4.42
CA SER A 342 11.14 31.49 4.13
C SER A 342 12.20 31.94 3.12
N ASN A 343 13.44 31.55 3.39
CA ASN A 343 14.55 31.90 2.55
C ASN A 343 14.58 31.02 1.28
N GLN A 344 13.71 30.00 1.24
CA GLN A 344 13.52 29.15 0.05
C GLN A 344 12.34 29.59 -0.83
N GLN A 345 11.76 30.76 -0.61
CA GLN A 345 10.57 31.13 -1.39
C GLN A 345 10.86 31.31 -2.88
N ASN A 346 12.11 31.63 -3.24
CA ASN A 346 12.53 31.64 -4.66
C ASN A 346 12.31 30.34 -5.41
N LEU A 347 12.01 29.25 -4.69
CA LEU A 347 11.90 27.91 -5.31
C LEU A 347 10.50 27.54 -5.76
N GLY A 348 9.52 28.33 -5.37
CA GLY A 348 8.11 27.99 -5.54
C GLY A 348 7.47 27.83 -4.16
N THR A 349 6.17 27.62 -4.11
CA THR A 349 5.43 27.46 -2.83
C THR A 349 5.81 26.18 -2.06
N ILE A 350 5.82 26.32 -0.75
CA ILE A 350 6.16 25.23 0.13
C ILE A 350 4.88 24.59 0.57
N LYS A 351 4.80 23.28 0.36
CA LYS A 351 3.54 22.58 0.47
C LYS A 351 3.27 21.93 1.83
N CYS A 352 4.28 21.79 2.70
CA CYS A 352 4.04 21.30 4.08
C CYS A 352 5.25 21.44 5.01
N SER A 353 5.04 21.04 6.26
CA SER A 353 6.12 20.88 7.20
C SER A 353 6.35 19.38 7.33
N ASN A 354 7.12 19.02 8.33
CA ASN A 354 7.53 17.64 8.54
C ASN A 354 6.75 17.05 9.69
N LEU A 355 7.30 15.93 10.18
CA LEU A 355 6.67 15.10 11.17
C LEU A 355 6.42 15.92 12.39
N CYS A 356 7.41 16.68 12.86
CA CYS A 356 7.26 17.41 14.14
C CYS A 356 7.07 18.93 14.01
N THR A 357 6.78 19.38 12.79
CA THR A 357 6.21 20.75 12.52
C THR A 357 7.23 21.89 12.57
N GLU A 358 8.53 21.58 12.52
CA GLU A 358 9.57 22.59 12.63
C GLU A 358 10.32 22.82 11.33
N ILE A 359 10.22 21.93 10.36
CA ILE A 359 10.86 22.12 9.07
C ILE A 359 9.88 22.77 8.06
N VAL A 360 10.36 23.84 7.42
CA VAL A 360 9.68 24.47 6.35
C VAL A 360 10.70 24.48 5.18
N GLU A 361 10.62 23.44 4.36
CA GLU A 361 11.43 23.21 3.15
C GLU A 361 10.59 22.84 1.90
N TYR A 362 11.07 23.30 0.75
CA TYR A 362 10.43 23.11 -0.53
C TYR A 362 10.44 21.64 -0.91
N THR A 363 9.38 21.19 -1.54
CA THR A 363 9.31 19.84 -2.07
C THR A 363 8.65 19.91 -3.43
N SER A 364 8.86 18.88 -4.23
CA SER A 364 8.23 18.81 -5.55
C SER A 364 8.29 17.38 -5.97
N LYS A 365 7.75 17.10 -7.14
CA LYS A 365 7.60 15.70 -7.55
C LYS A 365 8.96 15.02 -7.67
N ASP A 366 10.00 15.79 -7.91
CA ASP A 366 11.30 15.20 -7.98
C ASP A 366 12.31 15.80 -6.99
N GLU A 367 11.84 16.57 -5.99
CA GLU A 367 12.64 16.92 -4.81
C GLU A 367 11.93 16.51 -3.49
N VAL A 368 12.65 15.78 -2.61
CA VAL A 368 12.15 15.38 -1.28
C VAL A 368 12.98 16.10 -0.26
N ALA A 369 12.39 17.01 0.50
CA ALA A 369 13.16 17.77 1.46
C ALA A 369 13.70 16.83 2.53
N VAL A 370 14.89 17.16 3.04
CA VAL A 370 15.58 16.35 4.04
C VAL A 370 16.15 17.34 5.02
N CYS A 371 16.09 17.05 6.32
CA CYS A 371 16.87 17.89 7.20
C CYS A 371 17.69 17.18 8.24
N ASN A 372 18.94 17.59 8.37
CA ASN A 372 19.83 17.10 9.41
C ASN A 372 19.75 18.06 10.63
N LEU A 373 19.76 17.51 11.84
CA LEU A 373 19.37 18.24 13.02
C LEU A 373 20.39 18.11 14.12
N ALA A 374 20.45 19.09 15.02
CA ALA A 374 21.33 19.04 16.16
C ALA A 374 20.75 19.95 17.17
N SER A 375 21.01 19.70 18.43
CA SER A 375 20.47 20.61 19.43
C SER A 375 21.54 21.12 20.40
N LEU A 376 21.51 22.43 20.66
CA LEU A 376 22.33 23.05 21.69
C LEU A 376 21.68 22.95 23.10
N ALA A 377 22.50 22.57 24.09
CA ALA A 377 22.12 22.49 25.49
C ALA A 377 22.28 23.86 26.15
N LEU A 378 21.24 24.69 26.15
CA LEU A 378 21.34 26.09 26.59
C LEU A 378 21.65 26.33 28.07
N ASN A 379 21.55 25.30 28.89
CA ASN A 379 21.91 25.37 30.29
C ASN A 379 23.44 25.47 30.47
N MET A 380 24.17 24.77 29.62
CA MET A 380 25.62 24.79 29.68
C MET A 380 26.23 26.16 29.54
N TYR A 381 25.49 27.12 28.99
CA TYR A 381 26.08 28.43 28.71
C TYR A 381 25.87 29.48 29.80
N VAL A 382 25.19 29.11 30.88
CA VAL A 382 24.98 29.99 32.02
C VAL A 382 26.17 29.92 32.97
N THR A 383 26.62 31.07 33.48
CA THR A 383 27.73 31.09 34.44
C THR A 383 27.23 31.01 35.88
N SER A 384 28.17 30.77 36.81
CA SER A 384 27.89 30.87 38.25
C SER A 384 27.62 32.32 38.70
N GLU A 385 28.11 33.25 37.89
CA GLU A 385 27.77 34.66 37.93
C GLU A 385 26.30 35.00 37.55
N HIS A 386 25.52 34.04 37.05
CA HIS A 386 24.20 34.35 36.50
C HIS A 386 24.30 35.36 35.37
N THR A 387 25.33 35.22 34.52
CA THR A 387 25.31 35.84 33.20
C THR A 387 25.21 34.72 32.15
N TYR A 388 24.82 35.06 30.94
CA TYR A 388 24.83 34.10 29.86
C TYR A 388 26.06 34.27 28.96
N ASP A 389 26.71 33.18 28.60
CA ASP A 389 27.94 33.30 27.82
C ASP A 389 27.58 33.18 26.38
N PHE A 390 27.14 34.30 25.80
CA PHE A 390 26.71 34.33 24.40
C PHE A 390 27.87 34.10 23.43
N LYS A 391 29.07 34.52 23.78
CA LYS A 391 30.23 34.24 22.92
C LYS A 391 30.43 32.71 22.78
N LYS A 392 30.28 31.98 23.88
CA LYS A 392 30.47 30.53 23.88
C LYS A 392 29.37 29.82 23.06
N LEU A 393 28.14 30.31 23.19
CA LEU A 393 27.08 29.83 22.34
C LEU A 393 27.38 30.08 20.85
N ALA A 394 27.64 31.32 20.46
CA ALA A 394 27.92 31.54 19.02
C ALA A 394 29.00 30.58 18.57
N GLU A 395 30.03 30.42 19.41
CA GLU A 395 31.23 29.57 19.11
C GLU A 395 30.88 28.12 18.86
N VAL A 396 30.03 27.55 19.70
CA VAL A 396 29.67 26.15 19.55
C VAL A 396 28.72 25.92 18.37
N THR A 397 27.75 26.84 18.25
CA THR A 397 26.88 26.90 17.08
C THR A 397 27.69 26.82 15.80
N LYS A 398 28.79 27.54 15.71
CA LYS A 398 29.56 27.49 14.44
C LYS A 398 30.09 26.07 14.19
N VAL A 399 30.45 25.33 15.24
CA VAL A 399 30.92 23.97 15.08
C VAL A 399 29.77 23.10 14.64
N VAL A 400 28.61 23.24 15.29
CA VAL A 400 27.49 22.46 14.83
C VAL A 400 27.19 22.69 13.32
N VAL A 401 27.20 23.92 12.86
CA VAL A 401 26.90 24.19 11.44
C VAL A 401 27.86 23.42 10.59
N ARG A 402 29.12 23.50 10.96
CA ARG A 402 30.16 22.77 10.26
C ARG A 402 29.88 21.26 10.25
N ASN A 403 29.35 20.76 11.37
CA ASN A 403 29.04 19.35 11.52
C ASN A 403 27.89 18.92 10.61
N LEU A 404 26.83 19.71 10.61
CA LEU A 404 25.66 19.31 9.82
C LEU A 404 25.98 19.45 8.33
N ASN A 405 26.79 20.44 8.00
CA ASN A 405 27.15 20.60 6.62
C ASN A 405 27.90 19.39 6.12
N LYS A 406 28.84 18.89 6.90
CA LYS A 406 29.56 17.67 6.53
C LYS A 406 28.68 16.43 6.33
N ILE A 407 27.59 16.32 7.10
CA ILE A 407 26.69 15.17 7.06
C ILE A 407 25.86 15.13 5.77
N ILE A 408 25.52 16.29 5.25
CA ILE A 408 24.84 16.36 3.99
C ILE A 408 25.69 15.57 3.02
N ASP A 409 26.98 15.85 2.98
CA ASP A 409 27.88 15.15 2.05
C ASP A 409 28.12 13.64 2.37
N ILE A 410 28.11 13.24 3.63
CA ILE A 410 28.33 11.82 3.99
C ILE A 410 27.11 10.93 3.78
N ASN A 411 25.95 11.52 3.99
CA ASN A 411 24.69 10.78 4.06
C ASN A 411 24.39 9.88 2.84
N TYR A 412 23.73 8.76 3.13
CA TYR A 412 23.20 7.84 2.14
C TYR A 412 21.71 8.02 2.21
N TYR A 413 21.16 8.57 1.14
CA TYR A 413 19.76 9.00 1.08
C TYR A 413 18.90 7.82 0.65
N PRO A 414 17.73 7.64 1.29
CA PRO A 414 16.92 6.48 0.95
C PRO A 414 16.26 6.52 -0.43
N VAL A 415 16.09 7.74 -0.94
CA VAL A 415 15.57 7.96 -2.28
C VAL A 415 16.41 9.10 -2.91
N PRO A 416 16.62 9.07 -4.24
CA PRO A 416 17.54 10.04 -4.85
C PRO A 416 16.98 11.48 -4.95
N GLU A 417 15.66 11.65 -4.95
CA GLU A 417 15.07 12.97 -4.83
C GLU A 417 15.46 13.66 -3.50
N ALA A 418 15.80 12.89 -2.46
CA ALA A 418 16.24 13.48 -1.18
C ALA A 418 17.66 14.00 -1.32
N CYS A 419 18.41 13.30 -2.13
CA CYS A 419 19.81 13.63 -2.31
C CYS A 419 19.87 14.90 -3.13
N LEU A 420 19.15 14.90 -4.26
CA LEU A 420 19.04 16.10 -5.12
C LEU A 420 18.64 17.32 -4.33
N SER A 421 17.63 17.16 -3.48
CA SER A 421 17.16 18.25 -2.67
C SER A 421 18.25 18.81 -1.75
N ASN A 422 18.88 17.93 -0.97
CA ASN A 422 19.86 18.36 0.02
C ASN A 422 21.05 18.97 -0.66
N LYS A 423 21.51 18.37 -1.75
CA LYS A 423 22.68 18.91 -2.46
C LYS A 423 22.40 20.28 -3.10
N ARG A 424 21.17 20.57 -3.54
CA ARG A 424 20.84 21.88 -4.15
C ARG A 424 20.83 23.01 -3.15
N HIS A 425 20.19 22.76 -2.00
CA HIS A 425 19.85 23.84 -1.09
C HIS A 425 20.60 23.79 0.24
N ARG A 426 21.18 22.65 0.59
CA ARG A 426 21.94 22.48 1.83
C ARG A 426 21.29 22.96 3.12
N PRO A 427 19.97 22.79 3.26
CA PRO A 427 19.37 23.26 4.51
C PRO A 427 19.85 22.49 5.75
N ILE A 428 19.92 23.13 6.90
CA ILE A 428 20.10 22.40 8.14
C ILE A 428 19.19 22.96 9.24
N GLY A 429 19.24 22.29 10.41
CA GLY A 429 18.30 22.56 11.48
C GLY A 429 18.91 22.49 12.87
N ILE A 430 19.34 23.64 13.38
CA ILE A 430 19.98 23.72 14.68
C ILE A 430 18.90 24.08 15.70
N GLY A 431 18.75 23.28 16.74
CA GLY A 431 17.67 23.50 17.72
C GLY A 431 18.30 23.61 19.06
N VAL A 432 17.49 23.49 20.09
CA VAL A 432 17.95 23.64 21.44
C VAL A 432 17.24 22.67 22.32
N GLN A 433 17.75 22.59 23.53
CA GLN A 433 17.07 21.99 24.62
C GLN A 433 17.60 22.76 25.79
N GLY A 434 16.92 22.72 26.92
CA GLY A 434 17.42 23.32 28.12
C GLY A 434 17.04 24.77 28.34
N LEU A 435 16.20 25.30 27.45
CA LEU A 435 15.84 26.69 27.55
C LEU A 435 15.32 26.98 28.94
N ALA A 436 14.39 26.15 29.42
CA ALA A 436 13.81 26.33 30.74
C ALA A 436 14.88 26.21 31.80
N ASP A 437 15.83 25.28 31.62
CA ASP A 437 16.95 25.16 32.56
C ASP A 437 17.79 26.46 32.58
N ALA A 438 18.04 27.06 31.41
CA ALA A 438 18.79 28.32 31.37
C ALA A 438 18.09 29.43 32.15
N PHE A 439 16.78 29.49 32.11
CA PHE A 439 16.04 30.52 32.86
C PHE A 439 16.19 30.21 34.31
N ILE A 440 15.86 28.99 34.70
CA ILE A 440 16.03 28.57 36.09
C ILE A 440 17.41 28.95 36.61
N LEU A 441 18.48 28.65 35.84
CA LEU A 441 19.86 28.83 36.33
C LEU A 441 20.23 30.31 36.42
N MET A 442 19.58 31.15 35.64
CA MET A 442 19.78 32.60 35.74
C MET A 442 18.81 33.21 36.77
N ARG A 443 18.00 32.37 37.40
CA ARG A 443 17.04 32.81 38.42
C ARG A 443 15.98 33.66 37.79
N TYR A 444 15.52 33.31 36.60
CA TYR A 444 14.49 34.10 35.89
C TYR A 444 13.26 33.27 35.70
N PRO A 445 12.10 33.71 36.23
CA PRO A 445 10.85 33.03 35.85
C PRO A 445 10.64 33.07 34.32
N PHE A 446 10.11 31.98 33.77
CA PHE A 446 9.91 31.85 32.33
C PHE A 446 9.14 33.08 31.73
N GLU A 447 8.16 33.55 32.49
CA GLU A 447 7.27 34.64 32.09
C GLU A 447 7.81 36.03 32.35
N SER A 448 9.00 36.11 32.94
CA SER A 448 9.59 37.36 33.37
C SER A 448 10.22 38.05 32.21
N ALA A 449 10.18 39.37 32.29
CA ALA A 449 10.76 40.18 31.24
C ALA A 449 12.22 39.86 31.04
N GLU A 450 12.91 39.51 32.12
CA GLU A 450 14.32 39.03 31.99
C GLU A 450 14.35 37.76 31.18
N ALA A 451 13.53 36.80 31.55
CA ALA A 451 13.36 35.64 30.67
C ALA A 451 13.16 36.10 29.23
N GLN A 452 12.35 37.16 29.03
CA GLN A 452 11.88 37.49 27.70
C GLN A 452 13.03 38.04 26.85
N LEU A 453 13.90 38.88 27.43
CA LEU A 453 15.13 39.38 26.78
C LEU A 453 16.13 38.28 26.51
N LEU A 454 16.29 37.38 27.47
CA LEU A 454 17.25 36.32 27.28
C LEU A 454 16.76 35.39 26.15
N ASN A 455 15.47 35.09 26.16
CA ASN A 455 14.89 34.37 25.05
C ASN A 455 15.36 34.95 23.68
N LYS A 456 15.18 36.25 23.43
CA LYS A 456 15.55 36.84 22.10
C LYS A 456 17.03 36.72 21.88
N GLN A 457 17.80 37.04 22.91
CA GLN A 457 19.25 37.16 22.74
C GLN A 457 19.89 35.77 22.52
N ILE A 458 19.36 34.73 23.15
CA ILE A 458 19.82 33.41 22.77
C ILE A 458 19.64 33.07 21.26
N PHE A 459 18.47 33.31 20.70
CA PHE A 459 18.24 32.93 19.32
C PHE A 459 18.92 33.91 18.37
N GLU A 460 19.07 35.18 18.81
CA GLU A 460 19.88 36.16 18.09
C GLU A 460 21.25 35.56 17.90
N THR A 461 21.78 35.06 19.02
CA THR A 461 23.11 34.51 19.04
C THR A 461 23.20 33.30 18.15
N ILE A 462 22.25 32.38 18.29
CA ILE A 462 22.35 31.14 17.52
C ILE A 462 22.42 31.47 16.03
N TYR A 463 21.50 32.32 15.56
CA TYR A 463 21.37 32.68 14.14
C TYR A 463 22.56 33.41 13.62
N TYR A 464 23.08 34.34 14.44
CA TYR A 464 24.26 35.11 14.11
C TYR A 464 25.46 34.16 13.93
N GLY A 465 25.70 33.32 14.93
CA GLY A 465 26.77 32.37 14.86
C GLY A 465 26.52 31.44 13.70
N ALA A 466 25.29 30.98 13.58
CA ALA A 466 24.96 30.05 12.48
C ALA A 466 25.28 30.67 11.13
N LEU A 467 25.05 31.98 10.98
CA LEU A 467 25.21 32.63 9.69
C LEU A 467 26.70 32.81 9.39
N GLU A 468 27.41 33.35 10.35
CA GLU A 468 28.85 33.47 10.27
C GLU A 468 29.48 32.13 9.85
N ALA A 469 29.01 31.04 10.43
CA ALA A 469 29.62 29.76 10.07
C ALA A 469 29.31 29.44 8.61
N SER A 470 28.06 29.57 8.23
CA SER A 470 27.65 29.27 6.87
C SER A 470 28.31 30.24 5.87
N CYS A 471 28.41 31.50 6.24
CA CYS A 471 29.12 32.45 5.41
C CYS A 471 30.58 32.04 5.15
N ASP A 472 31.34 31.70 6.19
CA ASP A 472 32.70 31.22 5.97
C ASP A 472 32.68 29.92 5.14
N LEU A 473 31.75 29.00 5.41
CA LEU A 473 31.67 27.81 4.57
C LEU A 473 31.51 28.19 3.10
N ALA A 474 30.79 29.28 2.85
CA ALA A 474 30.53 29.75 1.50
C ALA A 474 31.79 30.33 0.83
N LYS A 475 32.65 30.98 1.60
CA LYS A 475 33.98 31.41 1.15
C LYS A 475 34.87 30.23 0.80
N GLU A 476 34.89 29.21 1.66
CA GLU A 476 35.69 28.01 1.44
C GLU A 476 35.19 27.25 0.21
N GLN A 477 33.88 27.02 0.11
CA GLN A 477 33.30 26.03 -0.85
C GLN A 477 32.38 26.58 -1.97
N GLY A 478 32.10 27.88 -1.98
CA GLY A 478 31.01 28.42 -2.80
C GLY A 478 29.63 28.33 -2.12
N PRO A 479 28.72 29.29 -2.39
CA PRO A 479 27.37 29.20 -1.82
C PRO A 479 26.58 28.09 -2.47
N TYR A 480 25.41 27.82 -1.92
CA TYR A 480 24.61 26.71 -2.41
C TYR A 480 24.07 27.07 -3.79
N GLU A 481 23.79 26.05 -4.56
CA GLU A 481 23.34 26.21 -5.92
C GLU A 481 22.22 27.27 -6.09
N THR A 482 21.20 27.22 -5.23
CA THR A 482 20.02 28.05 -5.40
C THR A 482 20.08 29.35 -4.61
N TYR A 483 21.27 29.79 -4.26
CA TYR A 483 21.42 30.98 -3.43
C TYR A 483 20.99 32.25 -4.12
N GLU A 484 21.52 32.46 -5.33
CA GLU A 484 21.34 33.72 -5.98
C GLU A 484 19.86 33.86 -6.29
N GLY A 485 19.25 34.97 -5.89
CA GLY A 485 17.80 35.15 -6.00
C GLY A 485 17.05 34.93 -4.67
N SER A 486 17.73 34.40 -3.65
CA SER A 486 17.04 34.19 -2.40
C SER A 486 17.00 35.50 -1.66
N PRO A 487 16.07 35.61 -0.71
CA PRO A 487 16.01 36.74 0.19
C PRO A 487 17.36 37.12 0.82
N VAL A 488 18.00 36.15 1.46
CA VAL A 488 19.33 36.30 1.97
C VAL A 488 20.26 36.88 0.89
N SER A 489 20.12 36.48 -0.38
CA SER A 489 21.00 37.04 -1.43
C SER A 489 20.72 38.53 -1.73
N LYS A 490 19.65 39.06 -1.13
CA LYS A 490 19.29 40.43 -1.27
C LYS A 490 19.41 41.16 0.06
N GLY A 491 20.28 40.68 0.96
CA GLY A 491 20.45 41.31 2.27
C GLY A 491 19.21 41.21 3.15
N ILE A 492 18.30 40.29 2.84
CA ILE A 492 17.12 40.11 3.68
C ILE A 492 17.40 38.89 4.53
N LEU A 493 17.25 39.07 5.82
CA LEU A 493 17.49 38.01 6.79
C LEU A 493 16.17 37.78 7.48
N GLN A 494 16.11 36.78 8.34
CA GLN A 494 14.84 36.31 8.85
C GLN A 494 14.07 37.37 9.56
N TYR A 495 14.75 38.06 10.49
CA TYR A 495 14.14 39.11 11.32
C TYR A 495 13.62 40.28 10.49
N ASP A 496 14.31 40.59 9.39
CA ASP A 496 13.83 41.55 8.42
C ASP A 496 12.41 41.18 7.96
N MET A 497 12.25 39.91 7.62
CA MET A 497 10.97 39.38 7.16
C MET A 497 9.89 39.46 8.23
N TRP A 498 10.27 39.57 9.49
CA TRP A 498 9.31 39.84 10.54
C TRP A 498 9.21 41.34 10.87
N ASN A 499 9.95 42.16 10.10
CA ASN A 499 10.16 43.59 10.40
C ASN A 499 10.60 43.82 11.85
N VAL A 500 11.50 42.96 12.35
CA VAL A 500 12.05 43.15 13.69
C VAL A 500 13.44 43.74 13.57
N THR A 501 13.75 44.52 14.62
CA THR A 501 15.05 45.09 14.84
C THR A 501 15.75 44.39 16.01
N PRO A 502 16.93 43.84 15.75
CA PRO A 502 17.62 43.09 16.77
C PRO A 502 18.31 43.97 17.78
N THR A 503 18.39 43.50 19.02
CA THR A 503 19.05 44.22 20.12
C THR A 503 20.51 44.50 19.78
N ASP A 504 21.21 45.21 20.64
CA ASP A 504 22.61 45.60 20.33
C ASP A 504 23.68 44.55 20.66
N LEU A 505 23.27 43.39 21.16
CA LEU A 505 24.22 42.29 21.39
C LEU A 505 25.21 42.05 20.21
N TRP A 506 24.72 41.70 19.02
CA TRP A 506 25.62 41.41 17.91
C TRP A 506 25.63 42.53 16.85
N ASP A 507 26.71 42.60 16.08
CA ASP A 507 26.77 43.57 15.02
C ASP A 507 26.38 42.94 13.70
N TRP A 508 25.07 42.96 13.46
CA TRP A 508 24.50 42.48 12.21
C TRP A 508 25.05 43.17 10.95
N LYS A 509 25.49 44.41 11.07
CA LYS A 509 25.97 45.13 9.86
C LYS A 509 27.16 44.43 9.27
N VAL A 510 28.18 44.28 10.09
CA VAL A 510 29.35 43.55 9.66
C VAL A 510 29.00 42.18 9.06
N LEU A 511 28.03 41.48 9.64
CA LEU A 511 27.67 40.14 9.13
C LEU A 511 26.96 40.27 7.79
N LYS A 512 26.00 41.17 7.70
CA LYS A 512 25.45 41.44 6.39
C LYS A 512 26.55 41.73 5.36
N GLU A 513 27.59 42.51 5.67
CA GLU A 513 28.63 42.80 4.63
C GLU A 513 29.31 41.54 4.19
N LYS A 514 29.64 40.70 5.17
CA LYS A 514 30.26 39.38 4.92
C LYS A 514 29.45 38.51 3.99
N ILE A 515 28.15 38.39 4.28
CA ILE A 515 27.28 37.58 3.44
C ILE A 515 27.17 38.18 2.03
N ALA A 516 26.92 39.50 1.97
CA ALA A 516 26.80 40.21 0.67
C ALA A 516 28.01 39.93 -0.21
N LYS A 517 29.18 39.76 0.40
CA LYS A 517 30.39 39.48 -0.36
C LYS A 517 30.59 38.00 -0.70
N TYR A 518 30.37 37.13 0.27
CA TYR A 518 30.67 35.70 0.08
C TYR A 518 29.40 34.83 -0.09
N GLY A 519 28.26 35.33 0.35
CA GLY A 519 27.05 34.49 0.39
C GLY A 519 27.09 33.46 1.50
N ILE A 520 26.20 32.48 1.45
CA ILE A 520 26.13 31.47 2.50
C ILE A 520 25.91 30.07 1.94
N ARG A 521 26.36 29.07 2.67
CA ARG A 521 26.40 27.69 2.18
C ARG A 521 25.09 26.91 2.31
N ASN A 522 24.24 27.33 3.24
CA ASN A 522 23.04 26.61 3.60
C ASN A 522 21.78 27.49 3.52
N SER A 523 20.76 27.04 2.79
CA SER A 523 19.55 27.82 2.59
C SER A 523 18.74 28.09 3.84
N LEU A 524 18.90 27.22 4.84
CA LEU A 524 18.20 27.36 6.13
C LEU A 524 19.12 26.76 7.18
N LEU A 525 19.02 27.31 8.39
CA LEU A 525 19.95 27.00 9.48
C LEU A 525 19.29 26.59 10.81
N ILE A 526 18.23 27.28 11.24
CA ILE A 526 17.68 27.09 12.62
C ILE A 526 16.33 26.50 12.61
N ALA A 527 16.12 25.49 13.45
CA ALA A 527 14.80 24.77 13.55
C ALA A 527 14.63 23.94 14.84
N PRO A 528 14.06 24.56 15.86
CA PRO A 528 13.86 23.97 17.15
C PRO A 528 13.01 22.73 17.17
N MET A 529 13.64 21.56 17.20
CA MET A 529 12.94 20.28 17.26
C MET A 529 12.55 19.80 18.70
N PRO A 530 11.74 18.74 18.82
CA PRO A 530 11.25 18.25 20.11
C PRO A 530 12.27 17.79 21.17
N THR A 531 13.39 17.19 20.74
CA THR A 531 14.41 16.65 21.68
C THR A 531 13.85 15.71 22.75
N ALA A 532 12.97 14.80 22.36
CA ALA A 532 12.34 13.90 23.33
C ALA A 532 13.28 12.79 23.78
N SER A 533 14.22 12.37 22.93
CA SER A 533 15.22 11.36 23.31
C SER A 533 16.49 12.02 23.92
N THR A 534 17.14 12.87 23.12
CA THR A 534 18.41 13.46 23.47
C THR A 534 18.31 14.37 24.67
N ALA A 535 17.16 15.02 24.86
CA ALA A 535 16.91 15.78 26.13
C ALA A 535 16.95 14.90 27.37
N GLN A 536 16.25 13.80 27.32
CA GLN A 536 16.29 12.82 28.40
C GLN A 536 17.72 12.28 28.67
N ILE A 537 18.48 12.06 27.59
CA ILE A 537 19.87 11.59 27.69
C ILE A 537 20.71 12.64 28.39
N LEU A 538 20.63 13.89 27.96
CA LEU A 538 21.44 14.92 28.61
C LEU A 538 20.91 15.40 29.96
N GLY A 539 19.67 15.06 30.30
CA GLY A 539 19.11 15.50 31.58
C GLY A 539 18.69 16.95 31.57
N ASN A 540 17.95 17.36 30.54
CA ASN A 540 17.45 18.76 30.46
C ASN A 540 15.98 18.77 30.08
N ASN A 541 15.32 19.89 30.34
CA ASN A 541 13.95 20.08 29.89
C ASN A 541 13.94 20.03 28.38
N GLU A 542 12.95 19.37 27.80
CA GLU A 542 12.88 19.31 26.34
C GLU A 542 12.86 20.73 25.74
N SER A 543 13.74 20.97 24.78
CA SER A 543 13.52 22.00 23.77
C SER A 543 13.38 23.44 24.30
N ILE A 544 12.39 24.13 23.77
CA ILE A 544 11.95 25.48 24.17
C ILE A 544 10.69 25.38 25.03
N GLU A 545 10.45 24.22 25.61
CA GLU A 545 9.25 24.03 26.39
C GLU A 545 9.47 24.65 27.73
N PRO A 546 8.39 25.09 28.38
CA PRO A 546 8.59 25.47 29.77
C PRO A 546 8.83 24.25 30.60
N TYR A 547 9.24 24.52 31.83
CA TYR A 547 9.64 23.48 32.78
C TYR A 547 8.48 22.46 32.80
N THR A 548 8.81 21.19 32.56
CA THR A 548 7.82 20.14 32.50
C THR A 548 7.18 19.90 33.88
N SER A 549 8.02 19.57 34.86
CA SER A 549 7.64 19.52 36.25
C SER A 549 8.84 19.44 37.22
N ASN A 550 8.57 19.34 38.52
CA ASN A 550 9.64 19.34 39.51
C ASN A 550 10.19 17.93 39.81
N ILE A 551 9.73 16.97 39.01
CA ILE A 551 10.01 15.54 39.20
C ILE A 551 10.26 14.92 37.83
N TYR A 552 11.06 13.85 37.75
CA TYR A 552 11.24 13.07 36.50
C TYR A 552 11.27 11.58 36.82
N GLN A 562 12.77 7.46 40.87
CA GLN A 562 11.87 8.25 41.72
C GLN A 562 12.58 9.54 42.18
N ILE A 563 12.69 10.51 41.26
CA ILE A 563 13.68 11.61 41.34
C ILE A 563 13.11 13.06 41.34
N VAL A 564 13.69 13.92 42.19
CA VAL A 564 13.37 15.36 42.23
C VAL A 564 14.33 16.09 41.31
N ASN A 565 13.86 17.18 40.71
CA ASN A 565 14.68 17.98 39.79
C ASN A 565 15.94 18.48 40.49
N PRO A 566 17.12 18.26 39.87
CA PRO A 566 18.38 18.66 40.53
C PRO A 566 18.57 20.18 40.77
N HIS A 567 17.90 21.03 39.99
CA HIS A 567 17.99 22.48 40.19
C HIS A 567 17.21 22.93 41.39
N LEU A 568 16.00 22.39 41.57
CA LEU A 568 15.18 22.69 42.73
C LEU A 568 15.88 22.18 43.96
N LEU A 569 16.41 20.95 43.89
CA LEU A 569 17.11 20.33 45.02
C LEU A 569 18.21 21.26 45.51
N LYS A 570 19.15 21.56 44.60
CA LYS A 570 20.33 22.39 44.90
C LYS A 570 19.93 23.69 45.57
N ASP A 571 19.00 24.41 44.96
CA ASP A 571 18.49 25.64 45.53
C ASP A 571 17.80 25.41 46.85
N LEU A 572 16.94 24.41 46.97
CA LEU A 572 16.29 24.15 48.27
C LEU A 572 17.30 23.72 49.32
N THR A 573 18.36 23.07 48.89
CA THR A 573 19.45 22.74 49.80
C THR A 573 20.22 24.01 50.20
N GLU A 574 20.62 24.80 49.22
CA GLU A 574 21.33 26.05 49.48
C GLU A 574 20.58 27.00 50.41
N ARG A 575 19.27 26.80 50.59
CA ARG A 575 18.46 27.63 51.48
C ARG A 575 18.21 26.88 52.80
N GLY A 576 18.45 25.57 52.79
CA GLY A 576 18.34 24.74 53.99
C GLY A 576 16.92 24.31 54.26
N LEU A 577 16.25 23.82 53.23
CA LEU A 577 14.81 23.54 53.29
C LEU A 577 14.46 22.23 52.61
N GLY A 591 5.34 17.09 38.92
CA GLY A 591 4.43 17.62 39.96
C GLY A 591 4.76 19.07 40.33
N SER A 592 3.73 19.82 40.72
CA SER A 592 3.88 21.23 41.10
C SER A 592 4.45 21.36 42.50
N ILE A 593 4.94 22.56 42.84
CA ILE A 593 5.41 22.84 44.20
C ILE A 593 4.76 24.06 44.80
N GLN A 594 3.77 24.61 44.10
CA GLN A 594 3.01 25.77 44.58
C GLN A 594 2.18 25.47 45.84
N SER A 595 1.96 24.18 46.15
CA SER A 595 1.17 23.79 47.34
C SER A 595 1.96 23.77 48.65
N ILE A 596 3.29 23.69 48.55
CA ILE A 596 4.16 23.47 49.72
C ILE A 596 4.51 24.81 50.40
N PRO A 597 4.01 25.05 51.64
CA PRO A 597 4.08 26.38 52.30
C PRO A 597 5.50 26.76 52.70
N GLU A 598 6.27 25.78 53.16
CA GLU A 598 7.69 25.93 53.46
C GLU A 598 8.47 26.72 52.36
N ILE A 599 8.35 26.30 51.10
CA ILE A 599 9.11 26.93 49.99
C ILE A 599 8.72 28.40 49.77
N PRO A 600 9.71 29.30 49.78
CA PRO A 600 9.48 30.72 49.57
C PRO A 600 8.85 31.07 48.23
N ASP A 601 8.12 32.18 48.19
CA ASP A 601 7.46 32.64 46.97
C ASP A 601 8.46 32.93 45.87
N ASP A 602 9.67 33.26 46.30
CA ASP A 602 10.83 33.47 45.42
C ASP A 602 11.01 32.28 44.46
N LEU A 603 11.18 31.09 45.04
CA LEU A 603 11.41 29.87 44.28
C LEU A 603 10.09 29.30 43.67
N LYS A 604 8.94 29.68 44.23
CA LYS A 604 7.67 29.21 43.69
C LYS A 604 7.49 29.76 42.27
N GLN A 605 7.84 31.02 42.07
CA GLN A 605 7.83 31.63 40.74
C GLN A 605 8.83 30.93 39.78
N LEU A 606 10.01 30.62 40.31
CA LEU A 606 11.06 30.12 39.47
C LEU A 606 10.73 28.73 38.91
N TYR A 607 10.00 27.93 39.68
CA TYR A 607 9.80 26.52 39.39
C TYR A 607 8.33 26.17 39.12
N LYS A 608 7.62 27.16 38.59
CA LYS A 608 6.34 26.93 37.94
C LYS A 608 6.42 25.86 36.83
N THR A 609 5.40 25.00 36.77
CA THR A 609 5.34 23.99 35.73
C THR A 609 4.60 24.58 34.55
N VAL A 610 4.63 23.79 33.49
CA VAL A 610 4.02 24.07 32.21
C VAL A 610 2.51 24.20 32.31
N TRP A 611 1.92 23.60 33.34
CA TRP A 611 0.52 23.77 33.67
C TRP A 611 0.17 25.10 34.34
N GLU A 612 1.16 25.81 34.86
CA GLU A 612 0.94 27.02 35.68
C GLU A 612 1.44 28.30 34.97
N ILE A 613 1.85 28.15 33.71
CA ILE A 613 2.33 29.26 32.91
C ILE A 613 1.27 29.68 31.86
N SER A 614 1.05 30.98 31.69
CA SER A 614 0.23 31.48 30.60
C SER A 614 0.72 31.06 29.22
N GLN A 615 -0.19 30.56 28.41
CA GLN A 615 0.14 30.09 27.09
C GLN A 615 0.18 31.21 26.08
N LYS A 616 -0.55 32.28 26.36
CA LYS A 616 -0.34 33.54 25.64
C LYS A 616 1.13 33.96 25.66
N THR A 617 1.71 33.95 26.85
CA THR A 617 3.11 34.34 27.00
C THR A 617 4.02 33.47 26.13
N VAL A 618 3.83 32.17 26.29
CA VAL A 618 4.46 31.16 25.45
C VAL A 618 4.42 31.46 23.98
N LEU A 619 3.26 31.90 23.48
CA LEU A 619 3.16 32.25 22.07
C LEU A 619 3.94 33.53 21.71
N LYS A 620 3.88 34.52 22.59
CA LYS A 620 4.64 35.76 22.42
C LYS A 620 6.10 35.41 22.31
N MET A 621 6.60 34.67 23.29
CA MET A 621 8.04 34.28 23.24
C MET A 621 8.45 33.47 22.03
N ALA A 622 7.54 32.66 21.52
CA ALA A 622 7.82 31.87 20.37
C ALA A 622 7.94 32.80 19.19
N ALA A 623 7.03 33.77 19.13
CA ALA A 623 7.05 34.76 18.05
C ALA A 623 8.32 35.56 18.10
N GLU A 624 8.66 35.97 19.32
CA GLU A 624 9.87 36.74 19.60
C GLU A 624 11.15 36.03 19.22
N ARG A 625 11.31 34.77 19.65
CA ARG A 625 12.44 33.99 19.12
C ARG A 625 12.29 33.64 17.63
N GLY A 626 11.05 33.53 17.19
CA GLY A 626 10.73 33.24 15.82
C GLY A 626 11.46 34.15 14.83
N ALA A 627 11.52 35.45 15.11
CA ALA A 627 12.21 36.41 14.21
C ALA A 627 13.63 35.97 13.88
N PHE A 628 14.24 35.16 14.76
CA PHE A 628 15.60 34.71 14.55
C PHE A 628 15.71 33.26 14.18
N ILE A 629 14.72 32.74 13.46
CA ILE A 629 14.60 31.30 13.15
C ILE A 629 14.03 31.15 11.76
N ASP A 630 14.86 30.70 10.83
CA ASP A 630 14.50 30.72 9.44
C ASP A 630 13.59 29.54 9.04
N GLN A 631 13.51 28.52 9.89
CA GLN A 631 12.54 27.44 9.71
C GLN A 631 11.47 27.73 10.76
N SER A 632 11.03 26.74 11.54
CA SER A 632 9.96 26.97 12.54
C SER A 632 10.27 26.20 13.80
N GLN A 633 9.26 25.98 14.64
CA GLN A 633 9.51 25.44 15.94
C GLN A 633 8.38 24.57 16.44
N SER A 634 8.76 23.45 17.02
CA SER A 634 7.86 22.42 17.43
C SER A 634 7.24 22.88 18.69
N LEU A 635 6.25 23.74 18.55
CA LEU A 635 5.72 24.39 19.70
C LEU A 635 4.47 23.72 20.29
N ASN A 636 4.63 22.88 21.27
CA ASN A 636 3.47 22.40 22.04
C ASN A 636 2.74 23.52 22.75
N ILE A 637 1.46 23.29 23.01
CA ILE A 637 0.67 24.14 23.88
C ILE A 637 0.10 23.25 24.97
N HIS A 638 0.31 23.61 26.22
CA HIS A 638 -0.24 22.85 27.33
C HIS A 638 -1.46 23.58 27.81
N ILE A 639 -2.62 22.93 27.73
CA ILE A 639 -3.85 23.39 28.38
C ILE A 639 -4.55 22.25 29.15
N ALA A 640 -4.86 22.52 30.41
CA ALA A 640 -5.35 21.48 31.32
C ALA A 640 -6.67 20.85 30.84
N GLU A 641 -7.64 21.74 30.67
CA GLU A 641 -9.01 21.44 30.33
C GLU A 641 -9.25 22.35 29.13
N PRO A 642 -8.81 21.91 27.91
CA PRO A 642 -9.05 22.69 26.70
C PRO A 642 -10.56 22.79 26.39
N ASN A 643 -11.04 24.02 26.12
CA ASN A 643 -12.41 24.23 25.62
C ASN A 643 -12.37 25.13 24.41
N TYR A 644 -13.53 25.29 23.76
CA TYR A 644 -13.65 26.03 22.50
C TYR A 644 -13.13 27.42 22.69
N GLY A 645 -13.55 28.05 23.79
CA GLY A 645 -13.12 29.41 24.14
C GLY A 645 -11.62 29.53 24.17
N LYS A 646 -11.00 28.70 24.97
CA LYS A 646 -9.56 28.80 25.18
C LYS A 646 -8.73 28.46 23.92
N LEU A 647 -9.15 27.48 23.10
CA LEU A 647 -8.38 27.13 21.89
C LEU A 647 -8.50 28.18 20.80
N THR A 648 -9.71 28.69 20.63
CA THR A 648 -9.96 29.74 19.68
C THR A 648 -9.04 30.94 19.93
N SER A 649 -9.01 31.44 21.16
CA SER A 649 -8.16 32.61 21.43
C SER A 649 -6.69 32.28 21.25
N MET A 650 -6.28 31.13 21.78
CA MET A 650 -4.93 30.64 21.64
C MET A 650 -4.51 30.60 20.17
N HIS A 651 -5.33 29.98 19.30
CA HIS A 651 -4.96 29.89 17.87
C HIS A 651 -4.89 31.23 17.17
N PHE A 652 -5.92 32.03 17.32
CA PHE A 652 -5.93 33.36 16.69
C PHE A 652 -4.81 34.23 17.21
N TYR A 653 -4.48 34.07 18.47
CA TYR A 653 -3.37 34.85 19.00
C TYR A 653 -2.09 34.44 18.33
N GLY A 654 -1.92 33.13 18.10
CA GLY A 654 -0.69 32.63 17.53
C GLY A 654 -0.51 33.02 16.09
N TRP A 655 -1.60 32.91 15.34
CA TRP A 655 -1.66 33.27 13.93
C TRP A 655 -1.37 34.76 13.79
N LYS A 656 -2.03 35.56 14.62
CA LYS A 656 -1.90 37.01 14.51
C LYS A 656 -0.53 37.47 14.96
N GLN A 657 0.12 36.69 15.81
CA GLN A 657 1.46 37.01 16.28
C GLN A 657 2.53 36.68 15.22
N GLY A 658 2.16 35.93 14.18
CA GLY A 658 3.05 35.72 13.01
C GLY A 658 3.62 34.30 12.90
N LEU A 659 3.18 33.40 13.79
CA LEU A 659 3.81 32.08 13.87
C LEU A 659 3.72 31.26 12.59
N LYS A 660 4.80 30.53 12.36
CA LYS A 660 4.82 29.57 11.29
C LYS A 660 4.05 28.35 11.77
N THR A 661 4.34 27.89 12.95
CA THR A 661 3.60 26.80 13.55
C THR A 661 2.88 27.30 14.77
N GLY A 662 1.57 27.35 14.72
CA GLY A 662 0.80 27.86 15.84
C GLY A 662 0.71 26.84 16.92
N MET A 663 0.83 25.58 16.58
CA MET A 663 0.69 24.52 17.54
C MET A 663 1.15 23.22 16.98
N TYR A 664 1.98 22.51 17.72
CA TYR A 664 2.32 21.14 17.40
C TYR A 664 1.26 20.32 18.15
N TYR A 665 1.57 19.70 19.26
CA TYR A 665 0.51 19.02 20.00
C TYR A 665 -0.21 19.95 20.92
N LEU A 666 -1.47 19.65 21.12
CA LEU A 666 -2.21 20.20 22.25
C LEU A 666 -2.00 19.19 23.33
N ARG A 667 -1.32 19.61 24.39
CA ARG A 667 -1.14 18.77 25.57
C ARG A 667 -2.06 19.11 26.75
N THR A 668 -2.57 18.05 27.39
CA THR A 668 -3.55 18.08 28.48
C THR A 668 -3.28 16.92 29.50
N ARG A 669 -4.07 16.88 30.58
CA ARG A 669 -3.94 15.83 31.59
C ARG A 669 -4.96 14.72 31.35
N ALA B 5 -43.61 -10.04 -19.80
CA ALA B 5 -42.96 -8.98 -18.93
C ALA B 5 -41.54 -8.57 -19.40
N ALA B 6 -40.75 -9.55 -19.83
CA ALA B 6 -39.45 -9.31 -20.47
C ALA B 6 -39.57 -8.73 -21.88
N ARG B 7 -40.66 -9.04 -22.56
CA ARG B 7 -40.91 -8.47 -23.89
C ARG B 7 -41.06 -6.92 -23.74
N ILE B 8 -41.85 -6.52 -22.74
CA ILE B 8 -42.12 -5.12 -22.45
C ILE B 8 -40.82 -4.40 -22.19
N ALA B 9 -40.03 -4.97 -21.30
CA ALA B 9 -38.72 -4.43 -20.96
C ALA B 9 -37.84 -4.18 -22.21
N VAL B 10 -37.90 -5.08 -23.19
CA VAL B 10 -37.05 -4.93 -24.37
C VAL B 10 -37.58 -3.84 -25.32
N SER B 11 -38.88 -3.82 -25.54
CA SER B 11 -39.44 -2.84 -26.48
C SER B 11 -39.37 -1.45 -25.90
N ASN B 12 -39.35 -1.36 -24.56
CA ASN B 12 -39.11 -0.09 -23.94
C ASN B 12 -37.71 0.40 -24.31
N LEU B 13 -36.72 -0.45 -24.08
CA LEU B 13 -35.38 -0.05 -24.44
C LEU B 13 -35.31 0.30 -25.94
N HIS B 14 -36.13 -0.34 -26.76
CA HIS B 14 -36.04 -0.12 -28.21
C HIS B 14 -36.66 1.22 -28.55
N LYS B 15 -37.77 1.53 -27.87
CA LYS B 15 -38.34 2.88 -27.89
C LYS B 15 -37.29 3.93 -27.48
N GLU B 16 -36.57 3.65 -26.39
CA GLU B 16 -35.66 4.63 -25.80
C GLU B 16 -34.24 4.61 -26.41
N THR B 17 -34.10 4.00 -27.57
CA THR B 17 -32.79 3.92 -28.20
C THR B 17 -32.88 4.00 -29.70
N LYS B 18 -31.86 4.57 -30.31
CA LYS B 18 -31.77 4.57 -31.76
C LYS B 18 -31.58 3.15 -32.24
N LYS B 19 -32.33 2.80 -33.28
CA LYS B 19 -32.15 1.53 -33.98
C LYS B 19 -30.76 1.43 -34.62
N VAL B 20 -30.46 2.27 -35.61
CA VAL B 20 -29.28 2.07 -36.47
C VAL B 20 -27.93 2.04 -35.70
N PHE B 21 -27.21 0.93 -35.85
CA PHE B 21 -25.96 0.71 -35.15
C PHE B 21 -24.89 1.79 -35.37
N SER B 22 -24.62 2.13 -36.62
CA SER B 22 -23.60 3.16 -36.93
C SER B 22 -23.86 4.50 -36.20
N ASP B 23 -25.13 4.86 -35.99
CA ASP B 23 -25.49 6.13 -35.35
C ASP B 23 -25.18 6.12 -33.87
N VAL B 24 -25.58 5.04 -33.20
CA VAL B 24 -25.32 4.93 -31.76
C VAL B 24 -23.81 4.99 -31.50
N MET B 25 -23.04 4.39 -32.40
CA MET B 25 -21.59 4.52 -32.33
C MET B 25 -21.12 5.99 -32.47
N GLU B 26 -21.69 6.75 -33.41
CA GLU B 26 -21.40 8.21 -33.55
C GLU B 26 -21.69 8.95 -32.24
N ASP B 27 -22.86 8.72 -31.66
CA ASP B 27 -23.18 9.42 -30.45
C ASP B 27 -22.23 9.06 -29.31
N LEU B 28 -21.64 7.87 -29.37
CA LEU B 28 -20.74 7.43 -28.32
C LEU B 28 -19.47 8.19 -28.43
N TYR B 29 -18.90 8.17 -29.63
CA TYR B 29 -17.65 8.84 -29.91
C TYR B 29 -17.78 10.31 -29.70
N ASN B 30 -18.73 10.93 -30.42
CA ASN B 30 -18.99 12.39 -30.35
C ASN B 30 -19.48 12.89 -28.98
N TYR B 31 -19.56 12.01 -27.98
CA TYR B 31 -20.02 12.37 -26.65
C TYR B 31 -19.17 13.42 -25.94
N ILE B 32 -19.85 14.44 -25.41
CA ILE B 32 -19.22 15.53 -24.64
C ILE B 32 -19.68 15.44 -23.16
N ASN B 33 -18.76 15.58 -22.19
CA ASN B 33 -19.15 15.52 -20.76
C ASN B 33 -19.86 16.82 -20.40
N PRO B 34 -21.14 16.73 -19.97
CA PRO B 34 -21.91 17.94 -19.65
C PRO B 34 -21.24 18.80 -18.57
N HIS B 35 -20.69 18.13 -17.54
CA HIS B 35 -19.86 18.78 -16.51
C HIS B 35 -18.63 19.51 -17.08
N ASN B 36 -17.70 18.76 -17.67
CA ASN B 36 -16.44 19.29 -18.24
C ASN B 36 -16.66 20.29 -19.36
N GLY B 37 -17.38 19.84 -20.38
CA GLY B 37 -17.29 20.40 -21.72
C GLY B 37 -16.25 19.67 -22.58
N LYS B 38 -15.67 18.59 -22.04
CA LYS B 38 -14.60 17.86 -22.74
C LYS B 38 -15.16 16.74 -23.63
N HIS B 39 -14.68 16.70 -24.88
CA HIS B 39 -14.94 15.56 -25.76
C HIS B 39 -14.30 14.33 -25.10
N SER B 40 -15.14 13.38 -24.70
CA SER B 40 -14.70 12.18 -24.01
C SER B 40 -15.35 10.98 -24.65
N PRO B 41 -14.80 10.56 -25.78
CA PRO B 41 -15.32 9.47 -26.55
C PRO B 41 -15.55 8.22 -25.71
N MET B 42 -16.70 7.62 -25.87
CA MET B 42 -16.95 6.33 -25.23
C MET B 42 -16.67 5.14 -26.14
N VAL B 43 -16.19 5.41 -27.35
CA VAL B 43 -15.66 4.38 -28.22
C VAL B 43 -14.50 4.97 -28.97
N ALA B 44 -13.70 4.13 -29.58
CA ALA B 44 -12.43 4.60 -30.13
C ALA B 44 -12.58 4.99 -31.60
N LYS B 45 -12.02 6.15 -31.93
CA LYS B 45 -12.00 6.65 -33.29
C LYS B 45 -11.79 5.57 -34.34
N SER B 46 -10.79 4.71 -34.14
CA SER B 46 -10.56 3.66 -35.14
C SER B 46 -11.72 2.69 -35.19
N THR B 47 -12.33 2.35 -34.05
CA THR B 47 -13.49 1.49 -34.15
C THR B 47 -14.70 2.21 -34.77
N LEU B 48 -14.95 3.49 -34.44
CA LEU B 48 -15.95 4.26 -35.16
C LEU B 48 -15.63 4.27 -36.65
N ASP B 49 -14.40 4.59 -37.02
CA ASP B 49 -14.10 4.75 -38.44
C ASP B 49 -14.44 3.50 -39.21
N ILE B 50 -13.99 2.35 -38.69
CA ILE B 50 -14.25 1.05 -39.31
C ILE B 50 -15.74 0.81 -39.46
N VAL B 51 -16.50 1.19 -38.45
CA VAL B 51 -17.93 0.98 -38.47
C VAL B 51 -18.59 1.77 -39.61
N LEU B 52 -18.13 3.00 -39.82
CA LEU B 52 -18.73 3.86 -40.82
C LEU B 52 -18.35 3.44 -42.23
N ALA B 53 -17.11 2.99 -42.42
CA ALA B 53 -16.69 2.48 -43.71
C ALA B 53 -17.56 1.30 -44.12
N ASN B 54 -18.05 0.57 -43.12
CA ASN B 54 -18.78 -0.65 -43.34
C ASN B 54 -20.15 -0.62 -42.66
N LYS B 55 -20.81 0.54 -42.68
CA LYS B 55 -22.08 0.66 -41.98
C LYS B 55 -23.21 -0.08 -42.69
N ASP B 56 -23.14 -0.22 -44.01
CA ASP B 56 -24.24 -0.85 -44.72
C ASP B 56 -24.30 -2.35 -44.36
N ARG B 57 -23.19 -3.07 -44.56
CA ARG B 57 -23.07 -4.50 -44.15
C ARG B 57 -23.39 -4.72 -42.68
N LEU B 58 -22.79 -3.90 -41.83
CA LEU B 58 -22.87 -4.13 -40.41
C LEU B 58 -24.24 -3.82 -39.83
N ASN B 59 -24.79 -2.66 -40.20
CA ASN B 59 -26.10 -2.24 -39.70
C ASN B 59 -27.12 -3.33 -39.99
N SER B 60 -27.14 -3.76 -41.24
CA SER B 60 -28.19 -4.67 -41.70
C SER B 60 -27.87 -6.13 -41.37
N ALA B 61 -26.73 -6.35 -40.73
CA ALA B 61 -26.37 -7.68 -40.22
C ALA B 61 -27.03 -7.91 -38.90
N ILE B 62 -27.30 -6.83 -38.18
CA ILE B 62 -27.87 -6.91 -36.84
C ILE B 62 -29.30 -7.40 -36.87
N ILE B 63 -29.62 -8.35 -36.00
CA ILE B 63 -30.95 -8.86 -35.92
C ILE B 63 -31.54 -8.48 -34.57
N TYR B 64 -32.29 -7.37 -34.54
CA TYR B 64 -32.75 -6.81 -33.27
C TYR B 64 -33.74 -7.69 -32.52
N ASP B 65 -34.38 -8.62 -33.20
CA ASP B 65 -35.21 -9.59 -32.51
C ASP B 65 -34.44 -10.39 -31.45
N ARG B 66 -33.15 -10.60 -31.69
CA ARG B 66 -32.34 -11.43 -30.77
C ARG B 66 -32.30 -10.86 -29.35
N ASP B 67 -32.46 -9.54 -29.23
CA ASP B 67 -32.63 -8.84 -27.96
C ASP B 67 -33.80 -9.42 -27.14
N PHE B 68 -34.79 -9.95 -27.82
CA PHE B 68 -35.92 -10.55 -27.11
C PHE B 68 -35.57 -11.90 -26.54
N SER B 69 -34.42 -12.43 -26.97
CA SER B 69 -34.04 -13.75 -26.50
C SER B 69 -33.59 -13.80 -25.02
N TYR B 70 -33.35 -12.67 -24.34
CA TYR B 70 -32.91 -12.70 -22.92
C TYR B 70 -34.08 -12.82 -21.96
N ASN B 71 -33.88 -13.55 -20.88
CA ASN B 71 -34.94 -13.64 -19.89
C ASN B 71 -34.86 -12.34 -19.15
N TYR B 72 -35.70 -12.23 -18.12
CA TYR B 72 -35.88 -10.98 -17.44
C TYR B 72 -34.59 -10.45 -16.82
N PHE B 73 -34.01 -11.23 -15.91
CA PHE B 73 -32.81 -10.84 -15.17
C PHE B 73 -31.63 -10.65 -16.07
N GLY B 74 -31.41 -11.58 -16.98
CA GLY B 74 -30.32 -11.44 -17.92
C GLY B 74 -30.38 -10.11 -18.64
N PHE B 75 -31.58 -9.69 -19.00
CA PHE B 75 -31.72 -8.42 -19.66
C PHE B 75 -31.36 -7.25 -18.70
N LYS B 76 -31.91 -7.29 -17.48
CA LYS B 76 -31.59 -6.29 -16.45
C LYS B 76 -30.09 -6.18 -16.06
N THR B 77 -29.41 -7.32 -15.93
CA THR B 77 -27.98 -7.27 -15.70
C THR B 77 -27.31 -6.47 -16.85
N LEU B 78 -27.67 -6.79 -18.09
CA LEU B 78 -27.13 -6.09 -19.26
C LEU B 78 -27.36 -4.57 -19.16
N GLU B 79 -28.54 -4.22 -18.61
CA GLU B 79 -28.95 -2.83 -18.53
C GLU B 79 -28.17 -2.18 -17.43
N ARG B 80 -27.89 -2.94 -16.39
CA ARG B 80 -27.19 -2.42 -15.25
C ARG B 80 -25.79 -2.00 -15.68
N SER B 81 -25.07 -2.89 -16.38
CA SER B 81 -23.61 -2.79 -16.48
C SER B 81 -22.96 -2.93 -17.87
N TYR B 82 -23.63 -3.61 -18.80
CA TYR B 82 -22.96 -3.97 -20.05
C TYR B 82 -23.33 -3.10 -21.23
N LEU B 83 -24.31 -2.24 -21.04
CA LEU B 83 -24.81 -1.40 -22.09
C LEU B 83 -24.48 0.04 -21.77
N LEU B 84 -23.59 0.61 -22.59
CA LEU B 84 -23.10 1.99 -22.43
C LEU B 84 -24.19 3.05 -22.42
N LYS B 85 -24.03 4.01 -21.51
CA LYS B 85 -25.00 5.06 -21.25
C LYS B 85 -24.42 6.43 -21.63
N ILE B 86 -25.30 7.30 -22.12
CA ILE B 86 -24.97 8.71 -22.36
C ILE B 86 -25.70 9.50 -21.25
N ASN B 87 -24.96 9.93 -20.23
CA ASN B 87 -25.58 10.58 -19.08
C ASN B 87 -26.67 9.74 -18.44
N GLY B 88 -26.29 8.59 -17.92
CA GLY B 88 -27.24 7.74 -17.18
C GLY B 88 -28.38 7.14 -18.00
N LYS B 89 -28.34 7.35 -19.31
CA LYS B 89 -29.37 6.84 -20.19
C LYS B 89 -28.76 5.82 -21.11
N VAL B 90 -29.15 4.55 -20.95
CA VAL B 90 -28.64 3.52 -21.83
C VAL B 90 -28.86 3.94 -23.26
N ALA B 91 -27.78 3.95 -24.03
CA ALA B 91 -27.79 4.22 -25.49
C ALA B 91 -27.70 2.95 -26.34
N GLU B 92 -27.15 1.90 -25.76
CA GLU B 92 -26.83 0.67 -26.47
C GLU B 92 -27.91 -0.39 -26.25
N ARG B 93 -28.40 -0.95 -27.36
CA ARG B 93 -29.18 -2.18 -27.33
C ARG B 93 -28.23 -3.38 -27.31
N PRO B 94 -28.65 -4.48 -26.68
CA PRO B 94 -27.65 -5.54 -26.54
C PRO B 94 -26.96 -5.92 -27.83
N GLN B 95 -27.59 -5.78 -28.99
CA GLN B 95 -26.94 -6.16 -30.22
C GLN B 95 -25.84 -5.18 -30.60
N HIS B 96 -26.05 -3.92 -30.24
CA HIS B 96 -25.08 -2.86 -30.54
C HIS B 96 -23.86 -3.20 -29.75
N MET B 97 -24.09 -3.58 -28.50
CA MET B 97 -22.96 -3.98 -27.68
C MET B 97 -22.20 -5.16 -28.28
N LEU B 98 -22.91 -6.21 -28.74
CA LEU B 98 -22.24 -7.41 -29.17
C LEU B 98 -21.54 -7.13 -30.53
N MET B 99 -22.04 -6.17 -31.28
CA MET B 99 -21.42 -5.86 -32.58
C MET B 99 -20.17 -5.00 -32.34
N ARG B 100 -20.30 -4.02 -31.47
CA ARG B 100 -19.16 -3.29 -31.02
C ARG B 100 -18.09 -4.26 -30.56
N VAL B 101 -18.46 -5.11 -29.61
CA VAL B 101 -17.48 -6.09 -29.14
C VAL B 101 -16.81 -6.88 -30.27
N SER B 102 -17.52 -7.11 -31.38
CA SER B 102 -17.03 -7.92 -32.51
C SER B 102 -16.09 -7.16 -33.45
N VAL B 103 -16.38 -5.89 -33.70
CA VAL B 103 -15.54 -5.06 -34.54
C VAL B 103 -14.32 -4.67 -33.71
N GLY B 104 -14.57 -4.39 -32.44
CA GLY B 104 -13.49 -4.18 -31.47
C GLY B 104 -12.43 -5.27 -31.42
N ILE B 105 -12.77 -6.51 -31.78
CA ILE B 105 -11.80 -7.62 -31.80
C ILE B 105 -11.21 -7.83 -33.19
N HIS B 106 -12.07 -7.76 -34.20
CA HIS B 106 -11.71 -8.16 -35.55
C HIS B 106 -11.40 -7.00 -36.48
N LYS B 107 -11.93 -5.82 -36.16
CA LYS B 107 -11.62 -4.59 -36.83
C LYS B 107 -11.99 -4.66 -38.32
N GLU B 108 -11.01 -4.54 -39.23
CA GLU B 108 -11.33 -4.48 -40.66
C GLU B 108 -11.85 -5.81 -41.27
N ASP B 109 -11.57 -6.93 -40.62
CA ASP B 109 -12.05 -8.24 -41.06
C ASP B 109 -13.53 -8.42 -40.67
N ILE B 110 -14.41 -7.94 -41.55
CA ILE B 110 -15.83 -7.94 -41.27
C ILE B 110 -16.44 -9.35 -41.43
N ASP B 111 -15.94 -10.13 -42.38
CA ASP B 111 -16.33 -11.53 -42.48
C ASP B 111 -16.23 -12.15 -41.07
N ALA B 112 -15.09 -11.92 -40.41
CA ALA B 112 -14.82 -12.41 -39.07
C ALA B 112 -15.75 -11.79 -38.02
N ALA B 113 -16.06 -10.51 -38.18
CA ALA B 113 -16.78 -9.73 -37.20
C ALA B 113 -18.21 -10.14 -37.15
N ILE B 114 -18.74 -10.44 -38.32
CA ILE B 114 -20.09 -10.89 -38.42
C ILE B 114 -20.18 -12.33 -37.98
N GLU B 115 -19.22 -13.15 -38.40
CA GLU B 115 -19.18 -14.52 -37.91
C GLU B 115 -19.30 -14.54 -36.37
N THR B 116 -18.49 -13.71 -35.68
CA THR B 116 -18.51 -13.60 -34.23
C THR B 116 -19.78 -12.93 -33.68
N TYR B 117 -20.32 -11.94 -34.39
CA TYR B 117 -21.56 -11.31 -33.97
C TYR B 117 -22.71 -12.33 -33.91
N ASN B 118 -22.89 -13.05 -35.00
CA ASN B 118 -23.90 -14.08 -34.98
C ASN B 118 -23.73 -15.09 -33.86
N LEU B 119 -22.50 -15.58 -33.68
CA LEU B 119 -22.28 -16.59 -32.67
C LEU B 119 -22.66 -16.06 -31.32
N LEU B 120 -22.32 -14.80 -31.06
CA LEU B 120 -22.63 -14.17 -29.78
C LEU B 120 -24.12 -13.87 -29.56
N SER B 121 -24.75 -13.27 -30.57
CA SER B 121 -26.16 -12.89 -30.49
C SER B 121 -27.07 -14.09 -30.37
N GLU B 122 -26.68 -15.18 -31.01
CA GLU B 122 -27.39 -16.47 -30.82
C GLU B 122 -26.95 -17.23 -29.56
N ARG B 123 -25.89 -16.78 -28.88
CA ARG B 123 -25.56 -17.23 -27.53
C ARG B 123 -24.93 -18.61 -27.51
N TRP B 124 -24.08 -18.83 -28.50
CA TRP B 124 -23.37 -20.06 -28.65
C TRP B 124 -22.18 -20.08 -27.69
N PHE B 125 -21.64 -18.90 -27.42
CA PHE B 125 -20.64 -18.66 -26.40
C PHE B 125 -20.74 -17.20 -26.02
N THR B 126 -19.96 -16.84 -25.00
CA THR B 126 -19.80 -15.45 -24.62
C THR B 126 -18.35 -15.14 -24.31
N HIS B 127 -17.97 -13.89 -24.58
CA HIS B 127 -16.74 -13.35 -24.03
C HIS B 127 -16.91 -12.94 -22.61
N ALA B 128 -15.76 -12.75 -21.95
CA ALA B 128 -15.71 -12.31 -20.58
C ALA B 128 -16.12 -10.83 -20.42
N SER B 129 -16.75 -10.54 -19.30
CA SER B 129 -17.19 -9.23 -18.95
C SER B 129 -16.21 -8.15 -19.35
N PRO B 130 -14.95 -8.26 -18.90
CA PRO B 130 -13.93 -7.28 -19.35
C PRO B 130 -13.97 -6.95 -20.84
N THR B 131 -14.06 -8.00 -21.65
CA THR B 131 -14.11 -7.85 -23.11
C THR B 131 -15.39 -7.17 -23.60
N LEU B 132 -16.51 -7.51 -22.97
CA LEU B 132 -17.79 -6.92 -23.24
C LEU B 132 -17.83 -5.45 -22.80
N PHE B 133 -17.09 -5.08 -21.75
CA PHE B 133 -17.10 -3.70 -21.28
C PHE B 133 -16.28 -2.82 -22.20
N ASN B 134 -15.07 -3.26 -22.51
CA ASN B 134 -14.10 -2.34 -23.05
C ASN B 134 -13.71 -2.62 -24.48
N ALA B 135 -14.25 -3.69 -25.08
CA ALA B 135 -13.97 -3.92 -26.47
C ALA B 135 -14.55 -2.75 -27.31
N GLY B 136 -13.75 -2.29 -28.27
CA GLY B 136 -14.12 -1.19 -29.12
C GLY B 136 -14.01 0.19 -28.51
N THR B 137 -13.24 0.35 -27.43
CA THR B 137 -13.16 1.64 -26.77
C THR B 137 -11.74 2.14 -26.61
N ASN B 138 -11.61 3.29 -25.94
CA ASN B 138 -10.31 3.95 -25.73
C ASN B 138 -9.37 3.18 -24.79
N ARG B 139 -9.83 2.84 -23.60
CA ARG B 139 -8.97 2.05 -22.71
C ARG B 139 -9.44 0.56 -22.60
N PRO B 140 -9.01 -0.27 -23.56
CA PRO B 140 -9.57 -1.58 -23.75
C PRO B 140 -8.80 -2.66 -22.98
N GLN B 141 -9.00 -2.73 -21.66
CA GLN B 141 -8.40 -3.80 -20.89
C GLN B 141 -9.41 -4.96 -20.94
N LEU B 142 -9.11 -5.90 -21.84
CA LEU B 142 -10.01 -6.97 -22.19
C LEU B 142 -9.83 -8.25 -21.36
N SER B 143 -8.69 -8.39 -20.68
CA SER B 143 -8.37 -9.63 -19.95
C SER B 143 -8.98 -9.58 -18.58
N SER B 144 -9.18 -10.76 -17.98
CA SER B 144 -9.83 -10.87 -16.64
C SER B 144 -8.79 -11.16 -15.55
N CYS B 145 -8.07 -12.25 -15.73
CA CYS B 145 -7.15 -12.77 -14.76
C CYS B 145 -5.76 -12.27 -14.92
N PHE B 146 -5.14 -11.95 -13.78
CA PHE B 146 -3.73 -11.73 -13.71
C PHE B 146 -3.19 -12.55 -12.57
N LEU B 147 -1.98 -13.06 -12.75
CA LEU B 147 -1.21 -13.74 -11.68
C LEU B 147 0.18 -13.12 -11.47
N LEU B 148 0.58 -13.02 -10.19
CA LEU B 148 1.83 -12.39 -9.81
C LEU B 148 2.56 -13.17 -8.71
N SER B 149 3.88 -13.22 -8.79
CA SER B 149 4.64 -13.66 -7.61
C SER B 149 5.30 -12.46 -6.96
N MET B 150 5.32 -12.39 -5.63
CA MET B 150 6.05 -11.32 -4.98
C MET B 150 7.47 -11.16 -5.65
N LYS B 151 7.84 -9.92 -6.02
CA LYS B 151 9.07 -9.67 -6.78
C LYS B 151 10.33 -10.01 -6.01
N ASP B 152 10.33 -9.79 -4.69
CA ASP B 152 11.52 -10.03 -3.90
C ASP B 152 11.18 -9.92 -2.44
N ASP B 153 11.95 -10.56 -1.56
CA ASP B 153 11.70 -10.54 -0.11
C ASP B 153 12.34 -9.28 0.48
N SER B 154 11.80 -8.11 0.11
CA SER B 154 12.40 -6.79 0.40
C SER B 154 11.32 -5.71 0.35
N ILE B 155 11.50 -4.61 1.06
CA ILE B 155 10.50 -3.53 1.04
C ILE B 155 10.37 -2.97 -0.34
N GLU B 156 11.49 -2.87 -1.03
CA GLU B 156 11.48 -2.47 -2.41
C GLU B 156 10.51 -3.37 -3.22
N GLY B 157 10.72 -4.68 -3.19
CA GLY B 157 9.87 -5.57 -3.96
C GLY B 157 8.46 -5.75 -3.41
N ILE B 158 8.23 -5.59 -2.10
CA ILE B 158 6.87 -5.73 -1.57
C ILE B 158 6.03 -4.57 -2.13
N TYR B 159 6.64 -3.38 -2.17
CA TYR B 159 5.94 -2.16 -2.52
C TYR B 159 5.87 -2.02 -4.04
N ASP B 160 6.84 -2.58 -4.75
CA ASP B 160 6.76 -2.66 -6.22
C ASP B 160 5.66 -3.64 -6.67
N THR B 161 5.45 -4.72 -5.92
CA THR B 161 4.41 -5.67 -6.26
C THR B 161 3.06 -5.08 -5.90
N LEU B 162 3.00 -4.33 -4.82
CA LEU B 162 1.77 -3.63 -4.38
C LEU B 162 1.22 -2.65 -5.43
N LYS B 163 2.12 -1.86 -6.01
CA LYS B 163 1.79 -0.94 -7.11
C LYS B 163 1.22 -1.70 -8.28
N GLN B 164 1.80 -2.85 -8.57
CA GLN B 164 1.34 -3.62 -9.75
C GLN B 164 -0.10 -4.03 -9.49
N CYS B 165 -0.33 -4.62 -8.32
CA CYS B 165 -1.69 -4.91 -7.88
C CYS B 165 -2.58 -3.73 -8.04
N ALA B 166 -2.18 -2.58 -7.51
CA ALA B 166 -2.94 -1.34 -7.65
C ALA B 166 -3.35 -1.05 -9.08
N LEU B 167 -2.38 -1.08 -9.99
CA LEU B 167 -2.60 -0.68 -11.38
C LEU B 167 -3.54 -1.65 -12.03
N ILE B 168 -3.34 -2.92 -11.73
CA ILE B 168 -4.07 -4.00 -12.36
C ILE B 168 -5.53 -3.94 -11.92
N SER B 169 -5.77 -3.84 -10.60
CA SER B 169 -7.14 -3.77 -10.12
C SER B 169 -7.87 -2.55 -10.75
N LYS B 170 -7.19 -1.42 -10.85
CA LYS B 170 -7.79 -0.23 -11.45
C LYS B 170 -8.33 -0.53 -12.84
N SER B 171 -7.66 -1.41 -13.56
CA SER B 171 -8.03 -1.68 -14.94
C SER B 171 -8.91 -2.93 -15.00
N ALA B 172 -9.50 -3.25 -13.84
CA ALA B 172 -10.54 -4.22 -13.64
C ALA B 172 -10.08 -5.66 -13.76
N GLY B 173 -8.81 -5.90 -13.42
CA GLY B 173 -8.23 -7.23 -13.37
C GLY B 173 -8.36 -7.82 -11.96
N GLY B 174 -8.64 -9.12 -11.91
CA GLY B 174 -8.56 -9.87 -10.65
C GLY B 174 -7.18 -10.46 -10.53
N ILE B 175 -6.79 -10.75 -9.31
CA ILE B 175 -5.39 -11.10 -9.04
C ILE B 175 -5.23 -12.32 -8.18
N GLY B 176 -4.30 -13.17 -8.58
CA GLY B 176 -3.73 -14.18 -7.67
C GLY B 176 -2.30 -13.78 -7.40
N VAL B 177 -1.89 -13.85 -6.13
CA VAL B 177 -0.57 -13.42 -5.70
C VAL B 177 0.14 -14.46 -4.85
N ALA B 178 1.35 -14.85 -5.24
CA ALA B 178 2.15 -15.80 -4.41
C ALA B 178 2.97 -15.01 -3.39
N VAL B 179 2.85 -15.33 -2.09
CA VAL B 179 3.61 -14.57 -1.06
C VAL B 179 4.58 -15.37 -0.21
N SER B 180 4.83 -16.64 -0.56
CA SER B 180 5.72 -17.45 0.22
C SER B 180 7.19 -16.98 0.34
N CYS B 181 7.74 -16.24 -0.64
CA CYS B 181 9.15 -15.88 -0.53
C CYS B 181 9.36 -14.84 0.58
N ILE B 182 8.27 -14.25 1.08
CA ILE B 182 8.42 -13.20 2.11
C ILE B 182 8.84 -13.81 3.42
N ARG B 183 9.88 -13.25 4.05
CA ARG B 183 10.42 -13.87 5.26
C ARG B 183 9.44 -13.71 6.46
N ALA B 184 9.56 -14.60 7.44
CA ALA B 184 8.51 -14.77 8.42
C ALA B 184 8.73 -14.01 9.68
N THR B 185 7.68 -13.97 10.50
CA THR B 185 7.71 -13.31 11.78
C THR B 185 8.89 -13.78 12.60
N GLY B 186 9.61 -12.80 13.17
CA GLY B 186 10.75 -13.06 14.03
C GLY B 186 12.08 -13.07 13.29
N SER B 187 12.06 -13.04 11.97
CA SER B 187 13.30 -13.27 11.21
C SER B 187 14.18 -12.05 11.06
N TYR B 188 15.47 -12.32 10.98
CA TYR B 188 16.47 -11.29 10.98
C TYR B 188 16.37 -10.42 9.74
N ILE B 189 16.55 -9.12 9.95
CA ILE B 189 16.69 -8.15 8.86
C ILE B 189 18.02 -7.49 9.06
N ALA B 190 19.00 -7.88 8.26
CA ALA B 190 20.38 -7.40 8.37
C ALA B 190 20.54 -5.91 8.13
N GLY B 191 19.85 -5.38 7.14
CA GLY B 191 20.06 -3.98 6.74
C GLY B 191 19.54 -2.91 7.71
N THR B 192 18.68 -3.30 8.65
CA THR B 192 18.28 -2.41 9.76
C THR B 192 18.76 -2.96 11.11
N ASN B 193 19.44 -4.11 11.11
CA ASN B 193 19.68 -4.88 12.34
C ASN B 193 18.46 -4.96 13.28
N GLY B 194 17.34 -5.47 12.78
CA GLY B 194 16.14 -5.76 13.59
C GLY B 194 15.42 -7.02 13.10
N ASN B 195 14.11 -7.13 13.37
CA ASN B 195 13.35 -8.36 13.03
C ASN B 195 11.96 -8.16 12.39
N SER B 196 11.62 -9.01 11.41
CA SER B 196 10.37 -8.93 10.64
C SER B 196 9.19 -9.25 11.52
N ASN B 197 8.04 -8.69 11.17
CA ASN B 197 6.78 -9.05 11.83
C ASN B 197 6.00 -10.02 10.98
N GLY B 198 6.58 -10.42 9.86
CA GLY B 198 6.02 -11.46 9.01
C GLY B 198 4.95 -10.98 8.06
N LEU B 199 4.12 -11.91 7.64
CA LEU B 199 3.13 -11.69 6.63
C LEU B 199 1.93 -10.89 7.02
N VAL B 200 1.37 -11.11 8.21
CA VAL B 200 0.13 -10.44 8.55
C VAL B 200 0.19 -8.93 8.28
N PRO B 201 1.05 -8.19 8.97
CA PRO B 201 0.99 -6.75 8.72
C PRO B 201 1.25 -6.37 7.25
N MET B 202 1.91 -7.23 6.49
CA MET B 202 2.13 -6.95 5.06
C MET B 202 0.84 -7.05 4.29
N LEU B 203 0.08 -8.11 4.56
CA LEU B 203 -1.20 -8.30 3.89
C LEU B 203 -2.21 -7.27 4.35
N ARG B 204 -2.01 -6.70 5.53
CA ARG B 204 -2.93 -5.61 5.87
C ARG B 204 -2.80 -4.45 4.88
N VAL B 205 -1.57 -4.19 4.42
CA VAL B 205 -1.36 -3.16 3.41
C VAL B 205 -2.06 -3.54 2.10
N TYR B 206 -1.93 -4.80 1.69
CA TYR B 206 -2.63 -5.32 0.50
C TYR B 206 -4.14 -5.26 0.68
N ASN B 207 -4.57 -5.63 1.87
CA ASN B 207 -5.96 -5.62 2.19
C ASN B 207 -6.56 -4.26 1.95
N ASN B 208 -5.99 -3.23 2.56
CA ASN B 208 -6.49 -1.88 2.33
C ASN B 208 -6.26 -1.39 0.92
N THR B 209 -5.25 -1.91 0.22
CA THR B 209 -5.15 -1.52 -1.22
C THR B 209 -6.33 -2.05 -1.98
N ALA B 210 -6.77 -3.26 -1.66
CA ALA B 210 -7.92 -3.80 -2.40
C ALA B 210 -9.22 -3.06 -2.06
N ARG B 211 -9.38 -2.64 -0.80
CA ARG B 211 -10.50 -1.78 -0.42
C ARG B 211 -10.44 -0.48 -1.18
N TYR B 212 -9.23 0.04 -1.33
CA TYR B 212 -9.09 1.37 -1.89
C TYR B 212 -9.32 1.36 -3.37
N VAL B 213 -8.66 0.47 -4.11
CA VAL B 213 -8.64 0.54 -5.60
C VAL B 213 -9.67 -0.40 -6.20
N ASP B 214 -10.73 0.19 -6.76
CA ASP B 214 -11.84 -0.54 -7.33
C ASP B 214 -11.47 -1.15 -8.66
N GLN B 215 -12.30 -2.09 -9.07
CA GLN B 215 -12.28 -2.62 -10.42
C GLN B 215 -13.32 -1.82 -11.20
N GLY B 216 -12.88 -1.08 -12.21
CA GLY B 216 -13.78 -0.27 -13.05
C GLY B 216 -14.57 0.85 -12.37
N GLY B 217 -15.73 1.18 -12.98
CA GLY B 217 -16.70 2.14 -12.45
C GLY B 217 -17.73 1.39 -11.64
N ASN B 218 -18.19 0.23 -12.16
CA ASN B 218 -19.09 -0.69 -11.43
C ASN B 218 -19.08 -0.45 -9.89
N LYS B 219 -17.94 0.01 -9.36
CA LYS B 219 -17.65 0.09 -7.93
C LYS B 219 -17.37 -1.31 -7.32
N ARG B 220 -16.89 -2.23 -8.16
CA ARG B 220 -16.37 -3.54 -7.73
C ARG B 220 -15.09 -3.42 -6.86
N PRO B 221 -15.13 -3.87 -5.58
CA PRO B 221 -13.91 -3.79 -4.76
C PRO B 221 -12.78 -4.66 -5.34
N GLY B 222 -11.53 -4.25 -5.16
CA GLY B 222 -10.39 -4.98 -5.72
C GLY B 222 -10.39 -6.43 -5.22
N ALA B 223 -10.02 -7.36 -6.09
CA ALA B 223 -10.11 -8.77 -5.71
C ALA B 223 -8.75 -9.44 -5.82
N PHE B 224 -8.04 -9.54 -4.69
CA PHE B 224 -6.77 -10.26 -4.59
C PHE B 224 -6.86 -11.61 -3.85
N ALA B 225 -6.33 -12.65 -4.51
CA ALA B 225 -6.24 -13.96 -3.88
C ALA B 225 -4.80 -14.21 -3.42
N ILE B 226 -4.60 -14.34 -2.12
CA ILE B 226 -3.22 -14.57 -1.64
C ILE B 226 -2.93 -16.06 -1.50
N TYR B 227 -1.90 -16.52 -2.21
CA TYR B 227 -1.43 -17.93 -2.15
C TYR B 227 -0.18 -18.11 -1.24
N LEU B 228 -0.23 -19.10 -0.35
CA LEU B 228 0.89 -19.43 0.53
C LEU B 228 1.08 -20.90 0.48
N GLU B 229 2.29 -21.40 0.63
CA GLU B 229 2.54 -22.83 0.74
C GLU B 229 2.60 -23.13 2.22
N PRO B 230 1.97 -24.21 2.65
CA PRO B 230 1.71 -24.47 4.07
C PRO B 230 2.94 -24.87 4.92
N TRP B 231 4.12 -24.86 4.31
CA TRP B 231 5.34 -24.95 5.09
C TRP B 231 5.78 -23.59 5.66
N HIS B 232 5.14 -22.49 5.30
CA HIS B 232 5.58 -21.16 5.76
C HIS B 232 5.18 -20.99 7.24
N LEU B 233 6.13 -20.52 8.05
CA LEU B 233 6.02 -20.29 9.46
C LEU B 233 4.81 -19.50 9.92
N ASP B 234 4.31 -18.61 9.07
CA ASP B 234 3.14 -17.79 9.40
C ASP B 234 1.78 -18.39 9.01
N ILE B 235 1.74 -19.66 8.67
CA ILE B 235 0.55 -20.33 8.17
C ILE B 235 -0.65 -20.30 9.12
N PHE B 236 -0.47 -20.46 10.43
CA PHE B 236 -1.67 -20.49 11.28
C PHE B 236 -2.30 -19.10 11.31
N GLU B 237 -1.47 -18.06 11.21
CA GLU B 237 -1.99 -16.68 11.31
C GLU B 237 -2.63 -16.36 9.97
N PHE B 238 -1.98 -16.75 8.88
CA PHE B 238 -2.56 -16.66 7.54
C PHE B 238 -3.94 -17.24 7.51
N LEU B 239 -4.12 -18.39 8.14
CA LEU B 239 -5.39 -19.07 8.15
C LEU B 239 -6.45 -18.32 8.95
N ASP B 240 -6.06 -17.35 9.76
CA ASP B 240 -7.06 -16.63 10.60
C ASP B 240 -7.55 -15.33 10.00
N LEU B 241 -6.81 -14.87 8.99
CA LEU B 241 -6.94 -13.54 8.47
C LEU B 241 -8.32 -13.17 8.03
N LYS B 242 -9.08 -14.12 7.55
CA LYS B 242 -10.41 -13.82 7.07
C LYS B 242 -11.51 -14.05 8.15
N LYS B 243 -11.15 -14.34 9.40
CA LYS B 243 -12.19 -14.67 10.40
C LYS B 243 -12.91 -13.45 11.04
N ASN B 244 -14.23 -13.58 11.20
CA ASN B 244 -15.05 -12.48 11.73
C ASN B 244 -14.48 -11.99 13.05
N THR B 245 -14.12 -12.95 13.88
CA THR B 245 -13.73 -12.66 15.24
C THR B 245 -12.27 -12.45 15.27
N GLY B 246 -11.82 -11.45 16.03
CA GLY B 246 -10.39 -11.18 16.20
C GLY B 246 -10.06 -9.71 16.08
N LYS B 247 -8.88 -9.34 16.58
CA LYS B 247 -8.39 -7.97 16.48
C LYS B 247 -8.08 -7.60 15.01
N GLU B 248 -8.22 -6.31 14.72
CA GLU B 248 -8.13 -5.79 13.36
C GLU B 248 -6.72 -5.93 12.80
N GLU B 249 -5.73 -5.87 13.69
CA GLU B 249 -4.34 -6.02 13.29
C GLU B 249 -3.99 -7.47 12.99
N GLN B 250 -4.82 -8.43 13.44
CA GLN B 250 -4.65 -9.85 13.00
C GLN B 250 -5.62 -10.25 11.85
N ARG B 251 -6.29 -9.28 11.24
CA ARG B 251 -7.24 -9.58 10.17
C ARG B 251 -7.05 -8.82 8.85
N ALA B 252 -7.51 -9.45 7.78
CA ALA B 252 -7.40 -8.95 6.40
C ALA B 252 -8.59 -9.55 5.64
N ARG B 253 -9.77 -9.05 6.01
CA ARG B 253 -11.01 -9.65 5.63
C ARG B 253 -11.48 -9.34 4.20
N ASP B 254 -10.80 -8.47 3.50
CA ASP B 254 -11.22 -8.16 2.12
C ASP B 254 -10.41 -8.89 1.12
N LEU B 255 -9.36 -9.51 1.59
CA LEU B 255 -8.63 -10.39 0.76
C LEU B 255 -9.30 -11.79 0.61
N PHE B 256 -8.83 -12.51 -0.39
CA PHE B 256 -9.19 -13.91 -0.52
C PHE B 256 -7.96 -14.81 -0.28
N PHE B 257 -8.17 -16.08 0.01
CA PHE B 257 -7.05 -16.92 0.45
C PHE B 257 -7.09 -18.34 -0.13
N ALA B 258 -5.92 -18.74 -0.68
CA ALA B 258 -5.66 -20.06 -1.17
C ALA B 258 -4.40 -20.58 -0.50
N LEU B 259 -4.30 -21.91 -0.42
CA LEU B 259 -3.05 -22.66 -0.08
C LEU B 259 -2.51 -23.29 -1.36
N TRP B 260 -1.20 -23.20 -1.58
CA TRP B 260 -0.52 -23.87 -2.74
C TRP B 260 0.22 -25.08 -2.17
N ILE B 261 -0.38 -26.27 -2.25
CA ILE B 261 -0.04 -27.41 -1.36
C ILE B 261 0.83 -28.45 -2.00
N PRO B 262 2.00 -28.73 -1.42
CA PRO B 262 2.76 -29.85 -1.98
C PRO B 262 2.21 -31.19 -1.53
N ASP B 263 2.45 -32.18 -2.39
CA ASP B 263 2.10 -33.55 -2.07
C ASP B 263 2.59 -33.97 -0.71
N LEU B 264 3.80 -33.55 -0.35
CA LEU B 264 4.36 -33.98 0.92
C LEU B 264 3.46 -33.67 2.11
N PHE B 265 2.87 -32.48 2.11
CA PHE B 265 2.07 -32.08 3.25
C PHE B 265 0.92 -33.05 3.40
N MET B 266 0.27 -33.34 2.28
CA MET B 266 -0.91 -34.20 2.29
C MET B 266 -0.53 -35.61 2.71
N LYS B 267 0.65 -36.06 2.33
CA LYS B 267 1.13 -37.38 2.76
C LYS B 267 1.37 -37.44 4.26
N ARG B 268 1.88 -36.36 4.86
CA ARG B 268 2.21 -36.38 6.27
C ARG B 268 0.97 -36.24 7.12
N VAL B 269 0.00 -35.50 6.67
CA VAL B 269 -1.26 -35.43 7.34
C VAL B 269 -1.89 -36.83 7.43
N GLU B 270 -1.91 -37.54 6.31
CA GLU B 270 -2.57 -38.82 6.21
C GLU B 270 -1.83 -39.84 7.07
N THR B 271 -0.51 -39.86 7.00
CA THR B 271 0.25 -40.72 7.93
C THR B 271 0.46 -40.11 9.34
N ASN B 272 -0.13 -38.97 9.65
CA ASN B 272 -0.01 -38.37 10.97
C ASN B 272 1.43 -38.16 11.44
N GLN B 273 2.28 -37.69 10.52
CA GLN B 273 3.66 -37.36 10.83
C GLN B 273 3.79 -35.88 11.26
N ASP B 274 4.99 -35.53 11.74
CA ASP B 274 5.35 -34.16 12.08
C ASP B 274 5.54 -33.32 10.82
N TRP B 275 5.20 -32.04 10.92
CA TRP B 275 5.33 -31.12 9.79
C TRP B 275 6.20 -29.95 10.25
N SER B 276 7.25 -29.60 9.48
CA SER B 276 8.15 -28.46 9.87
C SER B 276 7.74 -27.11 9.25
N LEU B 277 7.69 -26.07 10.09
CA LEU B 277 7.41 -24.67 9.64
C LEU B 277 8.74 -23.96 9.36
N MET B 278 8.85 -23.24 8.24
CA MET B 278 10.13 -22.61 7.85
C MET B 278 9.97 -21.13 7.47
N CYS B 279 11.07 -20.40 7.51
CA CYS B 279 11.14 -19.06 6.98
C CYS B 279 11.91 -19.15 5.67
N PRO B 280 11.37 -18.55 4.61
CA PRO B 280 11.98 -18.62 3.31
C PRO B 280 13.35 -18.00 3.24
N ASN B 281 13.64 -17.09 4.15
CA ASN B 281 14.93 -16.44 4.17
C ASN B 281 15.97 -17.45 4.65
N GLU B 282 15.58 -18.23 5.66
CA GLU B 282 16.43 -19.32 6.13
C GLU B 282 16.49 -20.50 5.14
N CYS B 283 15.39 -20.69 4.39
CA CYS B 283 15.18 -21.90 3.59
C CYS B 283 14.82 -21.46 2.20
N PRO B 284 15.80 -20.94 1.45
CA PRO B 284 15.46 -20.34 0.16
C PRO B 284 15.03 -21.34 -0.89
N GLY B 285 14.10 -20.95 -1.76
CA GLY B 285 13.84 -21.65 -3.02
C GLY B 285 12.86 -22.80 -2.95
N LEU B 286 12.07 -22.85 -1.87
CA LEU B 286 11.06 -23.89 -1.75
C LEU B 286 9.96 -23.72 -2.78
N ASP B 287 9.62 -22.47 -3.15
CA ASP B 287 8.53 -22.19 -4.12
C ASP B 287 9.01 -22.26 -5.57
N GLU B 288 10.31 -22.47 -5.76
CA GLU B 288 10.92 -22.58 -7.09
C GLU B 288 11.22 -24.02 -7.48
N VAL B 289 10.71 -24.98 -6.71
CA VAL B 289 10.79 -26.39 -7.08
C VAL B 289 9.46 -27.04 -6.65
N TRP B 290 9.07 -28.11 -7.33
CA TRP B 290 7.87 -28.87 -7.01
C TRP B 290 8.29 -30.33 -7.00
N GLY B 291 7.53 -31.18 -6.37
CA GLY B 291 7.66 -32.61 -6.61
C GLY B 291 8.80 -33.26 -5.89
N GLU B 292 9.47 -34.19 -6.56
CA GLU B 292 10.64 -34.84 -5.99
C GLU B 292 11.71 -33.84 -5.56
N GLU B 293 11.85 -32.75 -6.30
CA GLU B 293 12.94 -31.81 -6.09
C GLU B 293 12.67 -30.96 -4.88
N PHE B 294 11.46 -30.43 -4.80
CA PHE B 294 10.93 -29.90 -3.56
C PHE B 294 11.06 -30.87 -2.37
N GLU B 295 10.64 -32.09 -2.57
CA GLU B 295 10.67 -33.06 -1.49
C GLU B 295 12.13 -33.21 -0.95
N LYS B 296 13.09 -33.10 -1.86
CA LYS B 296 14.47 -33.37 -1.50
C LYS B 296 15.03 -32.12 -0.78
N LEU B 297 14.63 -30.93 -1.23
CA LEU B 297 14.98 -29.67 -0.57
C LEU B 297 14.31 -29.45 0.79
N TYR B 298 13.00 -29.58 0.87
CA TYR B 298 12.31 -29.52 2.15
C TYR B 298 13.02 -30.42 3.17
N ALA B 299 13.20 -31.69 2.85
CA ALA B 299 13.80 -32.65 3.80
C ALA B 299 15.20 -32.31 4.27
N SER B 300 16.05 -31.89 3.32
CA SER B 300 17.43 -31.61 3.65
C SER B 300 17.53 -30.36 4.56
N TYR B 301 16.56 -29.45 4.46
CA TYR B 301 16.50 -28.28 5.35
C TYR B 301 16.07 -28.70 6.74
N GLU B 302 15.12 -29.65 6.83
CA GLU B 302 14.75 -30.26 8.14
C GLU B 302 15.96 -30.93 8.83
N LYS B 303 16.77 -31.65 8.05
CA LYS B 303 17.93 -32.38 8.59
C LYS B 303 19.03 -31.41 8.99
N GLN B 304 19.04 -30.27 8.30
CA GLN B 304 19.99 -29.21 8.58
C GLN B 304 19.62 -28.39 9.80
N GLY B 305 18.45 -28.63 10.38
CA GLY B 305 18.00 -27.87 11.51
C GLY B 305 17.58 -26.46 11.14
N ARG B 306 17.08 -26.26 9.93
CA ARG B 306 16.68 -24.95 9.48
C ARG B 306 15.18 -24.92 9.63
N VAL B 307 14.73 -24.89 10.87
CA VAL B 307 13.36 -25.13 11.17
C VAL B 307 12.98 -24.31 12.36
N ARG B 308 11.92 -23.52 12.22
CA ARG B 308 11.51 -22.56 13.23
C ARG B 308 10.43 -23.11 14.17
N LYS B 309 9.67 -24.08 13.71
CA LYS B 309 8.68 -24.74 14.56
C LYS B 309 8.24 -26.06 13.92
N VAL B 310 8.10 -27.10 14.75
CA VAL B 310 7.53 -28.37 14.34
C VAL B 310 6.15 -28.54 14.95
N VAL B 311 5.20 -28.91 14.09
CA VAL B 311 3.86 -29.22 14.53
C VAL B 311 3.50 -30.54 13.88
N LYS B 312 2.56 -31.23 14.48
CA LYS B 312 1.90 -32.33 13.82
C LYS B 312 1.27 -31.88 12.48
N ALA B 313 1.59 -32.53 11.37
CA ALA B 313 0.84 -32.24 10.14
C ALA B 313 -0.65 -32.06 10.46
N GLN B 314 -1.23 -32.95 11.28
CA GLN B 314 -2.68 -32.88 11.57
C GLN B 314 -3.18 -31.66 12.31
N GLN B 315 -2.34 -31.00 13.11
CA GLN B 315 -2.74 -29.78 13.81
C GLN B 315 -3.02 -28.66 12.82
N LEU B 316 -2.09 -28.52 11.88
CA LEU B 316 -2.25 -27.61 10.76
C LEU B 316 -3.48 -27.99 9.92
N TRP B 317 -3.64 -29.28 9.60
CA TRP B 317 -4.81 -29.72 8.87
C TRP B 317 -6.10 -29.28 9.56
N TYR B 318 -6.23 -29.55 10.86
CA TYR B 318 -7.44 -29.13 11.61
C TYR B 318 -7.73 -27.62 11.45
N ALA B 319 -6.68 -26.80 11.54
CA ALA B 319 -6.84 -25.33 11.40
C ALA B 319 -7.36 -24.95 10.02
N ILE B 320 -6.98 -25.75 9.01
CA ILE B 320 -7.43 -25.48 7.67
C ILE B 320 -8.91 -25.72 7.57
N ILE B 321 -9.34 -26.80 8.18
CA ILE B 321 -10.77 -27.14 8.20
C ILE B 321 -11.61 -26.17 9.01
N GLU B 322 -11.15 -25.83 10.18
CA GLU B 322 -11.77 -24.75 10.93
C GLU B 322 -12.00 -23.51 10.04
N SER B 323 -10.92 -23.08 9.36
CA SER B 323 -10.94 -21.86 8.55
C SER B 323 -12.00 -21.97 7.46
N GLN B 324 -12.11 -23.14 6.86
CA GLN B 324 -13.05 -23.35 5.78
C GLN B 324 -14.48 -23.42 6.29
N THR B 325 -14.67 -23.98 7.47
CA THR B 325 -16.01 -24.09 8.08
C THR B 325 -16.68 -22.72 8.31
N GLU B 326 -15.90 -21.66 8.48
CA GLU B 326 -16.48 -20.33 8.77
C GLU B 326 -16.52 -19.47 7.52
N THR B 327 -15.39 -19.37 6.84
CA THR B 327 -15.27 -18.52 5.66
C THR B 327 -15.44 -19.29 4.35
N GLY B 328 -15.23 -20.61 4.38
CA GLY B 328 -15.24 -21.41 3.17
C GLY B 328 -13.94 -21.31 2.39
N THR B 329 -12.87 -20.89 3.07
CA THR B 329 -11.59 -20.72 2.45
C THR B 329 -10.56 -21.23 3.46
N PRO B 330 -9.31 -21.42 3.04
CA PRO B 330 -8.69 -21.12 1.73
C PRO B 330 -8.99 -22.13 0.63
N TYR B 331 -8.84 -21.68 -0.61
CA TYR B 331 -8.94 -22.52 -1.80
C TYR B 331 -7.86 -23.58 -1.64
N MET B 332 -8.07 -24.73 -2.25
CA MET B 332 -7.17 -25.86 -2.15
C MET B 332 -6.65 -26.13 -3.53
N LEU B 333 -5.37 -25.88 -3.74
CA LEU B 333 -4.71 -26.22 -5.00
C LEU B 333 -3.59 -27.19 -4.70
N TYR B 334 -3.41 -28.17 -5.59
CA TYR B 334 -2.33 -29.11 -5.41
C TYR B 334 -1.15 -28.72 -6.38
N LYS B 335 -0.13 -28.14 -5.77
CA LYS B 335 1.05 -27.60 -6.42
C LYS B 335 1.71 -28.52 -7.36
N ASP B 336 1.90 -29.73 -6.89
CA ASP B 336 2.62 -30.74 -7.67
C ASP B 336 1.77 -31.18 -8.88
N SER B 337 0.48 -31.36 -8.68
CA SER B 337 -0.36 -31.69 -9.83
C SER B 337 -0.38 -30.54 -10.81
N CYS B 338 -0.48 -29.32 -10.29
CA CYS B 338 -0.45 -28.15 -11.17
C CYS B 338 0.81 -28.09 -12.02
N ASN B 339 1.96 -28.32 -11.40
CA ASN B 339 3.22 -28.26 -12.09
C ASN B 339 3.51 -29.51 -12.91
N ARG B 340 3.20 -30.69 -12.35
CA ARG B 340 3.42 -31.92 -13.07
C ARG B 340 2.61 -32.00 -14.36
N LYS B 341 1.52 -31.26 -14.46
CA LYS B 341 0.65 -31.47 -15.60
C LYS B 341 0.46 -30.18 -16.35
N SER B 342 1.48 -29.32 -16.33
CA SER B 342 1.43 -28.08 -17.10
C SER B 342 2.30 -28.08 -18.35
N ASN B 343 1.74 -27.57 -19.44
CA ASN B 343 2.48 -27.37 -20.65
C ASN B 343 3.51 -26.22 -20.55
N GLN B 344 3.41 -25.43 -19.49
CA GLN B 344 4.40 -24.38 -19.20
C GLN B 344 5.57 -24.81 -18.24
N GLN B 345 5.71 -26.10 -17.94
CA GLN B 345 6.75 -26.52 -17.03
C GLN B 345 8.15 -26.34 -17.59
N ASN B 346 8.33 -26.32 -18.93
CA ASN B 346 9.63 -25.84 -19.48
C ASN B 346 10.09 -24.51 -18.84
N LEU B 347 9.16 -23.60 -18.54
CA LEU B 347 9.46 -22.27 -18.01
C LEU B 347 10.01 -22.20 -16.58
N GLY B 348 9.79 -23.24 -15.78
CA GLY B 348 10.20 -23.23 -14.37
C GLY B 348 8.96 -23.53 -13.52
N THR B 349 9.11 -23.49 -12.20
CA THR B 349 8.00 -23.78 -11.28
C THR B 349 6.93 -22.70 -11.26
N ILE B 350 5.69 -23.11 -11.45
CA ILE B 350 4.49 -22.29 -11.29
C ILE B 350 4.14 -22.15 -9.79
N LYS B 351 3.94 -20.90 -9.37
CA LYS B 351 3.89 -20.52 -7.97
C LYS B 351 2.50 -20.31 -7.34
N CYS B 352 1.50 -20.08 -8.19
CA CYS B 352 0.13 -19.88 -7.75
C CYS B 352 -0.84 -20.02 -8.89
N SER B 353 -2.13 -19.96 -8.55
CA SER B 353 -3.22 -19.82 -9.53
C SER B 353 -3.76 -18.40 -9.39
N ASN B 354 -4.96 -18.20 -9.90
CA ASN B 354 -5.52 -16.82 -9.98
C ASN B 354 -6.59 -16.64 -8.95
N LEU B 355 -7.30 -15.52 -9.03
CA LEU B 355 -8.41 -15.24 -8.14
C LEU B 355 -9.38 -16.42 -8.03
N CYS B 356 -9.77 -17.01 -9.16
CA CYS B 356 -10.86 -18.01 -9.22
C CYS B 356 -10.37 -19.47 -9.41
N THR B 357 -9.09 -19.69 -9.20
CA THR B 357 -8.50 -21.03 -9.10
C THR B 357 -8.52 -21.86 -10.36
N GLU B 358 -8.83 -21.29 -11.51
CA GLU B 358 -8.83 -22.08 -12.72
C GLU B 358 -7.60 -21.88 -13.69
N ILE B 359 -6.78 -20.84 -13.50
CA ILE B 359 -5.61 -20.76 -14.36
CA ILE B 359 -5.59 -20.65 -14.33
C ILE B 359 -4.34 -21.10 -13.60
N VAL B 360 -3.47 -21.82 -14.30
CA VAL B 360 -2.20 -22.24 -13.77
C VAL B 360 -1.18 -21.80 -14.83
N GLU B 361 -0.51 -20.69 -14.54
CA GLU B 361 0.42 -20.07 -15.48
C GLU B 361 1.63 -19.63 -14.74
N TYR B 362 2.77 -19.73 -15.41
CA TYR B 362 4.06 -19.34 -14.87
C TYR B 362 4.14 -17.86 -14.58
N THR B 363 4.68 -17.53 -13.44
CA THR B 363 4.95 -16.15 -13.12
C THR B 363 6.44 -16.07 -12.76
N SER B 364 7.00 -14.88 -12.89
CA SER B 364 8.36 -14.58 -12.41
C SER B 364 8.45 -13.10 -12.15
N LYS B 365 9.64 -12.71 -11.73
CA LYS B 365 9.95 -11.33 -11.44
C LYS B 365 9.78 -10.45 -12.65
N ASP B 366 9.94 -10.99 -13.85
CA ASP B 366 9.71 -10.15 -15.05
C ASP B 366 8.39 -10.42 -15.73
N GLU B 367 7.64 -11.39 -15.26
CA GLU B 367 6.42 -11.81 -15.93
C GLU B 367 5.21 -11.92 -15.00
N VAL B 368 4.16 -11.21 -15.38
CA VAL B 368 2.88 -11.24 -14.74
C VAL B 368 1.95 -11.91 -15.72
N ALA B 369 1.50 -13.11 -15.42
CA ALA B 369 0.73 -13.89 -16.41
C ALA B 369 -0.68 -13.30 -16.50
N VAL B 370 -1.28 -13.46 -17.66
CA VAL B 370 -2.58 -12.89 -17.95
C VAL B 370 -3.42 -13.98 -18.59
N CYS B 371 -4.71 -14.03 -18.30
CA CYS B 371 -5.58 -14.83 -19.14
C CYS B 371 -6.84 -14.10 -19.65
N ASN B 372 -7.05 -14.25 -20.96
CA ASN B 372 -8.26 -13.87 -21.67
C ASN B 372 -9.23 -15.06 -21.76
N LEU B 373 -10.48 -14.81 -21.39
CA LEU B 373 -11.47 -15.85 -20.99
C LEU B 373 -12.75 -15.84 -21.87
N ALA B 374 -13.29 -16.99 -22.16
CA ALA B 374 -14.53 -17.06 -22.92
C ALA B 374 -15.20 -18.36 -22.54
N SER B 375 -16.52 -18.41 -22.67
CA SER B 375 -17.23 -19.59 -22.25
C SER B 375 -18.15 -20.11 -23.34
N LEU B 376 -18.09 -21.42 -23.58
CA LEU B 376 -19.02 -22.07 -24.48
C LEU B 376 -20.33 -22.42 -23.72
N ALA B 377 -21.47 -22.08 -24.34
CA ALA B 377 -22.83 -22.33 -23.78
C ALA B 377 -23.29 -23.77 -24.13
N LEU B 378 -22.96 -24.74 -23.29
CA LEU B 378 -23.06 -26.14 -23.70
C LEU B 378 -24.50 -26.63 -24.02
N ASN B 379 -25.51 -26.03 -23.37
CA ASN B 379 -26.90 -26.16 -23.75
C ASN B 379 -27.21 -26.07 -25.25
N MET B 380 -26.51 -25.17 -25.93
CA MET B 380 -26.80 -24.91 -27.32
C MET B 380 -26.54 -26.07 -28.26
N TYR B 381 -25.80 -27.05 -27.80
CA TYR B 381 -25.22 -28.03 -28.69
C TYR B 381 -26.03 -29.33 -28.68
N VAL B 382 -27.09 -29.33 -27.86
CA VAL B 382 -28.05 -30.42 -27.84
C VAL B 382 -29.05 -30.20 -28.96
N THR B 383 -29.22 -31.23 -29.78
CA THR B 383 -30.14 -31.21 -30.88
C THR B 383 -31.52 -31.65 -30.39
N SER B 384 -32.52 -31.42 -31.25
CA SER B 384 -33.91 -31.80 -31.00
C SER B 384 -34.06 -33.29 -30.88
N GLU B 385 -33.08 -34.02 -31.42
CA GLU B 385 -33.03 -35.47 -31.29
C GLU B 385 -32.57 -36.03 -29.92
N HIS B 386 -32.24 -35.17 -28.98
CA HIS B 386 -31.59 -35.60 -27.76
C HIS B 386 -30.25 -36.26 -28.03
N THR B 387 -29.53 -35.80 -29.05
CA THR B 387 -28.09 -36.12 -29.23
C THR B 387 -27.22 -34.89 -28.98
N TYR B 388 -25.94 -35.08 -28.63
CA TYR B 388 -25.00 -33.96 -28.49
C TYR B 388 -24.22 -33.69 -29.79
N ASP B 389 -24.19 -32.41 -30.23
CA ASP B 389 -23.60 -32.04 -31.56
C ASP B 389 -22.10 -31.69 -31.43
N PHE B 390 -21.26 -32.70 -31.32
CA PHE B 390 -19.82 -32.50 -31.02
C PHE B 390 -19.08 -31.74 -32.19
N LYS B 391 -19.55 -31.91 -33.42
CA LYS B 391 -18.92 -31.22 -34.54
C LYS B 391 -19.18 -29.72 -34.46
N LYS B 392 -20.32 -29.32 -33.88
CA LYS B 392 -20.67 -27.88 -33.80
C LYS B 392 -19.89 -27.27 -32.63
N LEU B 393 -19.80 -28.01 -31.53
CA LEU B 393 -18.93 -27.61 -30.42
C LEU B 393 -17.49 -27.30 -30.93
N ALA B 394 -16.91 -28.23 -31.66
CA ALA B 394 -15.56 -28.06 -32.18
C ALA B 394 -15.45 -26.83 -33.08
N GLU B 395 -16.39 -26.66 -34.02
CA GLU B 395 -16.35 -25.55 -34.97
C GLU B 395 -16.38 -24.17 -34.26
N VAL B 396 -17.17 -24.07 -33.19
CA VAL B 396 -17.34 -22.84 -32.42
C VAL B 396 -16.12 -22.59 -31.52
N THR B 397 -15.60 -23.64 -30.88
CA THR B 397 -14.35 -23.54 -30.13
C THR B 397 -13.23 -22.98 -30.99
N LYS B 398 -13.13 -23.39 -32.26
CA LYS B 398 -12.08 -22.83 -33.12
C LYS B 398 -12.19 -21.29 -33.22
N VAL B 399 -13.41 -20.76 -33.42
CA VAL B 399 -13.64 -19.35 -33.56
C VAL B 399 -13.17 -18.64 -32.31
N VAL B 400 -13.70 -19.07 -31.17
CA VAL B 400 -13.29 -18.60 -29.88
C VAL B 400 -11.78 -18.56 -29.67
N VAL B 401 -11.11 -19.68 -29.88
CA VAL B 401 -9.65 -19.70 -29.90
C VAL B 401 -9.08 -18.55 -30.69
N ARG B 402 -9.54 -18.38 -31.91
CA ARG B 402 -9.07 -17.28 -32.76
C ARG B 402 -9.34 -15.90 -32.17
N ASN B 403 -10.49 -15.74 -31.53
CA ASN B 403 -10.81 -14.43 -30.95
C ASN B 403 -9.84 -14.07 -29.82
N LEU B 404 -9.59 -15.05 -28.96
CA LEU B 404 -8.81 -14.79 -27.77
C LEU B 404 -7.33 -14.60 -28.19
N ASN B 405 -6.95 -15.19 -29.31
CA ASN B 405 -5.60 -15.00 -29.84
C ASN B 405 -5.43 -13.58 -30.41
N LYS B 406 -6.42 -13.07 -31.15
CA LYS B 406 -6.43 -11.67 -31.56
C LYS B 406 -6.37 -10.74 -30.37
N ILE B 407 -7.14 -11.06 -29.32
CA ILE B 407 -7.23 -10.23 -28.11
C ILE B 407 -5.89 -10.08 -27.43
N ILE B 408 -5.09 -11.14 -27.43
CA ILE B 408 -3.74 -11.07 -26.87
C ILE B 408 -3.02 -9.87 -27.52
N ASP B 409 -3.24 -9.69 -28.82
CA ASP B 409 -2.47 -8.69 -29.59
C ASP B 409 -2.99 -7.26 -29.57
N ILE B 410 -4.16 -7.04 -28.98
CA ILE B 410 -4.72 -5.70 -29.00
C ILE B 410 -5.03 -5.19 -27.61
N ASN B 411 -4.84 -6.06 -26.62
CA ASN B 411 -5.16 -5.75 -25.24
C ASN B 411 -4.23 -4.69 -24.65
N TYR B 412 -4.78 -3.84 -23.79
CA TYR B 412 -4.07 -2.83 -23.07
C TYR B 412 -3.69 -3.46 -21.75
N TYR B 413 -2.43 -3.80 -21.60
CA TYR B 413 -1.91 -4.40 -20.38
C TYR B 413 -1.51 -3.32 -19.38
N PRO B 414 -2.00 -3.40 -18.14
CA PRO B 414 -1.72 -2.34 -17.18
C PRO B 414 -0.30 -2.35 -16.62
N VAL B 415 0.42 -3.46 -16.75
CA VAL B 415 1.79 -3.50 -16.31
C VAL B 415 2.60 -4.21 -17.38
N PRO B 416 3.79 -3.67 -17.70
CA PRO B 416 4.59 -4.24 -18.79
C PRO B 416 4.96 -5.71 -18.61
N GLU B 417 4.97 -6.22 -17.37
CA GLU B 417 5.27 -7.63 -17.13
C GLU B 417 4.15 -8.54 -17.65
N ALA B 418 2.93 -8.02 -17.77
CA ALA B 418 1.80 -8.78 -18.39
C ALA B 418 1.96 -8.82 -19.88
N CYS B 419 2.20 -7.66 -20.46
CA CYS B 419 2.51 -7.60 -21.88
C CYS B 419 3.61 -8.60 -22.24
N LEU B 420 4.73 -8.56 -21.55
CA LEU B 420 5.83 -9.50 -21.82
C LEU B 420 5.36 -10.96 -21.76
N SER B 421 4.65 -11.28 -20.67
CA SER B 421 4.17 -12.61 -20.40
C SER B 421 3.23 -13.13 -21.48
N ASN B 422 2.27 -12.32 -21.88
CA ASN B 422 1.24 -12.84 -22.74
C ASN B 422 1.75 -13.00 -24.16
N LYS B 423 2.65 -12.12 -24.55
CA LYS B 423 3.21 -12.16 -25.87
C LYS B 423 4.23 -13.29 -26.00
N ARG B 424 4.87 -13.66 -24.91
CA ARG B 424 5.84 -14.72 -24.96
C ARG B 424 5.21 -16.12 -25.04
N HIS B 425 4.14 -16.34 -24.26
CA HIS B 425 3.51 -17.68 -24.13
C HIS B 425 2.08 -17.81 -24.64
N ARG B 426 1.36 -16.69 -24.86
CA ARG B 426 0.01 -16.72 -25.50
C ARG B 426 -0.98 -17.73 -24.90
N PRO B 427 -1.04 -17.77 -23.58
CA PRO B 427 -2.05 -18.65 -22.99
C PRO B 427 -3.47 -18.05 -23.18
N ILE B 428 -4.43 -18.89 -23.57
CA ILE B 428 -5.85 -18.54 -23.47
C ILE B 428 -6.59 -19.44 -22.47
N GLY B 429 -7.80 -19.04 -22.15
CA GLY B 429 -8.65 -19.79 -21.23
C GLY B 429 -10.05 -19.94 -21.78
N ILE B 430 -10.38 -21.07 -22.44
CA ILE B 430 -11.74 -21.31 -22.89
C ILE B 430 -12.49 -22.12 -21.81
N GLY B 431 -13.70 -21.71 -21.48
CA GLY B 431 -14.46 -22.33 -20.36
C GLY B 431 -15.87 -22.66 -20.83
N VAL B 432 -16.76 -22.97 -19.91
CA VAL B 432 -18.07 -23.41 -20.30
C VAL B 432 -19.07 -22.91 -19.33
N GLN B 433 -20.32 -22.89 -19.75
CA GLN B 433 -21.42 -22.77 -18.80
C GLN B 433 -22.46 -23.68 -19.35
N GLY B 434 -23.46 -24.02 -18.53
CA GLY B 434 -24.60 -24.76 -19.01
C GLY B 434 -24.37 -26.24 -19.09
N LEU B 435 -23.25 -26.71 -18.52
CA LEU B 435 -23.05 -28.14 -18.32
C LEU B 435 -24.27 -28.82 -17.69
N ALA B 436 -24.76 -28.37 -16.51
CA ALA B 436 -26.02 -28.94 -15.95
C ALA B 436 -27.16 -28.87 -16.95
N ASP B 437 -27.32 -27.75 -17.66
CA ASP B 437 -28.44 -27.68 -18.61
C ASP B 437 -28.29 -28.66 -19.80
N ALA B 438 -27.06 -28.99 -20.17
CA ALA B 438 -26.84 -29.88 -21.30
C ALA B 438 -27.25 -31.27 -20.88
N PHE B 439 -26.87 -31.68 -19.68
CA PHE B 439 -27.30 -32.98 -19.17
C PHE B 439 -28.83 -33.04 -19.13
N ILE B 440 -29.44 -32.00 -18.60
CA ILE B 440 -30.89 -31.98 -18.49
C ILE B 440 -31.54 -32.03 -19.87
N LEU B 441 -31.05 -31.25 -20.81
CA LEU B 441 -31.52 -31.32 -22.18
C LEU B 441 -31.45 -32.72 -22.77
N MET B 442 -30.40 -33.48 -22.43
CA MET B 442 -30.23 -34.82 -22.97
C MET B 442 -30.93 -35.85 -22.12
N ARG B 443 -31.56 -35.43 -21.02
CA ARG B 443 -32.34 -36.28 -20.13
C ARG B 443 -31.46 -37.20 -19.30
N TYR B 444 -30.23 -36.79 -19.04
CA TYR B 444 -29.29 -37.59 -18.24
C TYR B 444 -29.18 -37.05 -16.79
N PRO B 445 -29.45 -37.86 -15.79
CA PRO B 445 -29.12 -37.22 -14.50
C PRO B 445 -27.62 -36.88 -14.38
N PHE B 446 -27.31 -35.85 -13.58
CA PHE B 446 -25.92 -35.44 -13.41
C PHE B 446 -24.99 -36.64 -13.09
N GLU B 447 -25.43 -37.52 -12.19
CA GLU B 447 -24.61 -38.63 -11.72
C GLU B 447 -24.68 -39.91 -12.53
N SER B 448 -25.56 -39.94 -13.53
CA SER B 448 -25.64 -41.10 -14.41
C SER B 448 -24.35 -41.31 -15.16
N ALA B 449 -24.12 -42.55 -15.57
CA ALA B 449 -22.98 -42.93 -16.35
C ALA B 449 -23.08 -42.27 -17.75
N GLU B 450 -24.32 -42.04 -18.21
CA GLU B 450 -24.56 -41.32 -19.46
C GLU B 450 -24.05 -39.90 -19.39
N ALA B 451 -24.30 -39.24 -18.25
CA ALA B 451 -23.75 -37.89 -18.00
C ALA B 451 -22.24 -37.92 -17.92
N GLN B 452 -21.69 -38.99 -17.36
CA GLN B 452 -20.25 -39.09 -17.21
C GLN B 452 -19.51 -39.20 -18.56
N LEU B 453 -20.10 -39.92 -19.48
CA LEU B 453 -19.49 -40.03 -20.80
C LEU B 453 -19.64 -38.68 -21.49
N LEU B 454 -20.83 -38.12 -21.45
CA LEU B 454 -21.03 -36.82 -22.10
C LEU B 454 -20.01 -35.77 -21.56
N ASN B 455 -19.92 -35.69 -20.24
CA ASN B 455 -18.84 -34.92 -19.59
C ASN B 455 -17.48 -35.06 -20.29
N LYS B 456 -17.02 -36.30 -20.47
CA LYS B 456 -15.71 -36.53 -21.01
C LYS B 456 -15.65 -36.09 -22.45
N GLN B 457 -16.67 -36.46 -23.19
CA GLN B 457 -16.68 -36.23 -24.60
C GLN B 457 -16.84 -34.76 -24.93
N ILE B 458 -17.56 -34.05 -24.08
CA ILE B 458 -17.69 -32.60 -24.25
C ILE B 458 -16.34 -31.99 -24.17
N PHE B 459 -15.61 -32.39 -23.14
CA PHE B 459 -14.33 -31.72 -22.94
C PHE B 459 -13.24 -32.24 -23.86
N GLU B 460 -13.38 -33.48 -24.32
CA GLU B 460 -12.50 -34.05 -25.31
C GLU B 460 -12.62 -33.19 -26.55
N THR B 461 -13.87 -33.02 -26.99
CA THR B 461 -14.19 -32.16 -28.09
C THR B 461 -13.64 -30.73 -27.94
N ILE B 462 -13.91 -30.06 -26.84
CA ILE B 462 -13.41 -28.68 -26.76
C ILE B 462 -11.87 -28.60 -26.99
N TYR B 463 -11.15 -29.63 -26.51
CA TYR B 463 -9.71 -29.61 -26.47
C TYR B 463 -9.16 -29.82 -27.86
N TYR B 464 -9.67 -30.84 -28.54
CA TYR B 464 -9.34 -31.12 -29.94
C TYR B 464 -9.58 -29.92 -30.78
N GLY B 465 -10.78 -29.34 -30.60
CA GLY B 465 -11.16 -28.12 -31.28
C GLY B 465 -10.13 -27.04 -31.01
N ALA B 466 -9.82 -26.82 -29.75
CA ALA B 466 -8.93 -25.71 -29.41
C ALA B 466 -7.51 -25.93 -30.00
N LEU B 467 -7.07 -27.17 -29.99
CA LEU B 467 -5.75 -27.52 -30.44
C LEU B 467 -5.66 -27.35 -31.93
N GLU B 468 -6.64 -27.87 -32.64
CA GLU B 468 -6.69 -27.72 -34.08
C GLU B 468 -6.76 -26.26 -34.51
N ALA B 469 -7.48 -25.42 -33.76
CA ALA B 469 -7.41 -23.99 -34.07
C ALA B 469 -6.03 -23.44 -33.82
N SER B 470 -5.45 -23.75 -32.67
CA SER B 470 -4.16 -23.16 -32.34
C SER B 470 -3.03 -23.64 -33.29
N CYS B 471 -3.19 -24.83 -33.85
CA CYS B 471 -2.25 -25.42 -34.76
C CYS B 471 -2.36 -24.64 -36.08
N ASP B 472 -3.59 -24.48 -36.56
CA ASP B 472 -3.82 -23.68 -37.74
C ASP B 472 -3.22 -22.30 -37.52
N LEU B 473 -3.43 -21.71 -36.35
CA LEU B 473 -2.77 -20.41 -36.06
C LEU B 473 -1.24 -20.49 -36.14
N ALA B 474 -0.66 -21.58 -35.65
CA ALA B 474 0.79 -21.80 -35.75
C ALA B 474 1.26 -22.00 -37.19
N LYS B 475 0.44 -22.63 -38.01
CA LYS B 475 0.72 -22.77 -39.42
C LYS B 475 0.83 -21.39 -40.04
N GLU B 476 -0.12 -20.52 -39.69
CA GLU B 476 -0.23 -19.16 -40.22
C GLU B 476 0.86 -18.18 -39.73
N GLN B 477 1.10 -18.17 -38.42
CA GLN B 477 1.82 -17.09 -37.73
C GLN B 477 3.14 -17.52 -37.10
N GLY B 478 3.40 -18.82 -37.02
CA GLY B 478 4.50 -19.37 -36.24
C GLY B 478 4.02 -19.81 -34.84
N PRO B 479 4.72 -20.82 -34.25
CA PRO B 479 4.36 -21.20 -32.89
C PRO B 479 4.71 -20.07 -31.91
N TYR B 480 4.25 -20.21 -30.67
CA TYR B 480 4.58 -19.23 -29.64
C TYR B 480 6.06 -19.35 -29.24
N GLU B 481 6.57 -18.24 -28.72
CA GLU B 481 7.98 -18.02 -28.49
C GLU B 481 8.68 -19.18 -27.78
N THR B 482 8.04 -19.68 -26.73
CA THR B 482 8.64 -20.65 -25.83
C THR B 482 8.11 -22.06 -26.02
N TYR B 483 7.60 -22.32 -27.21
CA TYR B 483 6.94 -23.56 -27.48
C TYR B 483 7.92 -24.74 -27.51
N GLU B 484 9.09 -24.55 -28.08
CA GLU B 484 10.06 -25.65 -28.24
C GLU B 484 10.60 -26.13 -26.88
N GLY B 485 10.55 -27.43 -26.63
CA GLY B 485 10.89 -27.94 -25.28
C GLY B 485 9.67 -28.11 -24.39
N SER B 486 8.53 -27.55 -24.81
CA SER B 486 7.29 -27.82 -24.08
C SER B 486 6.85 -29.26 -24.33
N PRO B 487 6.01 -29.81 -23.41
CA PRO B 487 5.47 -31.15 -23.60
C PRO B 487 4.72 -31.33 -24.91
N VAL B 488 3.97 -30.31 -25.28
CA VAL B 488 3.23 -30.39 -26.50
C VAL B 488 4.23 -30.58 -27.67
N SER B 489 5.42 -29.97 -27.58
CA SER B 489 6.43 -30.12 -28.66
C SER B 489 7.10 -31.50 -28.69
N LYS B 490 6.87 -32.29 -27.65
CA LYS B 490 7.41 -33.62 -27.56
C LYS B 490 6.33 -34.64 -27.81
N GLY B 491 5.20 -34.20 -28.36
CA GLY B 491 4.05 -35.04 -28.56
C GLY B 491 3.19 -35.36 -27.33
N ILE B 492 3.36 -34.62 -26.24
CA ILE B 492 2.65 -34.93 -24.97
C ILE B 492 1.50 -33.95 -24.74
N LEU B 493 0.28 -34.40 -24.92
CA LEU B 493 -0.90 -33.53 -24.73
C LEU B 493 -1.41 -33.70 -23.26
N GLN B 494 -2.42 -32.95 -22.85
CA GLN B 494 -2.85 -32.96 -21.44
C GLN B 494 -3.18 -34.35 -20.92
N TYR B 495 -4.00 -35.05 -21.64
CA TYR B 495 -4.40 -36.38 -21.27
C TYR B 495 -3.29 -37.41 -21.11
N ASP B 496 -2.21 -37.31 -21.90
CA ASP B 496 -1.06 -38.18 -21.71
C ASP B 496 -0.56 -37.97 -20.30
N MET B 497 -0.53 -36.71 -19.87
CA MET B 497 0.03 -36.38 -18.55
C MET B 497 -0.82 -36.94 -17.38
N TRP B 498 -2.07 -37.30 -17.67
CA TRP B 498 -2.90 -37.99 -16.66
C TRP B 498 -2.93 -39.50 -16.92
N ASN B 499 -2.21 -39.95 -17.96
CA ASN B 499 -2.22 -41.37 -18.40
C ASN B 499 -3.63 -41.82 -18.72
N VAL B 500 -4.33 -41.00 -19.48
CA VAL B 500 -5.70 -41.30 -19.87
C VAL B 500 -5.69 -41.50 -21.36
N THR B 501 -6.44 -42.48 -21.81
CA THR B 501 -6.55 -42.73 -23.22
C THR B 501 -7.88 -42.16 -23.59
N PRO B 502 -7.94 -41.28 -24.58
CA PRO B 502 -9.23 -40.64 -24.99
C PRO B 502 -10.22 -41.66 -25.54
N THR B 503 -11.51 -41.34 -25.54
CA THR B 503 -12.49 -42.22 -26.17
C THR B 503 -12.23 -42.19 -27.63
N ASP B 504 -12.99 -42.99 -28.39
CA ASP B 504 -12.80 -43.05 -29.85
C ASP B 504 -13.49 -41.93 -30.64
N LEU B 505 -14.14 -41.00 -29.92
CA LEU B 505 -14.89 -39.91 -30.57
C LEU B 505 -14.10 -39.06 -31.56
N TRP B 506 -12.86 -38.70 -31.25
CA TRP B 506 -12.05 -37.87 -32.14
C TRP B 506 -10.78 -38.57 -32.52
N ASP B 507 -10.25 -38.25 -33.70
CA ASP B 507 -8.96 -38.82 -34.16
C ASP B 507 -7.75 -38.01 -33.68
N TRP B 508 -7.24 -38.34 -32.51
CA TRP B 508 -6.12 -37.62 -31.96
C TRP B 508 -4.83 -37.86 -32.70
N LYS B 509 -4.70 -39.02 -33.36
CA LYS B 509 -3.51 -39.29 -34.15
C LYS B 509 -3.27 -38.21 -35.19
N VAL B 510 -4.28 -37.93 -35.99
CA VAL B 510 -4.20 -36.96 -37.09
C VAL B 510 -3.80 -35.60 -36.54
N LEU B 511 -4.42 -35.24 -35.43
CA LEU B 511 -4.17 -33.95 -34.82
C LEU B 511 -2.73 -33.84 -34.35
N LYS B 512 -2.16 -34.92 -33.82
CA LYS B 512 -0.77 -34.90 -33.40
C LYS B 512 0.19 -34.83 -34.61
N GLU B 513 -0.20 -35.40 -35.76
CA GLU B 513 0.62 -35.28 -36.98
C GLU B 513 0.73 -33.79 -37.26
N LYS B 514 -0.43 -33.12 -37.30
CA LYS B 514 -0.49 -31.68 -37.60
C LYS B 514 0.35 -30.91 -36.60
N ILE B 515 0.26 -31.28 -35.33
CA ILE B 515 0.98 -30.51 -34.32
C ILE B 515 2.47 -30.80 -34.41
N ALA B 516 2.85 -32.06 -34.56
CA ALA B 516 4.25 -32.40 -34.74
C ALA B 516 4.89 -31.59 -35.91
N LYS B 517 4.07 -31.18 -36.89
CA LYS B 517 4.53 -30.44 -38.10
C LYS B 517 4.59 -28.92 -37.93
N TYR B 518 3.54 -28.32 -37.33
CA TYR B 518 3.43 -26.85 -37.25
C TYR B 518 3.47 -26.33 -35.82
N GLY B 519 3.48 -27.24 -34.85
CA GLY B 519 3.28 -26.85 -33.47
C GLY B 519 1.99 -26.09 -33.23
N ILE B 520 2.02 -25.25 -32.21
CA ILE B 520 0.82 -24.66 -31.66
C ILE B 520 1.07 -23.20 -31.29
N ARG B 521 0.05 -22.36 -31.46
CA ARG B 521 0.15 -20.90 -31.22
C ARG B 521 -0.02 -20.49 -29.77
N ASN B 522 -0.71 -21.29 -28.97
CA ASN B 522 -1.01 -20.92 -27.58
C ASN B 522 -0.53 -22.01 -26.64
N SER B 523 0.18 -21.65 -25.56
CA SER B 523 0.75 -22.61 -24.63
C SER B 523 -0.27 -23.27 -23.71
N LEU B 524 -1.38 -22.58 -23.50
CA LEU B 524 -2.52 -23.16 -22.80
C LEU B 524 -3.80 -22.69 -23.46
N LEU B 525 -4.82 -23.54 -23.46
CA LEU B 525 -6.11 -23.27 -24.14
C LEU B 525 -7.39 -23.26 -23.23
N ILE B 526 -7.48 -24.17 -22.27
CA ILE B 526 -8.77 -24.47 -21.66
C ILE B 526 -8.79 -24.27 -20.18
N ALA B 527 -9.89 -23.70 -19.67
CA ALA B 527 -9.95 -23.32 -18.24
C ALA B 527 -11.36 -22.95 -17.66
N PRO B 528 -12.11 -23.94 -17.23
CA PRO B 528 -13.47 -23.60 -16.83
C PRO B 528 -13.50 -22.64 -15.66
N MET B 529 -13.95 -21.41 -15.93
CA MET B 529 -14.04 -20.33 -14.96
C MET B 529 -15.45 -20.30 -14.36
N PRO B 530 -15.68 -19.50 -13.32
CA PRO B 530 -16.97 -19.54 -12.61
C PRO B 530 -18.20 -19.09 -13.39
N THR B 531 -18.04 -18.15 -14.34
CA THR B 531 -19.16 -17.57 -15.13
C THR B 531 -20.33 -17.00 -14.28
N ALA B 532 -20.06 -16.37 -13.15
CA ALA B 532 -21.17 -15.85 -12.31
C ALA B 532 -22.09 -14.86 -13.06
N SER B 533 -21.52 -13.93 -13.83
CA SER B 533 -22.33 -12.91 -14.53
C SER B 533 -22.88 -13.37 -15.88
N THR B 534 -22.00 -13.86 -16.76
CA THR B 534 -22.43 -14.22 -18.10
C THR B 534 -23.46 -15.38 -18.12
N ALA B 535 -23.37 -16.31 -17.17
CA ALA B 535 -24.39 -17.36 -17.07
C ALA B 535 -25.77 -16.75 -16.73
N GLN B 536 -25.80 -15.85 -15.78
CA GLN B 536 -27.02 -15.07 -15.46
C GLN B 536 -27.57 -14.34 -16.70
N ILE B 537 -26.67 -13.73 -17.49
CA ILE B 537 -27.09 -13.06 -18.72
C ILE B 537 -27.69 -14.07 -19.68
N LEU B 538 -27.01 -15.19 -19.89
CA LEU B 538 -27.41 -16.14 -20.93
C LEU B 538 -28.51 -17.08 -20.47
N GLY B 539 -28.86 -17.00 -19.18
CA GLY B 539 -29.86 -17.89 -18.60
C GLY B 539 -29.42 -19.36 -18.48
N ASN B 540 -28.18 -19.59 -18.14
CA ASN B 540 -27.67 -20.94 -18.04
C ASN B 540 -27.17 -21.14 -16.63
N ASN B 541 -27.12 -22.39 -16.18
CA ASN B 541 -26.49 -22.70 -14.92
C ASN B 541 -24.99 -22.38 -15.03
N GLU B 542 -24.38 -22.06 -13.90
CA GLU B 542 -22.98 -21.67 -13.91
C GLU B 542 -22.05 -22.85 -14.27
N SER B 543 -21.20 -22.57 -15.24
CA SER B 543 -19.98 -23.28 -15.44
C SER B 543 -20.17 -24.78 -15.57
N ILE B 544 -19.45 -25.49 -14.73
CA ILE B 544 -19.42 -26.91 -14.63
C ILE B 544 -20.24 -27.43 -13.45
N GLU B 545 -20.96 -26.55 -12.76
CA GLU B 545 -21.66 -26.92 -11.51
C GLU B 545 -22.94 -27.67 -11.78
N PRO B 546 -23.28 -28.61 -10.89
CA PRO B 546 -24.60 -29.14 -10.97
C PRO B 546 -25.65 -28.09 -10.74
N TYR B 547 -26.85 -28.49 -11.05
CA TYR B 547 -28.06 -27.73 -10.87
C TYR B 547 -28.12 -27.21 -9.44
N THR B 548 -28.25 -25.91 -9.32
CA THR B 548 -28.08 -25.22 -8.05
C THR B 548 -29.44 -25.17 -7.29
N SER B 549 -30.52 -24.94 -8.04
CA SER B 549 -31.87 -24.97 -7.51
C SER B 549 -32.87 -25.00 -8.65
N ASN B 550 -34.11 -25.39 -8.33
CA ASN B 550 -35.18 -25.35 -9.32
C ASN B 550 -35.89 -24.00 -9.41
N ILE B 551 -35.63 -23.10 -8.45
CA ILE B 551 -36.17 -21.72 -8.45
C ILE B 551 -35.02 -20.71 -8.47
N TYR B 552 -35.19 -19.57 -9.17
CA TYR B 552 -34.12 -18.55 -9.27
C TYR B 552 -34.50 -17.30 -8.52
N GLN B 562 -39.75 -14.53 -8.73
CA GLN B 562 -39.67 -15.98 -8.52
C GLN B 562 -39.85 -16.74 -9.84
N ILE B 563 -38.76 -17.25 -10.42
CA ILE B 563 -38.82 -17.90 -11.75
C ILE B 563 -38.46 -19.40 -11.66
N VAL B 564 -39.42 -20.26 -11.96
CA VAL B 564 -39.17 -21.68 -11.94
C VAL B 564 -38.25 -22.02 -13.10
N ASN B 565 -37.27 -22.90 -12.86
CA ASN B 565 -36.36 -23.26 -13.92
C ASN B 565 -37.10 -23.52 -15.23
N PRO B 566 -36.67 -22.85 -16.32
CA PRO B 566 -37.24 -23.02 -17.67
C PRO B 566 -37.39 -24.45 -18.14
N HIS B 567 -36.48 -25.33 -17.74
CA HIS B 567 -36.53 -26.73 -18.19
C HIS B 567 -37.54 -27.57 -17.41
N LEU B 568 -37.59 -27.42 -16.08
CA LEU B 568 -38.62 -28.14 -15.30
C LEU B 568 -40.02 -27.69 -15.72
N LEU B 569 -40.19 -26.37 -15.74
CA LEU B 569 -41.41 -25.76 -16.22
C LEU B 569 -41.81 -26.46 -17.49
N LYS B 570 -40.93 -26.41 -18.49
CA LYS B 570 -41.27 -26.93 -19.82
C LYS B 570 -41.62 -28.40 -19.72
N ASP B 571 -40.76 -29.17 -19.06
CA ASP B 571 -40.96 -30.59 -18.99
C ASP B 571 -42.28 -30.96 -18.33
N LEU B 572 -42.68 -30.21 -17.31
CA LEU B 572 -43.92 -30.48 -16.58
C LEU B 572 -45.10 -30.07 -17.40
N THR B 573 -45.12 -28.83 -17.86
CA THR B 573 -46.20 -28.35 -18.69
C THR B 573 -46.46 -29.35 -19.81
N GLU B 574 -45.41 -29.79 -20.50
CA GLU B 574 -45.59 -30.66 -21.67
C GLU B 574 -46.30 -31.96 -21.35
N ARG B 575 -46.02 -32.51 -20.18
CA ARG B 575 -46.64 -33.75 -19.73
C ARG B 575 -47.99 -33.49 -19.05
N GLY B 576 -48.30 -32.22 -18.80
CA GLY B 576 -49.59 -31.79 -18.26
C GLY B 576 -49.67 -31.85 -16.74
N LEU B 577 -48.52 -31.67 -16.07
CA LEU B 577 -48.43 -31.85 -14.61
C LEU B 577 -48.16 -30.55 -13.90
N TRP B 578 -48.01 -29.47 -14.65
CA TRP B 578 -47.60 -28.19 -14.05
C TRP B 578 -48.72 -27.51 -13.26
N GLU B 580 -49.44 -24.43 -10.88
CA GLU B 580 -49.23 -23.09 -10.31
C GLU B 580 -48.67 -23.15 -8.87
N GLU B 581 -49.41 -23.82 -7.98
CA GLU B 581 -49.05 -24.01 -6.55
C GLU B 581 -47.68 -24.69 -6.37
N MET B 582 -47.37 -25.63 -7.26
CA MET B 582 -46.05 -26.30 -7.33
C MET B 582 -44.88 -25.36 -6.96
N LYS B 583 -44.90 -24.19 -7.59
CA LYS B 583 -43.98 -23.11 -7.30
C LYS B 583 -43.74 -22.96 -5.81
N ASN B 584 -44.84 -22.73 -5.08
CA ASN B 584 -44.76 -22.49 -3.62
C ASN B 584 -44.15 -23.65 -2.84
N GLN B 585 -44.47 -24.88 -3.25
CA GLN B 585 -44.01 -26.10 -2.56
C GLN B 585 -42.53 -26.34 -2.82
N ILE B 586 -42.09 -26.09 -4.05
CA ILE B 586 -40.66 -26.14 -4.37
C ILE B 586 -39.86 -25.09 -3.58
N ILE B 587 -40.39 -23.85 -3.53
CA ILE B 587 -39.83 -22.80 -2.67
C ILE B 587 -39.76 -23.21 -1.19
N ALA B 588 -40.79 -23.88 -0.66
CA ALA B 588 -40.77 -24.27 0.75
C ALA B 588 -39.87 -25.51 1.00
N CYS B 589 -39.44 -26.21 -0.05
CA CYS B 589 -38.39 -27.22 0.10
C CYS B 589 -37.07 -26.72 -0.43
N ASN B 590 -36.91 -25.40 -0.51
CA ASN B 590 -35.60 -24.79 -0.64
C ASN B 590 -34.93 -25.09 -2.01
N GLY B 591 -35.70 -24.92 -3.09
CA GLY B 591 -35.26 -25.24 -4.42
C GLY B 591 -35.32 -26.71 -4.80
N SER B 592 -35.66 -27.59 -3.85
CA SER B 592 -35.77 -29.03 -4.16
C SER B 592 -37.14 -29.46 -4.72
N ILE B 593 -37.18 -30.50 -5.55
CA ILE B 593 -38.45 -31.13 -5.99
C ILE B 593 -38.61 -32.57 -5.48
N GLN B 594 -37.66 -33.06 -4.68
CA GLN B 594 -37.65 -34.50 -4.29
C GLN B 594 -38.84 -34.94 -3.43
N SER B 595 -39.57 -33.98 -2.84
CA SER B 595 -40.77 -34.33 -2.04
C SER B 595 -42.13 -33.80 -2.60
N ILE B 596 -42.16 -33.36 -3.85
CA ILE B 596 -43.44 -32.96 -4.46
C ILE B 596 -44.11 -34.22 -5.02
N PRO B 597 -45.30 -34.59 -4.48
CA PRO B 597 -46.03 -35.82 -4.88
C PRO B 597 -46.31 -35.95 -6.37
N GLU B 598 -46.67 -34.86 -7.01
CA GLU B 598 -47.17 -34.90 -8.38
C GLU B 598 -46.11 -35.20 -9.46
N ILE B 599 -44.82 -34.98 -9.15
CA ILE B 599 -43.75 -35.11 -10.19
C ILE B 599 -43.14 -36.52 -10.25
N PRO B 600 -43.12 -37.14 -11.44
CA PRO B 600 -42.61 -38.51 -11.58
C PRO B 600 -41.12 -38.67 -11.24
N ASP B 601 -40.75 -39.92 -10.91
CA ASP B 601 -39.40 -40.24 -10.46
C ASP B 601 -38.36 -39.97 -11.60
N ASP B 602 -38.77 -40.29 -12.83
CA ASP B 602 -38.30 -39.66 -14.07
C ASP B 602 -37.64 -38.29 -13.77
N LEU B 603 -38.47 -37.29 -13.57
CA LEU B 603 -38.03 -35.89 -13.41
C LEU B 603 -37.33 -35.55 -12.10
N LYS B 604 -37.51 -36.33 -11.04
CA LYS B 604 -36.81 -36.09 -9.76
C LYS B 604 -35.31 -36.33 -9.84
N GLN B 605 -34.91 -37.49 -10.37
CA GLN B 605 -33.51 -37.81 -10.67
C GLN B 605 -32.84 -36.76 -11.60
N LEU B 606 -33.59 -36.21 -12.54
CA LEU B 606 -33.03 -35.29 -13.51
C LEU B 606 -32.75 -33.93 -12.92
N TYR B 607 -33.58 -33.54 -11.96
CA TYR B 607 -33.52 -32.24 -11.35
C TYR B 607 -33.13 -32.34 -9.87
N LYS B 608 -32.39 -33.36 -9.51
CA LYS B 608 -31.67 -33.29 -8.24
C LYS B 608 -30.82 -31.98 -8.21
N THR B 609 -30.78 -31.29 -7.08
CA THR B 609 -29.94 -30.12 -6.99
C THR B 609 -28.55 -30.47 -6.47
N VAL B 610 -27.73 -29.45 -6.33
CA VAL B 610 -26.38 -29.58 -5.94
C VAL B 610 -26.26 -30.24 -4.56
N TRP B 611 -27.24 -29.95 -3.72
CA TRP B 611 -27.27 -30.40 -2.35
C TRP B 611 -27.72 -31.84 -2.24
N GLU B 612 -28.28 -32.38 -3.30
CA GLU B 612 -28.66 -33.77 -3.32
C GLU B 612 -27.74 -34.63 -4.20
N ILE B 613 -26.55 -34.12 -4.55
CA ILE B 613 -25.64 -34.81 -5.50
C ILE B 613 -24.36 -35.16 -4.77
N SER B 614 -23.87 -36.39 -4.91
CA SER B 614 -22.64 -36.83 -4.26
C SER B 614 -21.44 -35.98 -4.68
N GLN B 615 -20.71 -35.48 -3.70
CA GLN B 615 -19.56 -34.66 -4.02
C GLN B 615 -18.39 -35.50 -4.53
N LYS B 616 -18.34 -36.76 -4.12
CA LYS B 616 -17.32 -37.66 -4.63
C LYS B 616 -17.52 -37.81 -6.11
N THR B 617 -18.75 -38.05 -6.55
CA THR B 617 -18.99 -38.09 -7.99
C THR B 617 -18.57 -36.78 -8.66
N VAL B 618 -18.97 -35.64 -8.07
CA VAL B 618 -18.58 -34.32 -8.61
C VAL B 618 -17.05 -34.24 -8.85
N LEU B 619 -16.29 -34.63 -7.83
CA LEU B 619 -14.85 -34.68 -7.95
C LEU B 619 -14.38 -35.64 -9.00
N LYS B 620 -14.94 -36.85 -9.01
CA LYS B 620 -14.63 -37.81 -10.07
C LYS B 620 -14.81 -37.19 -11.46
N MET B 621 -15.92 -36.49 -11.67
CA MET B 621 -16.18 -35.93 -12.98
C MET B 621 -15.20 -34.81 -13.34
N ALA B 622 -14.77 -34.02 -12.36
CA ALA B 622 -13.77 -33.02 -12.62
C ALA B 622 -12.45 -33.63 -13.00
N ALA B 623 -12.08 -34.73 -12.34
CA ALA B 623 -10.84 -35.39 -12.72
C ALA B 623 -10.94 -35.87 -14.15
N GLU B 624 -12.09 -36.42 -14.49
CA GLU B 624 -12.29 -36.95 -15.82
C GLU B 624 -12.30 -35.91 -16.93
N ARG B 625 -12.96 -34.78 -16.73
CA ARG B 625 -12.74 -33.69 -17.67
C ARG B 625 -11.38 -33.12 -17.54
N GLY B 626 -10.87 -33.15 -16.30
CA GLY B 626 -9.52 -32.73 -15.98
C GLY B 626 -8.51 -33.15 -17.05
N ALA B 627 -8.64 -34.37 -17.58
CA ALA B 627 -7.61 -34.88 -18.42
C ALA B 627 -7.53 -34.14 -19.78
N PHE B 628 -8.53 -33.33 -20.08
CA PHE B 628 -8.66 -32.58 -21.29
C PHE B 628 -8.76 -31.10 -21.08
N ILE B 629 -8.23 -30.63 -19.94
CA ILE B 629 -8.14 -29.21 -19.52
C ILE B 629 -6.67 -28.89 -19.13
N ASP B 630 -5.98 -28.08 -19.93
CA ASP B 630 -4.55 -27.88 -19.74
C ASP B 630 -4.26 -26.91 -18.60
N GLN B 631 -5.26 -26.14 -18.18
CA GLN B 631 -5.18 -25.35 -16.98
C GLN B 631 -5.98 -26.14 -15.90
N SER B 632 -6.84 -25.50 -15.11
CA SER B 632 -7.53 -26.15 -13.96
C SER B 632 -9.00 -25.77 -13.95
N GLN B 633 -9.69 -25.99 -12.85
CA GLN B 633 -11.12 -25.64 -12.89
C GLN B 633 -11.62 -25.12 -11.62
N SER B 634 -12.38 -24.05 -11.71
CA SER B 634 -13.01 -23.44 -10.56
C SER B 634 -14.04 -24.34 -9.88
N LEU B 635 -13.60 -25.36 -9.18
CA LEU B 635 -14.50 -26.40 -8.66
C LEU B 635 -15.01 -26.10 -7.26
N ASN B 636 -16.20 -25.54 -7.12
CA ASN B 636 -16.79 -25.43 -5.79
C ASN B 636 -17.22 -26.79 -5.24
N ILE B 637 -17.34 -26.88 -3.93
CA ILE B 637 -17.84 -28.08 -3.28
C ILE B 637 -19.01 -27.69 -2.40
N HIS B 638 -20.08 -28.43 -2.55
CA HIS B 638 -21.30 -28.11 -1.84
C HIS B 638 -21.56 -29.19 -0.82
N ILE B 639 -21.41 -28.83 0.44
CA ILE B 639 -21.82 -29.70 1.55
C ILE B 639 -22.68 -28.92 2.55
N ALA B 640 -23.93 -29.36 2.65
CA ALA B 640 -24.95 -28.65 3.43
C ALA B 640 -24.50 -28.51 4.89
N GLU B 641 -24.02 -29.59 5.45
CA GLU B 641 -23.68 -29.64 6.84
C GLU B 641 -22.32 -30.27 6.96
N PRO B 642 -21.28 -29.45 6.83
CA PRO B 642 -19.93 -30.00 6.86
C PRO B 642 -19.52 -30.53 8.24
N ASN B 643 -18.65 -31.53 8.24
CA ASN B 643 -17.88 -31.85 9.43
C ASN B 643 -16.47 -32.21 9.02
N TYR B 644 -15.65 -32.46 10.02
CA TYR B 644 -14.25 -32.67 9.80
C TYR B 644 -13.97 -33.93 8.97
N GLY B 645 -14.63 -35.03 9.30
CA GLY B 645 -14.45 -36.28 8.56
C GLY B 645 -14.88 -36.12 7.12
N LYS B 646 -15.98 -35.42 6.95
CA LYS B 646 -16.61 -35.22 5.67
C LYS B 646 -15.71 -34.38 4.72
N LEU B 647 -15.26 -33.24 5.24
CA LEU B 647 -14.36 -32.36 4.47
C LEU B 647 -13.04 -33.03 4.26
N THR B 648 -12.53 -33.74 5.26
CA THR B 648 -11.25 -34.43 5.10
C THR B 648 -11.29 -35.44 3.96
N SER B 649 -12.28 -36.32 3.95
CA SER B 649 -12.31 -37.38 2.94
C SER B 649 -12.53 -36.79 1.56
N MET B 650 -13.24 -35.68 1.53
CA MET B 650 -13.44 -34.93 0.33
C MET B 650 -12.13 -34.37 -0.26
N HIS B 651 -11.29 -33.75 0.58
CA HIS B 651 -10.03 -33.17 0.14
C HIS B 651 -9.05 -34.27 -0.23
N PHE B 652 -8.95 -35.30 0.58
CA PHE B 652 -8.10 -36.42 0.16
C PHE B 652 -8.53 -37.11 -1.14
N TYR B 653 -9.82 -37.31 -1.36
CA TYR B 653 -10.27 -37.95 -2.60
C TYR B 653 -9.89 -37.08 -3.82
N GLY B 654 -10.14 -35.77 -3.74
CA GLY B 654 -9.80 -34.86 -4.80
C GLY B 654 -8.32 -34.82 -5.09
N TRP B 655 -7.53 -34.85 -4.03
CA TRP B 655 -6.09 -34.79 -4.13
C TRP B 655 -5.59 -36.05 -4.82
N LYS B 656 -5.96 -37.19 -4.27
CA LYS B 656 -5.58 -38.52 -4.83
C LYS B 656 -6.15 -38.78 -6.21
N GLN B 657 -7.17 -38.03 -6.58
CA GLN B 657 -7.75 -38.18 -7.89
C GLN B 657 -6.96 -37.40 -8.96
N GLY B 658 -5.93 -36.65 -8.56
CA GLY B 658 -5.03 -35.99 -9.48
C GLY B 658 -5.40 -34.55 -9.77
N LEU B 659 -6.45 -34.07 -9.06
CA LEU B 659 -7.00 -32.71 -9.36
C LEU B 659 -6.01 -31.58 -9.10
N LYS B 660 -6.10 -30.54 -9.93
CA LYS B 660 -5.20 -29.40 -9.84
C LYS B 660 -5.76 -28.44 -8.82
N THR B 661 -7.02 -28.18 -8.99
CA THR B 661 -7.79 -27.46 -8.00
C THR B 661 -8.65 -28.49 -7.30
N GLY B 662 -8.53 -28.57 -5.99
CA GLY B 662 -9.26 -29.58 -5.23
C GLY B 662 -10.53 -28.98 -4.68
N MET B 663 -10.48 -27.68 -4.44
CA MET B 663 -11.66 -26.95 -4.07
C MET B 663 -11.49 -25.51 -4.37
N TYR B 664 -12.53 -24.90 -4.92
CA TYR B 664 -12.61 -23.45 -4.98
C TYR B 664 -13.29 -23.04 -3.66
N TYR B 665 -14.52 -22.60 -3.65
CA TYR B 665 -15.17 -22.31 -2.37
C TYR B 665 -15.78 -23.53 -1.74
N LEU B 666 -15.72 -23.63 -0.44
CA LEU B 666 -16.61 -24.56 0.25
C LEU B 666 -17.94 -23.87 0.37
N ARG B 667 -19.01 -24.44 -0.22
CA ARG B 667 -20.38 -23.94 -0.02
C ARG B 667 -21.24 -24.86 0.86
N THR B 668 -22.04 -24.22 1.71
CA THR B 668 -22.85 -24.91 2.69
C THR B 668 -24.21 -24.23 2.83
N ARG B 669 -25.05 -24.81 3.68
CA ARG B 669 -26.39 -24.26 3.96
C ARG B 669 -26.27 -22.80 4.42
N ALA B 670 -25.34 -22.56 5.33
CA ALA B 670 -25.08 -21.24 5.85
C ALA B 670 -24.49 -20.31 4.78
N HIS B 671 -23.50 -20.80 4.03
CA HIS B 671 -22.78 -20.00 3.00
C HIS B 671 -22.39 -20.79 1.74
C1 GOL C . 16.21 15.09 19.27
O1 GOL C . 16.15 14.08 20.31
C2 GOL C . 17.60 15.62 18.90
O2 GOL C . 18.07 16.56 19.81
C3 GOL C . 17.57 16.26 17.53
O3 GOL C . 18.70 17.05 17.25
MG MG D . -4.87 10.38 -14.46
PG DTP E . -7.84 10.79 -15.08
O1G DTP E . -9.16 11.49 -14.61
O2G DTP E . -6.78 11.03 -13.90
O3G DTP E . -7.29 11.23 -16.40
PB DTP E . -7.02 8.18 -14.71
O1B DTP E . -7.35 6.88 -15.50
O2B DTP E . -5.74 8.77 -15.14
O3B DTP E . -8.22 9.20 -15.02
PA DTP E . -5.80 8.08 -12.21
O1A DTP E . -5.00 9.34 -12.77
O2A DTP E . -4.96 6.88 -12.02
O3A DTP E . -7.06 7.81 -13.23
O5' DTP E . -6.47 8.48 -10.79
C5' DTP E . -7.15 9.68 -10.76
C4' DTP E . -7.78 9.87 -9.33
O4' DTP E . -8.76 8.84 -9.18
C3' DTP E . -6.70 9.61 -8.24
O3' DTP E . -6.95 10.30 -7.02
C2' DTP E . -6.81 8.12 -7.96
C1' DTP E . -8.29 7.87 -8.21
N9 DTP E . -8.58 6.52 -8.74
C8 DTP E . -8.24 6.11 -9.95
N7 DTP E . -8.69 4.86 -10.10
C5 DTP E . -9.30 4.48 -8.97
C6 DTP E . -9.94 3.30 -8.59
N6 DTP E . -10.01 2.22 -9.43
N1 DTP E . -10.45 3.22 -7.34
C2 DTP E . -10.39 4.28 -6.55
N3 DTP E . -9.80 5.39 -6.93
C4 DTP E . -9.24 5.53 -8.13
PG DTP F . 18.37 -8.02 4.34
O1G DTP F . 18.31 -8.94 5.64
O2G DTP F . 17.20 -8.46 3.32
O3G DTP F . 19.70 -7.94 3.66
PB DTP F . 17.40 -5.46 4.08
O1B DTP F . 17.91 -4.17 4.86
O2B DTP F . 17.87 -5.61 2.67
O3B DTP F . 17.98 -6.58 5.01
PA DTP F . 14.68 -5.65 3.12
O1A DTP F . 15.36 -6.54 1.99
O2A DTP F . 14.22 -4.41 2.48
O3A DTP F . 15.80 -5.39 4.26
O5' DTP F . 13.55 -6.37 4.03
C5' DTP F . 13.68 -7.73 4.20
C4' DTP F . 12.46 -8.37 4.88
O4' DTP F . 12.21 -7.75 6.14
C3' DTP F . 11.27 -8.09 3.99
O3' DTP F . 10.35 -9.19 4.02
C2' DTP F . 10.68 -6.83 4.64
C1' DTP F . 11.07 -6.92 6.07
N9 DTP F . 11.45 -5.60 6.45
C8 DTP F . 12.49 -4.90 5.99
N7 DTP F . 12.52 -3.70 6.62
C5 DTP F . 11.51 -3.66 7.47
C6 DTP F . 11.04 -2.72 8.36
N6 DTP F . 11.64 -1.53 8.55
N1 DTP F . 9.98 -2.99 9.08
C2 DTP F . 9.36 -4.15 8.99
N3 DTP F . 9.78 -5.08 8.15
C4 DTP F . 10.85 -4.86 7.38
MG MG G . 17.25 -7.26 1.56
#